data_9R6N
#
_entry.id   9R6N
#
_cell.length_a   81.639
_cell.length_b   140.045
_cell.length_c   84.775
_cell.angle_alpha   90.00
_cell.angle_beta   93.93
_cell.angle_gamma   90.00
#
_symmetry.space_group_name_H-M   'P 1 21 1'
#
loop_
_entity.id
_entity.type
_entity.pdbx_description
1 polymer 'Retinal dehydrogenase 2'
2 non-polymer 1,2-ETHANEDIOL
3 non-polymer 3-ethyl-~{N}-(8-methyl-2-oxidanylidene-3,4-dihydro-1~{H}-quinolin-6-yl)pyridine-4-carboxamide
4 water water
#
_entity_poly.entity_id   1
_entity_poly.type   'polypeptide(L)'
_entity_poly.pdbx_seq_one_letter_code
;GSLPSPTPNLEIKYTKIFINNEWQNSESGRVFPVYNPATGEQVCEVQEADKADIDKAVQAARLAFSLGSVWRRMDASERG
RLLDKLADLVERDRAVLATMESLNGGKPFLQAFYVDLQGVIKTFRYYAGWADKIHGMTIPVDGDYFTFTRHEPIGVCGQI
IPWNFPLLMFAWKIAPALCCGNTVVIKPAEQTPLSALYMGALIKEAGFPPGVINILPGYGPTAGAAIASHIGIDKIAFTG
STEVGKLIQEAAGRSNLKRVTLELGGKSPNIIFADADLDYAVEQAHQGVFFNQGQCCTAGSRIFVEESIYEEFVRRSVER
AKRRVVGSPFDPTTEQGPQIDKKQYNKILELIQSGVAEGAKLECGGKGLGRKGFFIEPTVFSNVTDDMRIAKEEIFGPVQ
EILRFKTMDEVIERANNSDFGLVAAVFTNDINKALTVSSAMQAGTVWINCYNALNAQSPFGGFKMSGNGREMGEFGLREY
SEVKTVTVKIPQKNS
;
_entity_poly.pdbx_strand_id   A,B,C,D
#
loop_
_chem_comp.id
_chem_comp.type
_chem_comp.name
_chem_comp.formula
A1IDQ non-polymer 3-ethyl-~{N}-(8-methyl-2-oxidanylidene-3,4-dihydro-1~{H}-quinolin-6-yl)pyridine-4-carboxamide 'C18 H19 N3 O2'
EDO non-polymer 1,2-ETHANEDIOL 'C2 H6 O2'
#
# COMPACT_ATOMS: atom_id res chain seq x y z
N LEU A 3 -6.18 24.88 35.29
CA LEU A 3 -6.68 24.93 33.90
C LEU A 3 -6.25 26.25 33.24
N PRO A 4 -6.14 26.29 31.90
CA PRO A 4 -5.83 27.53 31.19
C PRO A 4 -6.98 28.52 31.31
N SER A 5 -6.67 29.80 31.14
CA SER A 5 -7.66 30.86 31.18
C SER A 5 -7.63 31.63 29.87
N PRO A 6 -8.75 32.27 29.46
CA PRO A 6 -8.75 33.13 28.28
C PRO A 6 -7.67 34.20 28.39
N THR A 7 -6.99 34.48 27.26
CA THR A 7 -5.94 35.49 27.23
C THR A 7 -6.53 36.83 27.68
N PRO A 8 -5.97 37.48 28.73
CA PRO A 8 -6.43 38.81 29.13
C PRO A 8 -6.10 39.86 28.06
N ASN A 9 -7.01 40.84 27.89
CA ASN A 9 -6.79 41.99 27.04
C ASN A 9 -6.40 41.55 25.63
N LEU A 10 -7.15 40.58 25.07
CA LEU A 10 -6.80 40.02 23.77
C LEU A 10 -6.84 41.09 22.69
N GLU A 11 -5.69 41.31 22.05
CA GLU A 11 -5.57 42.16 20.88
C GLU A 11 -5.85 41.32 19.64
N ILE A 12 -6.60 41.89 18.70
CA ILE A 12 -6.73 41.29 17.37
C ILE A 12 -5.75 42.02 16.45
N LYS A 13 -4.53 41.48 16.34
CA LYS A 13 -3.47 42.17 15.61
C LYS A 13 -3.64 42.02 14.11
N TYR A 14 -4.13 40.86 13.66
CA TYR A 14 -4.11 40.50 12.24
C TYR A 14 -5.50 40.60 11.65
N THR A 15 -5.73 41.64 10.83
CA THR A 15 -7.03 41.94 10.27
C THR A 15 -6.96 42.18 8.76
N LYS A 16 -5.81 41.90 8.12
CA LYS A 16 -5.62 42.19 6.72
C LYS A 16 -5.58 40.90 5.89
N ILE A 17 -5.67 41.07 4.57
CA ILE A 17 -5.54 39.98 3.62
C ILE A 17 -4.07 39.55 3.59
N PHE A 18 -3.85 38.24 3.49
CA PHE A 18 -2.52 37.66 3.52
C PHE A 18 -2.19 37.09 2.14
N ILE A 19 -1.37 37.79 1.36
CA ILE A 19 -0.99 37.35 0.03
C ILE A 19 0.53 37.49 -0.08
N ASN A 20 1.19 36.40 -0.47
CA ASN A 20 2.62 36.42 -0.74
C ASN A 20 3.36 36.83 0.52
N ASN A 21 2.87 36.35 1.68
CA ASN A 21 3.44 36.58 3.00
C ASN A 21 3.45 38.07 3.37
N GLU A 22 2.58 38.84 2.73
CA GLU A 22 2.44 40.26 3.04
C GLU A 22 1.00 40.57 3.42
N TRP A 23 0.85 41.50 4.36
CA TRP A 23 -0.45 41.97 4.81
C TRP A 23 -0.91 43.09 3.88
N GLN A 24 -2.10 42.93 3.30
CA GLN A 24 -2.59 43.82 2.26
C GLN A 24 -3.98 44.33 2.61
N ASN A 25 -4.25 45.57 2.21
CA ASN A 25 -5.61 46.09 2.23
C ASN A 25 -6.39 45.46 1.08
N SER A 26 -7.73 45.44 1.21
CA SER A 26 -8.60 45.06 0.12
C SER A 26 -8.41 46.03 -1.05
N GLU A 27 -8.61 45.51 -2.26
CA GLU A 27 -8.54 46.33 -3.47
C GLU A 27 -9.60 47.42 -3.42
N SER A 28 -10.79 47.10 -2.89
CA SER A 28 -11.89 48.04 -2.80
C SER A 28 -11.66 49.09 -1.71
N GLY A 29 -10.85 48.74 -0.70
CA GLY A 29 -10.68 49.54 0.50
C GLY A 29 -11.69 49.20 1.59
N ARG A 30 -12.66 48.32 1.31
CA ARG A 30 -13.70 47.99 2.27
C ARG A 30 -13.15 47.09 3.37
N VAL A 31 -13.74 47.25 4.57
CA VAL A 31 -13.56 46.34 5.70
C VAL A 31 -14.93 45.89 6.16
N PHE A 32 -15.02 44.67 6.70
CA PHE A 32 -16.29 44.13 7.13
C PHE A 32 -16.22 43.85 8.63
N PRO A 33 -17.37 43.93 9.33
CA PRO A 33 -17.41 43.72 10.77
C PRO A 33 -17.38 42.26 11.18
N VAL A 34 -16.78 42.00 12.34
CA VAL A 34 -16.73 40.68 12.95
C VAL A 34 -17.31 40.81 14.36
N TYR A 35 -18.16 39.85 14.74
CA TYR A 35 -18.97 40.00 15.94
C TYR A 35 -18.65 38.90 16.96
N ASN A 36 -19.04 39.19 18.19
CA ASN A 36 -19.03 38.24 19.29
C ASN A 36 -20.43 37.65 19.42
N PRO A 37 -20.66 36.35 19.12
CA PRO A 37 -22.01 35.78 19.17
C PRO A 37 -22.62 35.68 20.57
N ALA A 38 -21.80 35.86 21.61
CA ALA A 38 -22.31 35.82 22.98
C ALA A 38 -22.97 37.14 23.35
N THR A 39 -22.62 38.23 22.66
CA THR A 39 -23.12 39.55 23.03
C THR A 39 -23.76 40.30 21.85
N GLY A 40 -23.47 39.87 20.61
CA GLY A 40 -23.91 40.58 19.42
C GLY A 40 -23.06 41.80 19.09
N GLU A 41 -22.04 42.08 19.91
CA GLU A 41 -21.23 43.30 19.76
C GLU A 41 -20.08 43.06 18.78
N GLN A 42 -19.68 44.15 18.11
CA GLN A 42 -18.60 44.11 17.14
C GLN A 42 -17.26 43.98 17.87
N VAL A 43 -16.41 43.08 17.36
CA VAL A 43 -15.09 42.81 17.91
C VAL A 43 -14.06 43.65 17.18
N CYS A 44 -14.13 43.65 15.84
CA CYS A 44 -13.18 44.36 15.01
C CYS A 44 -13.72 44.43 13.59
N GLU A 45 -12.90 44.97 12.68
CA GLU A 45 -13.18 44.97 11.26
C GLU A 45 -12.02 44.31 10.53
N VAL A 46 -12.31 43.70 9.38
CA VAL A 46 -11.33 42.92 8.62
C VAL A 46 -11.38 43.36 7.16
N GLN A 47 -10.22 43.40 6.49
CA GLN A 47 -10.16 43.70 5.07
C GLN A 47 -11.04 42.73 4.29
N GLU A 48 -11.83 43.26 3.35
CA GLU A 48 -12.90 42.53 2.70
C GLU A 48 -12.46 42.10 1.30
N ALA A 49 -12.05 40.83 1.15
CA ALA A 49 -11.57 40.34 -0.14
C ALA A 49 -12.73 40.11 -1.10
N ASP A 50 -12.46 40.37 -2.38
CA ASP A 50 -13.38 40.14 -3.48
C ASP A 50 -12.56 39.59 -4.64
N LYS A 51 -13.16 39.51 -5.84
CA LYS A 51 -12.52 38.87 -6.98
C LYS A 51 -11.15 39.47 -7.25
N ALA A 52 -10.98 40.80 -7.17
CA ALA A 52 -9.70 41.40 -7.48
C ALA A 52 -8.61 40.84 -6.57
N ASP A 53 -8.96 40.62 -5.30
CA ASP A 53 -8.00 40.12 -4.32
C ASP A 53 -7.73 38.63 -4.56
N ILE A 54 -8.77 37.86 -4.87
CA ILE A 54 -8.63 36.45 -5.23
C ILE A 54 -7.66 36.33 -6.40
N ASP A 55 -7.82 37.20 -7.41
CA ASP A 55 -6.99 37.15 -8.60
C ASP A 55 -5.52 37.34 -8.24
N LYS A 56 -5.22 38.31 -7.37
CA LYS A 56 -3.85 38.53 -6.94
C LYS A 56 -3.33 37.31 -6.19
N ALA A 57 -4.17 36.71 -5.34
CA ALA A 57 -3.77 35.55 -4.56
C ALA A 57 -3.44 34.36 -5.46
N VAL A 58 -4.28 34.13 -6.48
CA VAL A 58 -4.04 33.02 -7.38
C VAL A 58 -2.73 33.24 -8.14
N GLN A 59 -2.44 34.48 -8.55
CA GLN A 59 -1.19 34.77 -9.23
C GLN A 59 -0.01 34.46 -8.32
N ALA A 60 -0.11 34.84 -7.04
CA ALA A 60 0.94 34.57 -6.07
C ALA A 60 1.13 33.06 -5.87
N ALA A 61 0.02 32.33 -5.73
CA ALA A 61 0.07 30.89 -5.53
C ALA A 61 0.65 30.19 -6.75
N ARG A 62 0.32 30.69 -7.96
CA ARG A 62 0.80 30.10 -9.19
C ARG A 62 2.32 30.31 -9.33
N LEU A 63 2.80 31.53 -9.03
CA LEU A 63 4.22 31.79 -9.11
C LEU A 63 4.97 30.91 -8.10
N ALA A 64 4.40 30.73 -6.91
CA ALA A 64 5.03 29.94 -5.87
C ALA A 64 5.09 28.46 -6.27
N PHE A 65 4.21 28.05 -7.19
CA PHE A 65 4.14 26.67 -7.65
C PHE A 65 4.99 26.45 -8.91
N SER A 66 5.59 27.51 -9.46
CA SER A 66 6.31 27.38 -10.72
C SER A 66 7.50 26.44 -10.58
N LEU A 67 7.79 25.68 -11.64
CA LEU A 67 8.96 24.80 -11.64
C LEU A 67 10.20 25.61 -11.31
N GLY A 68 11.05 25.04 -10.44
CA GLY A 68 12.27 25.70 -10.03
C GLY A 68 12.09 26.63 -8.84
N SER A 69 10.84 26.79 -8.36
CA SER A 69 10.58 27.64 -7.22
C SER A 69 11.11 26.98 -5.94
N VAL A 70 11.21 27.79 -4.88
CA VAL A 70 11.68 27.29 -3.60
C VAL A 70 10.76 26.16 -3.14
N TRP A 71 9.44 26.36 -3.25
CA TRP A 71 8.48 25.38 -2.77
C TRP A 71 8.52 24.08 -3.60
N ARG A 72 8.80 24.18 -4.90
CA ARG A 72 8.82 22.99 -5.75
C ARG A 72 10.13 22.23 -5.57
N ARG A 73 11.24 22.94 -5.31
CA ARG A 73 12.55 22.31 -5.24
CA ARG A 73 12.55 22.30 -5.25
C ARG A 73 12.81 21.73 -3.85
N MET A 74 12.05 22.18 -2.86
CA MET A 74 12.25 21.80 -1.48
C MET A 74 12.13 20.28 -1.33
N ASP A 75 13.00 19.68 -0.51
CA ASP A 75 12.85 18.28 -0.17
C ASP A 75 11.47 18.07 0.46
N ALA A 76 10.82 16.95 0.11
CA ALA A 76 9.55 16.61 0.72
C ALA A 76 9.67 16.63 2.25
N SER A 77 10.78 16.10 2.77
CA SER A 77 11.01 16.07 4.21
C SER A 77 10.99 17.48 4.81
N GLU A 78 11.41 18.49 4.04
CA GLU A 78 11.45 19.86 4.53
C GLU A 78 10.07 20.51 4.49
N ARG A 79 9.20 20.12 3.54
CA ARG A 79 7.80 20.49 3.64
C ARG A 79 7.24 19.98 4.96
N GLY A 80 7.59 18.73 5.31
CA GLY A 80 7.15 18.13 6.56
C GLY A 80 7.65 18.94 7.76
N ARG A 81 8.92 19.34 7.74
CA ARG A 81 9.50 20.12 8.82
CA ARG A 81 9.49 20.11 8.83
C ARG A 81 8.72 21.42 9.01
N LEU A 82 8.29 22.05 7.92
CA LEU A 82 7.54 23.30 8.02
C LEU A 82 6.20 23.07 8.71
N LEU A 83 5.52 21.97 8.38
CA LEU A 83 4.26 21.65 9.04
C LEU A 83 4.49 21.41 10.54
N ASP A 84 5.59 20.74 10.90
CA ASP A 84 5.91 20.51 12.29
CA ASP A 84 5.96 20.51 12.28
C ASP A 84 6.21 21.84 13.00
N LYS A 85 6.88 22.76 12.32
CA LYS A 85 7.16 24.06 12.89
C LYS A 85 5.85 24.80 13.17
N LEU A 86 4.92 24.73 12.22
CA LEU A 86 3.64 25.39 12.38
C LEU A 86 2.91 24.83 13.60
N ALA A 87 2.96 23.50 13.79
CA ALA A 87 2.39 22.87 14.97
C ALA A 87 3.02 23.43 16.25
N ASP A 88 4.35 23.57 16.25
CA ASP A 88 5.06 24.13 17.40
C ASP A 88 4.56 25.53 17.73
N LEU A 89 4.33 26.35 16.71
CA LEU A 89 3.90 27.72 16.92
C LEU A 89 2.46 27.78 17.42
N VAL A 90 1.59 26.91 16.89
CA VAL A 90 0.21 26.83 17.37
C VAL A 90 0.22 26.40 18.84
N GLU A 91 1.07 25.44 19.21
CA GLU A 91 1.17 25.00 20.60
CA GLU A 91 1.19 25.00 20.59
C GLU A 91 1.62 26.17 21.48
N ARG A 92 2.61 26.93 21.02
CA ARG A 92 3.08 28.09 21.77
C ARG A 92 1.94 29.07 22.02
N ASP A 93 1.12 29.31 20.99
CA ASP A 93 0.08 30.33 21.03
C ASP A 93 -1.30 29.72 21.23
N ARG A 94 -1.35 28.57 21.90
CA ARG A 94 -2.57 27.78 22.01
C ARG A 94 -3.65 28.58 22.75
N ALA A 95 -3.28 29.26 23.84
CA ALA A 95 -4.27 29.97 24.63
C ALA A 95 -4.83 31.16 23.85
N VAL A 96 -3.97 31.88 23.12
CA VAL A 96 -4.40 33.02 22.32
C VAL A 96 -5.38 32.54 21.25
N LEU A 97 -5.04 31.45 20.56
CA LEU A 97 -5.88 30.97 19.48
C LEU A 97 -7.21 30.44 20.03
N ALA A 98 -7.18 29.74 21.16
CA ALA A 98 -8.40 29.25 21.78
C ALA A 98 -9.28 30.42 22.22
N THR A 99 -8.66 31.48 22.74
CA THR A 99 -9.40 32.66 23.15
C THR A 99 -10.12 33.27 21.94
N MET A 100 -9.41 33.33 20.82
CA MET A 100 -9.95 33.90 19.60
C MET A 100 -11.12 33.06 19.08
N GLU A 101 -10.98 31.73 19.12
CA GLU A 101 -12.04 30.83 18.70
C GLU A 101 -13.27 30.98 19.59
N SER A 102 -13.03 31.23 20.89
CA SER A 102 -14.09 31.40 21.86
C SER A 102 -14.82 32.74 21.64
N LEU A 103 -14.06 33.83 21.54
CA LEU A 103 -14.58 35.18 21.36
C LEU A 103 -15.37 35.29 20.05
N ASN A 104 -14.79 34.77 18.96
CA ASN A 104 -15.33 34.94 17.62
C ASN A 104 -16.37 33.86 17.33
N GLY A 105 -16.10 32.63 17.77
CA GLY A 105 -16.87 31.47 17.32
C GLY A 105 -17.94 31.04 18.31
N GLY A 106 -17.92 31.57 19.53
CA GLY A 106 -18.90 31.22 20.55
C GLY A 106 -18.57 29.91 21.26
N LYS A 107 -17.38 29.35 21.00
CA LYS A 107 -16.99 28.08 21.58
C LYS A 107 -16.57 28.28 23.03
N PRO A 108 -17.07 27.47 23.98
CA PRO A 108 -16.54 27.51 25.35
C PRO A 108 -15.02 27.41 25.29
N PHE A 109 -14.34 28.33 25.97
CA PHE A 109 -12.90 28.46 25.87
C PHE A 109 -12.19 27.14 26.16
N LEU A 110 -12.57 26.44 27.24
CA LEU A 110 -11.87 25.21 27.60
C LEU A 110 -12.02 24.14 26.53
N GLN A 111 -13.18 24.11 25.87
CA GLN A 111 -13.41 23.13 24.80
C GLN A 111 -12.62 23.52 23.56
N ALA A 112 -12.55 24.82 23.25
CA ALA A 112 -11.72 25.26 22.14
C ALA A 112 -10.26 24.90 22.42
N PHE A 113 -9.85 24.99 23.69
CA PHE A 113 -8.47 24.74 24.05
C PHE A 113 -8.16 23.24 23.96
N TYR A 114 -9.04 22.39 24.48
CA TYR A 114 -8.75 20.98 24.68
C TYR A 114 -9.26 20.12 23.51
N VAL A 115 -10.17 20.66 22.69
CA VAL A 115 -10.66 19.90 21.54
C VAL A 115 -10.09 20.53 20.26
N ASP A 116 -10.57 21.73 19.90
CA ASP A 116 -10.20 22.30 18.62
C ASP A 116 -8.69 22.45 18.49
N LEU A 117 -8.04 23.08 19.47
CA LEU A 117 -6.62 23.35 19.34
C LEU A 117 -5.80 22.07 19.36
N GLN A 118 -6.24 21.07 20.15
CA GLN A 118 -5.60 19.76 20.13
C GLN A 118 -5.67 19.18 18.72
N GLY A 119 -6.85 19.27 18.09
CA GLY A 119 -7.03 18.77 16.74
C GLY A 119 -6.12 19.48 15.72
N VAL A 120 -5.98 20.79 15.87
CA VAL A 120 -5.14 21.55 14.95
C VAL A 120 -3.71 21.07 15.05
N ILE A 121 -3.20 20.99 16.28
CA ILE A 121 -1.81 20.60 16.51
C ILE A 121 -1.59 19.18 15.99
N LYS A 122 -2.50 18.26 16.33
CA LYS A 122 -2.35 16.87 15.91
C LYS A 122 -2.45 16.72 14.40
N THR A 123 -3.26 17.55 13.73
CA THR A 123 -3.39 17.49 12.28
C THR A 123 -2.08 17.86 11.62
N PHE A 124 -1.49 18.98 12.05
CA PHE A 124 -0.23 19.43 11.48
C PHE A 124 0.87 18.42 11.75
N ARG A 125 0.92 17.86 12.97
CA ARG A 125 1.97 16.92 13.31
C ARG A 125 1.83 15.64 12.50
N TYR A 126 0.59 15.20 12.26
CA TYR A 126 0.32 13.99 11.52
C TYR A 126 0.81 14.13 10.07
N TYR A 127 0.39 15.22 9.42
CA TYR A 127 0.72 15.40 8.01
C TYR A 127 2.19 15.78 7.83
N ALA A 128 2.80 16.40 8.84
CA ALA A 128 4.24 16.62 8.80
C ALA A 128 4.96 15.31 8.46
N GLY A 129 4.46 14.21 9.03
CA GLY A 129 5.06 12.89 8.85
C GLY A 129 4.83 12.27 7.47
N TRP A 130 3.77 12.69 6.75
CA TRP A 130 3.41 12.07 5.48
C TRP A 130 4.24 12.61 4.31
N ALA A 131 4.81 13.81 4.43
CA ALA A 131 5.26 14.53 3.25
C ALA A 131 6.27 13.71 2.43
N ASP A 132 7.21 13.04 3.11
CA ASP A 132 8.25 12.30 2.42
C ASP A 132 7.95 10.81 2.37
N LYS A 133 6.66 10.46 2.53
CA LYS A 133 6.22 9.06 2.51
C LYS A 133 5.06 8.88 1.53
N ILE A 134 4.86 9.86 0.64
CA ILE A 134 3.91 9.74 -0.45
C ILE A 134 4.62 9.01 -1.60
N HIS A 135 4.21 7.77 -1.86
CA HIS A 135 4.90 6.90 -2.80
C HIS A 135 4.06 6.67 -4.04
N GLY A 136 4.72 6.69 -5.21
CA GLY A 136 4.16 6.10 -6.40
C GLY A 136 4.51 4.62 -6.48
N MET A 137 4.30 4.02 -7.66
CA MET A 137 4.56 2.59 -7.82
C MET A 137 5.40 2.33 -9.06
N THR A 138 6.03 1.15 -9.06
CA THR A 138 6.61 0.56 -10.25
C THR A 138 5.78 -0.68 -10.57
N ILE A 139 5.51 -0.89 -11.87
CA ILE A 139 4.42 -1.76 -12.28
C ILE A 139 4.94 -2.77 -13.29
N PRO A 140 4.69 -4.09 -13.09
CA PRO A 140 5.17 -5.13 -14.02
C PRO A 140 4.26 -5.30 -15.24
N VAL A 141 4.25 -4.26 -16.09
CA VAL A 141 3.35 -4.18 -17.23
C VAL A 141 3.73 -5.23 -18.26
N ASP A 142 2.77 -5.59 -19.11
CA ASP A 142 3.06 -6.40 -20.28
C ASP A 142 4.02 -5.65 -21.22
N GLY A 143 4.86 -6.43 -21.92
CA GLY A 143 5.73 -5.90 -22.95
C GLY A 143 7.06 -5.39 -22.40
N ASP A 144 7.93 -4.95 -23.32
CA ASP A 144 9.28 -4.55 -22.97
C ASP A 144 9.29 -3.08 -22.56
N TYR A 145 8.75 -2.82 -21.36
CA TYR A 145 8.63 -1.49 -20.81
C TYR A 145 9.03 -1.49 -19.34
N PHE A 146 9.53 -0.33 -18.90
CA PHE A 146 9.61 0.03 -17.50
C PHE A 146 8.56 1.09 -17.22
N THR A 147 7.60 0.78 -16.34
CA THR A 147 6.51 1.70 -16.03
C THR A 147 6.54 2.04 -14.54
N PHE A 148 6.45 3.34 -14.26
CA PHE A 148 6.32 3.81 -12.90
C PHE A 148 5.32 4.96 -12.84
N THR A 149 4.88 5.28 -11.63
CA THR A 149 4.03 6.44 -11.43
C THR A 149 4.75 7.48 -10.59
N ARG A 150 4.43 8.73 -10.93
CA ARG A 150 4.92 9.92 -10.25
CA ARG A 150 4.90 9.93 -10.26
C ARG A 150 3.69 10.62 -9.66
N HIS A 151 3.67 10.77 -8.34
CA HIS A 151 2.59 11.48 -7.68
C HIS A 151 3.07 12.91 -7.47
N GLU A 152 2.39 13.84 -8.13
CA GLU A 152 2.78 15.24 -8.13
C GLU A 152 1.70 16.07 -7.45
N PRO A 153 2.04 17.24 -6.88
CA PRO A 153 1.01 18.16 -6.43
C PRO A 153 0.17 18.57 -7.64
N ILE A 154 -1.11 18.86 -7.41
CA ILE A 154 -2.01 19.26 -8.47
C ILE A 154 -1.65 20.68 -8.93
N GLY A 155 -1.46 21.58 -7.97
CA GLY A 155 -1.17 22.97 -8.29
C GLY A 155 -1.81 23.91 -7.27
N VAL A 156 -2.56 24.90 -7.78
CA VAL A 156 -3.18 25.89 -6.94
C VAL A 156 -4.51 25.35 -6.45
N CYS A 157 -4.65 25.24 -5.13
CA CYS A 157 -5.84 24.68 -4.51
C CYS A 157 -6.62 25.80 -3.82
N GLY A 158 -7.86 25.98 -4.25
CA GLY A 158 -8.78 26.87 -3.57
C GLY A 158 -9.51 26.12 -2.46
N GLN A 159 -9.65 26.76 -1.30
CA GLN A 159 -10.24 26.10 -0.15
C GLN A 159 -11.19 27.06 0.53
N ILE A 160 -12.40 26.56 0.81
CA ILE A 160 -13.44 27.35 1.43
C ILE A 160 -13.91 26.60 2.67
N ILE A 161 -13.87 27.29 3.81
CA ILE A 161 -14.15 26.63 5.07
C ILE A 161 -15.25 27.36 5.84
N PRO A 162 -15.93 26.62 6.75
CA PRO A 162 -17.07 27.17 7.49
C PRO A 162 -16.75 27.79 8.84
N TRP A 163 -17.81 28.26 9.50
CA TRP A 163 -17.68 29.03 10.73
C TRP A 163 -17.82 28.16 11.98
N ASN A 164 -18.15 26.87 11.84
CA ASN A 164 -18.47 26.04 13.01
C ASN A 164 -17.20 25.50 13.68
N PHE A 165 -16.12 25.36 12.90
CA PHE A 165 -14.80 24.97 13.39
C PHE A 165 -13.75 25.77 12.63
N PRO A 166 -13.66 27.10 12.85
CA PRO A 166 -12.85 27.95 11.97
C PRO A 166 -11.40 27.48 11.86
N LEU A 167 -10.72 27.37 13.01
CA LEU A 167 -9.30 27.06 12.98
C LEU A 167 -9.06 25.59 12.65
N LEU A 168 -9.87 24.70 13.21
CA LEU A 168 -9.69 23.28 12.95
C LEU A 168 -9.90 22.96 11.47
N MET A 169 -10.92 23.57 10.85
CA MET A 169 -11.15 23.31 9.43
CA MET A 169 -11.17 23.33 9.43
C MET A 169 -10.03 23.91 8.59
N PHE A 170 -9.45 25.03 9.04
CA PHE A 170 -8.31 25.62 8.37
C PHE A 170 -7.17 24.61 8.33
N ALA A 171 -6.92 23.94 9.45
CA ALA A 171 -5.87 22.93 9.55
C ALA A 171 -6.19 21.71 8.69
N TRP A 172 -7.44 21.21 8.77
CA TRP A 172 -7.87 20.08 7.98
C TRP A 172 -7.60 20.31 6.50
N LYS A 173 -7.74 21.56 6.05
CA LYS A 173 -7.57 21.88 4.64
C LYS A 173 -6.10 22.07 4.28
N ILE A 174 -5.38 22.95 4.98
CA ILE A 174 -4.06 23.32 4.46
C ILE A 174 -3.04 22.20 4.71
N ALA A 175 -3.22 21.38 5.76
CA ALA A 175 -2.20 20.41 6.11
C ALA A 175 -1.98 19.40 4.98
N PRO A 176 -3.01 18.67 4.49
CA PRO A 176 -2.80 17.73 3.40
C PRO A 176 -2.37 18.41 2.11
N ALA A 177 -2.92 19.59 1.83
CA ALA A 177 -2.57 20.29 0.60
C ALA A 177 -1.08 20.60 0.56
N LEU A 178 -0.56 21.13 1.66
CA LEU A 178 0.85 21.48 1.75
C LEU A 178 1.73 20.23 1.82
N CYS A 179 1.25 19.22 2.55
CA CYS A 179 1.94 17.94 2.64
C CYS A 179 2.32 17.45 1.25
N CYS A 180 1.38 17.57 0.30
CA CYS A 180 1.53 17.08 -1.06
C CYS A 180 2.26 18.07 -1.98
N GLY A 181 2.52 19.30 -1.52
CA GLY A 181 3.34 20.24 -2.27
C GLY A 181 2.54 21.24 -3.11
N ASN A 182 1.24 21.38 -2.83
CA ASN A 182 0.40 22.33 -3.51
C ASN A 182 0.60 23.73 -2.93
N THR A 183 0.04 24.72 -3.61
CA THR A 183 -0.11 26.05 -3.04
C THR A 183 -1.60 26.31 -2.84
N VAL A 184 -1.92 27.29 -1.98
CA VAL A 184 -3.26 27.40 -1.42
C VAL A 184 -3.77 28.84 -1.47
N VAL A 185 -5.04 28.97 -1.84
CA VAL A 185 -5.82 30.18 -1.64
C VAL A 185 -7.02 29.78 -0.79
N ILE A 186 -7.06 30.23 0.47
CA ILE A 186 -8.06 29.75 1.40
C ILE A 186 -8.90 30.93 1.90
N LYS A 187 -10.21 30.68 1.95
CA LYS A 187 -11.19 31.69 2.32
C LYS A 187 -11.91 31.22 3.57
N PRO A 188 -11.64 31.84 4.75
CA PRO A 188 -12.43 31.53 5.95
C PRO A 188 -13.84 32.10 5.83
N ALA A 189 -14.73 31.59 6.68
CA ALA A 189 -16.10 32.07 6.71
C ALA A 189 -16.10 33.54 7.14
N GLU A 190 -17.05 34.31 6.58
CA GLU A 190 -17.21 35.73 6.87
CA GLU A 190 -17.12 35.73 6.89
C GLU A 190 -17.40 35.95 8.38
N GLN A 191 -18.08 35.00 9.04
CA GLN A 191 -18.38 35.15 10.46
C GLN A 191 -17.10 35.05 11.31
N THR A 192 -16.13 34.26 10.84
CA THR A 192 -15.06 33.78 11.69
C THR A 192 -13.71 33.81 10.97
N PRO A 193 -13.22 34.99 10.54
CA PRO A 193 -11.92 35.07 9.88
C PRO A 193 -10.68 35.12 10.79
N LEU A 194 -10.86 35.37 12.10
CA LEU A 194 -9.76 35.90 12.88
C LEU A 194 -8.66 34.87 13.12
N SER A 195 -9.01 33.64 13.52
CA SER A 195 -7.98 32.65 13.81
C SER A 195 -7.19 32.31 12.54
N ALA A 196 -7.86 32.28 11.39
CA ALA A 196 -7.20 32.04 10.11
C ALA A 196 -6.16 33.12 9.82
N LEU A 197 -6.49 34.39 10.10
CA LEU A 197 -5.54 35.46 9.83
C LEU A 197 -4.34 35.36 10.78
N TYR A 198 -4.58 35.00 12.04
CA TYR A 198 -3.49 34.80 12.98
C TYR A 198 -2.56 33.71 12.43
N MET A 199 -3.13 32.67 11.82
CA MET A 199 -2.33 31.61 11.25
C MET A 199 -1.43 32.14 10.14
N GLY A 200 -1.87 33.17 9.41
CA GLY A 200 -0.99 33.82 8.45
C GLY A 200 0.31 34.30 9.09
N ALA A 201 0.20 34.92 10.28
CA ALA A 201 1.38 35.39 10.98
C ALA A 201 2.28 34.22 11.34
N LEU A 202 1.69 33.10 11.78
CA LEU A 202 2.47 31.92 12.15
C LEU A 202 3.09 31.27 10.92
N ILE A 203 2.39 31.27 9.79
CA ILE A 203 2.92 30.74 8.53
C ILE A 203 4.16 31.51 8.11
N LYS A 204 4.11 32.84 8.22
CA LYS A 204 5.25 33.68 7.90
C LYS A 204 6.38 33.39 8.86
N GLU A 205 6.06 33.29 10.16
CA GLU A 205 7.05 33.04 11.19
C GLU A 205 7.72 31.68 10.98
N ALA A 206 6.93 30.67 10.57
CA ALA A 206 7.43 29.32 10.36
C ALA A 206 8.42 29.27 9.21
N GLY A 207 8.27 30.19 8.24
CA GLY A 207 9.18 30.31 7.12
C GLY A 207 8.69 29.63 5.84
N PHE A 208 7.37 29.50 5.66
CA PHE A 208 6.84 29.04 4.39
C PHE A 208 7.20 30.06 3.31
N PRO A 209 7.60 29.61 2.10
CA PRO A 209 7.89 30.53 1.01
C PRO A 209 6.68 31.41 0.68
N PRO A 210 6.90 32.68 0.28
CA PRO A 210 5.78 33.56 -0.07
C PRO A 210 4.90 32.97 -1.17
N GLY A 211 3.58 33.08 -0.97
CA GLY A 211 2.61 32.66 -1.98
C GLY A 211 2.15 31.22 -1.80
N VAL A 212 2.77 30.46 -0.90
CA VAL A 212 2.40 29.07 -0.71
C VAL A 212 1.04 28.98 -0.02
N ILE A 213 0.79 29.85 0.97
CA ILE A 213 -0.54 29.98 1.56
C ILE A 213 -0.98 31.43 1.50
N ASN A 214 -2.17 31.66 0.93
CA ASN A 214 -2.76 32.98 0.83
C ASN A 214 -4.14 32.89 1.49
N ILE A 215 -4.44 33.86 2.36
CA ILE A 215 -5.65 33.80 3.18
C ILE A 215 -6.51 35.03 2.88
N LEU A 216 -7.73 34.77 2.41
CA LEU A 216 -8.59 35.76 1.78
C LEU A 216 -9.91 35.85 2.55
N PRO A 217 -10.03 36.68 3.61
CA PRO A 217 -11.29 36.84 4.32
C PRO A 217 -12.31 37.63 3.52
N GLY A 218 -13.57 37.22 3.61
CA GLY A 218 -14.64 37.89 2.87
C GLY A 218 -15.85 36.98 2.73
N TYR A 219 -16.77 37.39 1.84
CA TYR A 219 -18.09 36.79 1.75
C TYR A 219 -18.16 35.74 0.66
N GLY A 220 -19.29 35.05 0.60
CA GLY A 220 -19.49 33.91 -0.28
C GLY A 220 -19.63 34.30 -1.75
N PRO A 221 -20.59 35.17 -2.15
CA PRO A 221 -20.80 35.50 -3.56
C PRO A 221 -19.67 36.29 -4.21
N THR A 222 -18.80 36.85 -3.38
CA THR A 222 -17.67 37.65 -3.83
C THR A 222 -16.42 36.79 -3.85
N ALA A 223 -15.80 36.62 -2.68
CA ALA A 223 -14.54 35.88 -2.57
C ALA A 223 -14.74 34.40 -2.89
N GLY A 224 -15.76 33.79 -2.29
CA GLY A 224 -16.00 32.36 -2.46
C GLY A 224 -16.32 31.98 -3.91
N ALA A 225 -17.25 32.72 -4.52
CA ALA A 225 -17.65 32.46 -5.89
C ALA A 225 -16.47 32.69 -6.84
N ALA A 226 -15.62 33.68 -6.56
CA ALA A 226 -14.46 33.96 -7.40
C ALA A 226 -13.49 32.77 -7.36
N ILE A 227 -13.36 32.11 -6.21
CA ILE A 227 -12.50 30.94 -6.09
C ILE A 227 -13.11 29.79 -6.91
N ALA A 228 -14.42 29.56 -6.74
CA ALA A 228 -15.09 28.42 -7.32
C ALA A 228 -15.02 28.43 -8.85
N SER A 229 -15.08 29.62 -9.45
CA SER A 229 -15.16 29.77 -10.89
C SER A 229 -13.83 30.17 -11.52
N HIS A 230 -12.75 30.22 -10.71
CA HIS A 230 -11.49 30.72 -11.22
C HIS A 230 -10.87 29.73 -12.20
N ILE A 231 -10.40 30.21 -13.37
CA ILE A 231 -9.84 29.30 -14.38
C ILE A 231 -8.37 28.99 -14.10
N GLY A 232 -7.76 29.66 -13.10
CA GLY A 232 -6.37 29.43 -12.74
C GLY A 232 -6.19 28.62 -11.46
N ILE A 233 -7.30 28.08 -10.94
CA ILE A 233 -7.28 27.21 -9.77
C ILE A 233 -7.54 25.78 -10.23
N ASP A 234 -6.69 24.84 -9.80
CA ASP A 234 -6.70 23.48 -10.31
C ASP A 234 -7.64 22.57 -9.51
N LYS A 235 -7.87 22.93 -8.25
CA LYS A 235 -8.58 22.05 -7.32
C LYS A 235 -9.30 22.93 -6.30
N ILE A 236 -10.53 22.54 -5.95
CA ILE A 236 -11.27 23.19 -4.90
C ILE A 236 -11.68 22.17 -3.85
N ALA A 237 -11.57 22.58 -2.59
CA ALA A 237 -12.07 21.83 -1.46
C ALA A 237 -13.03 22.73 -0.69
N PHE A 238 -14.24 22.23 -0.44
CA PHE A 238 -15.29 23.00 0.21
C PHE A 238 -15.87 22.18 1.35
N THR A 239 -16.00 22.84 2.50
CA THR A 239 -16.76 22.31 3.63
C THR A 239 -17.86 23.29 3.96
N GLY A 240 -19.10 22.79 4.04
CA GLY A 240 -20.25 23.63 4.26
C GLY A 240 -21.55 22.87 3.99
N SER A 241 -22.60 23.61 3.68
CA SER A 241 -23.90 22.99 3.48
C SER A 241 -23.91 22.20 2.17
N THR A 242 -24.76 21.16 2.14
CA THR A 242 -24.98 20.39 0.92
C THR A 242 -25.46 21.33 -0.20
N GLU A 243 -26.32 22.29 0.15
CA GLU A 243 -26.86 23.25 -0.80
C GLU A 243 -25.74 23.98 -1.54
N VAL A 244 -24.75 24.49 -0.81
CA VAL A 244 -23.69 25.28 -1.43
C VAL A 244 -22.71 24.34 -2.16
N GLY A 245 -22.53 23.13 -1.62
CA GLY A 245 -21.71 22.12 -2.28
C GLY A 245 -22.15 21.85 -3.72
N LYS A 246 -23.46 21.79 -3.95
CA LYS A 246 -24.01 21.60 -5.28
C LYS A 246 -23.56 22.73 -6.21
N LEU A 247 -23.53 23.97 -5.70
CA LEU A 247 -23.12 25.13 -6.48
C LEU A 247 -21.63 25.05 -6.81
N ILE A 248 -20.84 24.53 -5.86
CA ILE A 248 -19.40 24.40 -6.05
C ILE A 248 -19.12 23.44 -7.20
N GLN A 249 -19.79 22.28 -7.19
CA GLN A 249 -19.57 21.25 -8.20
CA GLN A 249 -19.54 21.27 -8.21
C GLN A 249 -20.00 21.79 -9.56
N GLU A 250 -21.13 22.49 -9.59
CA GLU A 250 -21.63 23.10 -10.82
C GLU A 250 -20.61 24.09 -11.36
N ALA A 251 -20.07 24.95 -10.48
CA ALA A 251 -19.13 25.97 -10.89
C ALA A 251 -17.85 25.36 -11.42
N ALA A 252 -17.41 24.23 -10.83
CA ALA A 252 -16.21 23.55 -11.28
C ALA A 252 -16.40 23.06 -12.71
N GLY A 253 -17.57 22.48 -12.99
CA GLY A 253 -17.89 21.96 -14.32
C GLY A 253 -17.96 23.07 -15.37
N ARG A 254 -18.60 24.19 -15.01
CA ARG A 254 -18.82 25.31 -15.92
C ARG A 254 -17.52 26.01 -16.26
N SER A 255 -16.58 26.07 -15.30
CA SER A 255 -15.37 26.86 -15.46
C SER A 255 -14.27 26.03 -16.13
N ASN A 256 -13.44 25.33 -15.36
CA ASN A 256 -12.23 24.73 -15.90
C ASN A 256 -12.06 23.26 -15.49
N LEU A 257 -13.15 22.60 -15.07
CA LEU A 257 -13.12 21.21 -14.65
C LEU A 257 -12.11 20.99 -13.51
N LYS A 258 -11.97 22.00 -12.64
CA LYS A 258 -11.13 21.83 -11.47
C LYS A 258 -11.63 20.63 -10.67
N ARG A 259 -10.69 19.94 -10.01
CA ARG A 259 -11.02 18.79 -9.19
CA ARG A 259 -11.03 18.78 -9.19
C ARG A 259 -11.74 19.27 -7.93
N VAL A 260 -12.70 18.46 -7.44
CA VAL A 260 -13.58 18.90 -6.37
C VAL A 260 -13.61 17.86 -5.25
N THR A 261 -13.48 18.34 -4.00
CA THR A 261 -13.94 17.53 -2.87
CA THR A 261 -13.83 17.58 -2.79
C THR A 261 -14.86 18.39 -2.00
N LEU A 262 -15.81 17.69 -1.40
CA LEU A 262 -16.89 18.33 -0.65
C LEU A 262 -17.06 17.57 0.67
N GLU A 263 -17.08 18.31 1.77
CA GLU A 263 -17.47 17.80 3.08
C GLU A 263 -18.73 18.57 3.48
N LEU A 264 -19.88 17.89 3.50
CA LEU A 264 -21.16 18.59 3.57
C LEU A 264 -21.93 18.13 4.80
N GLY A 265 -23.25 18.37 4.80
CA GLY A 265 -24.08 18.21 5.99
C GLY A 265 -24.46 16.76 6.24
N GLY A 266 -25.25 16.56 7.30
CA GLY A 266 -25.69 15.24 7.68
C GLY A 266 -27.01 15.27 8.44
N LYS A 267 -27.59 14.09 8.58
CA LYS A 267 -28.68 13.86 9.52
C LYS A 267 -28.46 12.48 10.12
N SER A 268 -27.40 12.38 10.92
CA SER A 268 -26.76 11.11 11.19
C SER A 268 -27.49 10.31 12.26
N PRO A 269 -27.62 8.99 12.05
CA PRO A 269 -28.30 8.12 13.01
C PRO A 269 -27.37 7.57 14.10
N ASN A 270 -27.94 7.47 15.30
CA ASN A 270 -27.25 6.92 16.45
C ASN A 270 -28.16 5.86 17.06
N ILE A 271 -27.77 4.59 16.94
CA ILE A 271 -28.64 3.46 17.23
C ILE A 271 -28.26 2.84 18.56
N ILE A 272 -29.22 2.83 19.51
CA ILE A 272 -28.99 2.33 20.86
C ILE A 272 -29.80 1.05 21.07
N PHE A 273 -29.10 -0.08 21.23
CA PHE A 273 -29.72 -1.35 21.57
C PHE A 273 -29.87 -1.47 23.08
N ALA A 274 -30.82 -2.31 23.50
CA ALA A 274 -31.15 -2.52 24.91
C ALA A 274 -29.98 -3.14 25.68
N ASP A 275 -29.05 -3.79 24.97
CA ASP A 275 -27.91 -4.44 25.60
C ASP A 275 -26.69 -3.52 25.61
N ALA A 276 -26.89 -2.23 25.33
CA ALA A 276 -25.85 -1.23 25.46
C ALA A 276 -25.68 -0.86 26.94
N ASP A 277 -24.53 -0.27 27.26
CA ASP A 277 -24.31 0.37 28.55
C ASP A 277 -25.12 1.67 28.57
N LEU A 278 -26.21 1.71 29.33
CA LEU A 278 -27.27 2.69 29.13
C LEU A 278 -26.81 4.10 29.50
N ASP A 279 -26.26 4.29 30.71
CA ASP A 279 -25.84 5.60 31.16
C ASP A 279 -24.76 6.16 30.24
N TYR A 280 -23.83 5.30 29.82
CA TYR A 280 -22.78 5.69 28.90
C TYR A 280 -23.40 6.14 27.57
N ALA A 281 -24.36 5.36 27.07
CA ALA A 281 -25.01 5.67 25.80
C ALA A 281 -25.75 7.01 25.88
N VAL A 282 -26.40 7.28 27.01
CA VAL A 282 -27.13 8.53 27.19
C VAL A 282 -26.16 9.71 27.11
N GLU A 283 -25.01 9.61 27.81
CA GLU A 283 -24.06 10.71 27.82
C GLU A 283 -23.45 10.88 26.43
N GLN A 284 -23.10 9.77 25.77
CA GLN A 284 -22.48 9.84 24.44
C GLN A 284 -23.45 10.40 23.41
N ALA A 285 -24.73 10.00 23.49
CA ALA A 285 -25.74 10.49 22.56
C ALA A 285 -26.02 11.96 22.81
N HIS A 286 -25.98 12.38 24.08
CA HIS A 286 -26.15 13.77 24.45
C HIS A 286 -25.05 14.61 23.83
N GLN A 287 -23.80 14.24 24.08
CA GLN A 287 -22.66 14.95 23.50
C GLN A 287 -22.75 14.89 21.98
N GLY A 288 -23.20 13.73 21.47
CA GLY A 288 -23.26 13.50 20.04
C GLY A 288 -24.15 14.50 19.30
N VAL A 289 -25.14 15.09 20.00
CA VAL A 289 -25.96 16.07 19.33
C VAL A 289 -25.65 17.49 19.84
N PHE A 290 -25.26 17.66 21.12
CA PHE A 290 -25.11 18.99 21.69
C PHE A 290 -23.70 19.57 21.54
N PHE A 291 -22.70 18.74 21.22
CA PHE A 291 -21.33 19.25 21.16
C PHE A 291 -21.27 20.44 20.20
N ASN A 292 -20.51 21.47 20.61
CA ASN A 292 -20.22 22.62 19.76
C ASN A 292 -21.52 23.33 19.35
N GLN A 293 -22.43 23.49 20.32
CA GLN A 293 -23.65 24.26 20.14
C GLN A 293 -24.57 23.57 19.12
N GLY A 294 -24.40 22.26 18.92
CA GLY A 294 -25.15 21.53 17.92
C GLY A 294 -24.68 21.80 16.49
N GLN A 295 -23.61 22.58 16.33
CA GLN A 295 -23.17 23.09 15.04
C GLN A 295 -22.08 22.16 14.50
N CYS A 296 -22.45 20.89 14.31
CA CYS A 296 -21.55 19.87 13.83
C CYS A 296 -22.23 19.08 12.72
N CYS A 297 -21.52 18.90 11.61
CA CYS A 297 -22.02 18.05 10.55
CA CYS A 297 -21.95 18.03 10.53
C CYS A 297 -22.15 16.61 11.04
N THR A 298 -21.38 16.25 12.08
CA THR A 298 -21.40 14.92 12.67
C THR A 298 -22.55 14.71 13.65
N ALA A 299 -23.41 15.70 13.89
CA ALA A 299 -24.40 15.61 14.94
C ALA A 299 -25.24 14.35 14.79
N GLY A 300 -25.40 13.61 15.89
CA GLY A 300 -26.25 12.44 15.94
C GLY A 300 -27.70 12.85 16.19
N SER A 301 -28.34 13.36 15.12
CA SER A 301 -29.60 14.07 15.21
C SER A 301 -30.79 13.15 14.98
N ARG A 302 -30.55 11.85 14.75
CA ARG A 302 -31.61 10.86 14.82
C ARG A 302 -31.16 9.73 15.75
N ILE A 303 -31.59 9.79 17.02
CA ILE A 303 -31.23 8.74 17.96
C ILE A 303 -32.35 7.71 17.95
N PHE A 304 -32.04 6.50 17.50
CA PHE A 304 -32.99 5.39 17.48
C PHE A 304 -32.73 4.52 18.70
N VAL A 305 -33.74 4.37 19.57
CA VAL A 305 -33.60 3.62 20.80
C VAL A 305 -34.52 2.41 20.79
N GLU A 306 -33.97 1.25 21.17
CA GLU A 306 -34.75 0.02 21.21
C GLU A 306 -35.89 0.18 22.20
N GLU A 307 -37.07 -0.34 21.85
CA GLU A 307 -38.31 0.00 22.53
C GLU A 307 -38.21 -0.26 24.04
N SER A 308 -37.56 -1.36 24.45
CA SER A 308 -37.58 -1.78 25.84
C SER A 308 -36.82 -0.82 26.75
N ILE A 309 -35.91 0.01 26.20
CA ILE A 309 -35.19 0.98 27.01
C ILE A 309 -35.55 2.41 26.60
N TYR A 310 -36.52 2.58 25.70
CA TYR A 310 -36.85 3.89 25.14
C TYR A 310 -37.27 4.89 26.23
N GLU A 311 -38.19 4.49 27.11
CA GLU A 311 -38.75 5.43 28.08
C GLU A 311 -37.67 5.90 29.04
N GLU A 312 -36.81 4.96 29.48
CA GLU A 312 -35.73 5.28 30.41
C GLU A 312 -34.69 6.15 29.71
N PHE A 313 -34.38 5.84 28.45
CA PHE A 313 -33.39 6.61 27.71
C PHE A 313 -33.85 8.06 27.59
N VAL A 314 -35.13 8.24 27.28
CA VAL A 314 -35.69 9.58 27.15
C VAL A 314 -35.61 10.31 28.49
N ARG A 315 -36.02 9.64 29.57
CA ARG A 315 -36.04 10.28 30.88
C ARG A 315 -34.63 10.75 31.24
N ARG A 316 -33.63 9.89 31.05
CA ARG A 316 -32.27 10.21 31.43
C ARG A 316 -31.72 11.31 30.52
N SER A 317 -32.08 11.29 29.23
CA SER A 317 -31.65 12.31 28.29
C SER A 317 -32.21 13.67 28.67
N VAL A 318 -33.48 13.71 29.09
CA VAL A 318 -34.12 14.97 29.45
C VAL A 318 -33.46 15.53 30.72
N GLU A 319 -33.20 14.66 31.69
CA GLU A 319 -32.51 15.07 32.91
C GLU A 319 -31.16 15.72 32.55
N ARG A 320 -30.44 15.12 31.61
CA ARG A 320 -29.11 15.58 31.24
C ARG A 320 -29.18 16.93 30.53
N ALA A 321 -30.19 17.10 29.66
CA ALA A 321 -30.37 18.34 28.93
C ALA A 321 -30.77 19.48 29.87
N LYS A 322 -31.53 19.15 30.92
CA LYS A 322 -32.02 20.16 31.84
C LYS A 322 -30.89 20.72 32.68
N ARG A 323 -29.82 19.94 32.91
CA ARG A 323 -28.72 20.43 33.74
C ARG A 323 -27.57 20.98 32.89
N ARG A 324 -27.66 20.87 31.56
CA ARG A 324 -26.61 21.38 30.67
C ARG A 324 -26.48 22.90 30.82
N VAL A 325 -25.26 23.36 31.10
CA VAL A 325 -25.01 24.75 31.46
C VAL A 325 -24.72 25.56 30.20
N VAL A 326 -25.62 26.51 29.93
CA VAL A 326 -25.49 27.45 28.83
C VAL A 326 -25.03 28.79 29.39
N GLY A 327 -23.98 29.39 28.82
CA GLY A 327 -23.48 30.65 29.36
C GLY A 327 -22.30 31.22 28.60
N SER A 328 -21.64 32.20 29.24
CA SER A 328 -20.53 32.93 28.64
CA SER A 328 -20.54 32.93 28.64
C SER A 328 -19.43 31.96 28.24
N PRO A 329 -18.98 31.95 26.97
CA PRO A 329 -17.91 31.05 26.56
C PRO A 329 -16.64 31.09 27.41
N PHE A 330 -16.30 32.26 27.95
CA PHE A 330 -15.09 32.40 28.75
C PHE A 330 -15.23 31.80 30.14
N ASP A 331 -16.46 31.56 30.59
CA ASP A 331 -16.66 31.07 31.95
C ASP A 331 -16.38 29.58 31.97
N PRO A 332 -15.51 29.08 32.89
CA PRO A 332 -15.17 27.66 32.90
C PRO A 332 -16.33 26.71 33.20
N THR A 333 -17.44 27.23 33.78
CA THR A 333 -18.60 26.40 34.04
C THR A 333 -19.42 26.14 32.76
N THR A 334 -19.18 26.89 31.69
CA THR A 334 -20.04 26.83 30.53
C THR A 334 -19.82 25.54 29.75
N GLU A 335 -20.92 24.83 29.44
CA GLU A 335 -20.90 23.68 28.58
C GLU A 335 -21.24 24.07 27.13
N GLN A 336 -22.13 25.05 27.00
CA GLN A 336 -22.72 25.43 25.72
C GLN A 336 -22.69 26.94 25.57
N GLY A 337 -22.08 27.41 24.49
CA GLY A 337 -22.09 28.81 24.14
C GLY A 337 -23.28 29.16 23.24
N PRO A 338 -23.22 30.34 22.60
CA PRO A 338 -24.29 30.77 21.70
C PRO A 338 -24.17 30.15 20.31
N GLN A 339 -25.26 30.20 19.55
CA GLN A 339 -25.21 29.92 18.12
C GLN A 339 -24.44 31.06 17.44
N ILE A 340 -24.04 30.85 16.19
CA ILE A 340 -23.05 31.72 15.56
C ILE A 340 -23.62 33.11 15.26
N ASP A 341 -24.89 33.19 14.86
CA ASP A 341 -25.43 34.46 14.40
C ASP A 341 -26.96 34.40 14.42
N LYS A 342 -27.58 35.55 14.13
CA LYS A 342 -29.02 35.70 14.20
CA LYS A 342 -29.03 35.66 14.24
C LYS A 342 -29.71 34.80 13.17
N LYS A 343 -29.10 34.70 11.98
CA LYS A 343 -29.71 33.90 10.92
C LYS A 343 -29.84 32.46 11.38
N GLN A 344 -28.78 31.89 11.97
CA GLN A 344 -28.81 30.52 12.43
C GLN A 344 -29.78 30.36 13.60
N TYR A 345 -29.74 31.33 14.51
CA TYR A 345 -30.64 31.36 15.66
C TYR A 345 -32.09 31.23 15.20
N ASN A 346 -32.49 32.06 14.24
CA ASN A 346 -33.88 32.09 13.78
C ASN A 346 -34.25 30.78 13.09
N LYS A 347 -33.32 30.22 12.29
CA LYS A 347 -33.57 28.97 11.60
C LYS A 347 -33.85 27.85 12.61
N ILE A 348 -33.06 27.81 13.68
CA ILE A 348 -33.24 26.78 14.70
C ILE A 348 -34.62 26.92 15.37
N LEU A 349 -35.00 28.14 15.76
CA LEU A 349 -36.29 28.34 16.41
C LEU A 349 -37.43 27.90 15.49
N GLU A 350 -37.32 28.21 14.19
CA GLU A 350 -38.39 27.84 13.26
C GLU A 350 -38.52 26.32 13.17
N LEU A 351 -37.39 25.60 13.17
CA LEU A 351 -37.44 24.15 13.09
C LEU A 351 -37.98 23.55 14.39
N ILE A 352 -37.68 24.15 15.54
CA ILE A 352 -38.26 23.70 16.80
C ILE A 352 -39.78 23.82 16.73
N GLN A 353 -40.28 24.94 16.20
CA GLN A 353 -41.72 25.12 16.11
C GLN A 353 -42.33 24.07 15.18
N SER A 354 -41.62 23.71 14.10
CA SER A 354 -42.11 22.69 13.19
CA SER A 354 -42.09 22.68 13.19
C SER A 354 -42.27 21.36 13.94
N GLY A 355 -41.33 21.04 14.83
CA GLY A 355 -41.39 19.83 15.62
C GLY A 355 -42.65 19.79 16.49
N VAL A 356 -42.93 20.92 17.15
CA VAL A 356 -44.13 21.04 17.97
C VAL A 356 -45.36 20.88 17.08
N ALA A 357 -45.37 21.55 15.92
CA ALA A 357 -46.52 21.57 15.04
C ALA A 357 -46.82 20.18 14.49
N GLU A 358 -45.78 19.37 14.25
CA GLU A 358 -45.95 18.07 13.62
C GLU A 358 -46.10 16.95 14.65
N GLY A 359 -46.18 17.32 15.94
CA GLY A 359 -46.64 16.39 16.98
C GLY A 359 -45.53 15.64 17.69
N ALA A 360 -44.28 16.08 17.54
CA ALA A 360 -43.18 15.57 18.36
C ALA A 360 -43.37 16.08 19.79
N LYS A 361 -42.95 15.28 20.77
CA LYS A 361 -43.14 15.66 22.17
C LYS A 361 -41.96 16.51 22.63
N LEU A 362 -42.23 17.79 22.92
CA LEU A 362 -41.21 18.68 23.44
C LEU A 362 -41.02 18.40 24.93
N GLU A 363 -39.89 17.78 25.26
CA GLU A 363 -39.63 17.29 26.61
C GLU A 363 -39.06 18.41 27.47
N CYS A 364 -38.24 19.27 26.86
CA CYS A 364 -37.61 20.38 27.56
C CYS A 364 -37.04 21.34 26.53
N GLY A 365 -36.75 22.57 26.98
CA GLY A 365 -36.18 23.60 26.13
C GLY A 365 -37.22 24.16 25.14
N GLY A 366 -36.74 24.55 23.95
CA GLY A 366 -37.57 25.01 22.87
C GLY A 366 -37.55 26.52 22.66
N LYS A 367 -36.81 27.25 23.52
CA LYS A 367 -36.83 28.71 23.51
C LYS A 367 -35.40 29.25 23.51
N GLY A 368 -35.26 30.52 23.11
CA GLY A 368 -34.02 31.25 23.33
C GLY A 368 -33.78 31.52 24.81
N LEU A 369 -32.52 31.77 25.16
CA LEU A 369 -32.10 32.16 26.50
C LEU A 369 -31.51 33.55 26.47
N GLY A 370 -31.95 34.41 27.39
CA GLY A 370 -31.38 35.73 27.54
C GLY A 370 -31.87 36.70 26.47
N ARG A 371 -31.30 37.91 26.49
CA ARG A 371 -31.72 38.99 25.62
C ARG A 371 -30.60 39.40 24.66
N LYS A 372 -29.36 38.96 24.95
CA LYS A 372 -28.19 39.36 24.18
C LYS A 372 -27.49 38.11 23.66
N GLY A 373 -26.88 38.23 22.49
CA GLY A 373 -26.27 37.09 21.84
C GLY A 373 -27.32 36.09 21.34
N PHE A 374 -26.89 34.86 21.05
CA PHE A 374 -27.72 33.92 20.30
C PHE A 374 -27.79 32.56 20.99
N PHE A 375 -28.13 32.57 22.29
CA PHE A 375 -28.20 31.36 23.09
C PHE A 375 -29.58 30.71 22.97
N ILE A 376 -29.59 29.38 22.91
CA ILE A 376 -30.82 28.61 22.83
C ILE A 376 -30.79 27.51 23.89
N GLU A 377 -31.94 27.31 24.54
CA GLU A 377 -32.11 26.25 25.52
C GLU A 377 -31.80 24.89 24.89
N PRO A 378 -31.05 24.00 25.58
CA PRO A 378 -30.94 22.61 25.16
C PRO A 378 -32.33 22.01 25.04
N THR A 379 -32.65 21.51 23.85
CA THR A 379 -34.01 21.13 23.50
C THR A 379 -34.05 19.63 23.20
N VAL A 380 -35.03 18.93 23.76
CA VAL A 380 -35.19 17.51 23.52
C VAL A 380 -36.61 17.24 23.01
N PHE A 381 -36.68 16.55 21.86
CA PHE A 381 -37.92 16.01 21.32
C PHE A 381 -37.90 14.49 21.44
N SER A 382 -39.00 13.91 21.94
CA SER A 382 -39.21 12.48 21.88
C SER A 382 -40.41 12.19 20.97
N ASN A 383 -40.63 10.89 20.73
CA ASN A 383 -41.69 10.41 19.86
CA ASN A 383 -41.71 10.42 19.86
C ASN A 383 -41.55 11.03 18.47
N VAL A 384 -40.31 11.18 18.02
CA VAL A 384 -40.03 11.67 16.68
C VAL A 384 -40.24 10.53 15.69
N THR A 385 -40.82 10.86 14.53
CA THR A 385 -41.05 9.91 13.46
C THR A 385 -40.40 10.40 12.18
N ASP A 386 -40.19 9.48 11.23
CA ASP A 386 -39.24 9.68 10.15
C ASP A 386 -39.71 10.74 9.15
N ASP A 387 -41.01 11.01 9.12
CA ASP A 387 -41.61 11.91 8.14
C ASP A 387 -41.54 13.37 8.58
N MET A 388 -41.18 13.59 9.85
CA MET A 388 -41.18 14.93 10.42
C MET A 388 -40.04 15.76 9.81
N ARG A 389 -40.28 17.07 9.66
CA ARG A 389 -39.25 17.98 9.19
C ARG A 389 -38.00 17.87 10.04
N ILE A 390 -38.18 17.80 11.38
CA ILE A 390 -37.04 17.77 12.28
C ILE A 390 -36.28 16.44 12.15
N ALA A 391 -36.91 15.41 11.56
CA ALA A 391 -36.25 14.13 11.36
C ALA A 391 -35.51 14.10 10.02
N LYS A 392 -35.73 15.10 9.16
CA LYS A 392 -35.17 15.09 7.81
C LYS A 392 -34.18 16.25 7.61
N GLU A 393 -34.46 17.41 8.22
CA GLU A 393 -33.69 18.61 7.96
C GLU A 393 -32.62 18.79 9.03
N GLU A 394 -31.41 19.15 8.59
CA GLU A 394 -30.31 19.44 9.50
C GLU A 394 -30.62 20.72 10.25
N ILE A 395 -30.66 20.63 11.59
CA ILE A 395 -31.03 21.75 12.44
C ILE A 395 -29.80 22.59 12.77
N PHE A 396 -28.67 21.93 13.06
CA PHE A 396 -27.42 22.63 13.35
C PHE A 396 -27.59 23.51 14.59
N GLY A 397 -28.31 22.98 15.58
CA GLY A 397 -28.51 23.66 16.84
C GLY A 397 -28.74 22.65 17.95
N PRO A 398 -28.95 23.12 19.20
CA PRO A 398 -29.04 22.24 20.37
C PRO A 398 -30.41 21.59 20.50
N VAL A 399 -30.69 20.67 19.56
CA VAL A 399 -31.98 20.01 19.47
C VAL A 399 -31.75 18.51 19.29
N GLN A 400 -32.14 17.75 20.30
CA GLN A 400 -31.99 16.31 20.31
C GLN A 400 -33.31 15.67 19.89
N GLU A 401 -33.23 14.67 19.00
CA GLU A 401 -34.39 13.95 18.54
CA GLU A 401 -34.38 13.94 18.49
C GLU A 401 -34.26 12.47 18.87
N ILE A 402 -35.28 11.94 19.54
CA ILE A 402 -35.25 10.55 19.98
C ILE A 402 -36.42 9.81 19.34
N LEU A 403 -36.06 8.72 18.65
CA LEU A 403 -36.97 7.83 17.94
C LEU A 403 -36.91 6.45 18.58
N ARG A 404 -37.92 5.63 18.30
CA ARG A 404 -38.01 4.28 18.85
C ARG A 404 -37.99 3.28 17.70
N PHE A 405 -37.41 2.10 17.94
CA PHE A 405 -37.43 1.01 16.98
C PHE A 405 -37.58 -0.32 17.71
N LYS A 406 -37.95 -1.36 16.95
CA LYS A 406 -38.19 -2.68 17.52
C LYS A 406 -37.14 -3.69 17.05
N THR A 407 -36.77 -3.68 15.75
CA THR A 407 -35.90 -4.72 15.21
C THR A 407 -34.70 -4.12 14.50
N MET A 408 -33.62 -4.91 14.38
CA MET A 408 -32.39 -4.46 13.76
C MET A 408 -32.62 -4.18 12.27
N ASP A 409 -33.39 -5.05 11.59
CA ASP A 409 -33.67 -4.85 10.17
C ASP A 409 -34.41 -3.52 9.96
N GLU A 410 -35.38 -3.22 10.83
CA GLU A 410 -36.16 -2.00 10.75
C GLU A 410 -35.23 -0.79 10.89
N VAL A 411 -34.38 -0.80 11.92
CA VAL A 411 -33.59 0.38 12.24
C VAL A 411 -32.51 0.60 11.19
N ILE A 412 -31.98 -0.47 10.60
CA ILE A 412 -31.00 -0.33 9.52
C ILE A 412 -31.66 0.39 8.34
N GLU A 413 -32.86 -0.05 7.95
CA GLU A 413 -33.57 0.55 6.84
C GLU A 413 -33.85 2.03 7.13
N ARG A 414 -34.33 2.33 8.33
CA ARG A 414 -34.72 3.69 8.68
C ARG A 414 -33.50 4.59 8.77
N ALA A 415 -32.41 4.09 9.36
CA ALA A 415 -31.18 4.86 9.49
C ALA A 415 -30.66 5.24 8.10
N ASN A 416 -30.76 4.32 7.14
CA ASN A 416 -30.19 4.51 5.82
C ASN A 416 -31.12 5.27 4.88
N ASN A 417 -32.38 5.49 5.28
CA ASN A 417 -33.34 6.14 4.40
C ASN A 417 -33.14 7.65 4.51
N SER A 418 -32.09 8.13 3.85
CA SER A 418 -31.65 9.52 3.93
C SER A 418 -30.82 9.84 2.69
N ASP A 419 -30.89 11.10 2.25
CA ASP A 419 -30.01 11.62 1.20
C ASP A 419 -28.61 11.85 1.77
N PHE A 420 -28.50 11.92 3.10
CA PHE A 420 -27.25 12.16 3.79
C PHE A 420 -26.63 10.82 4.20
N GLY A 421 -25.34 10.87 4.54
CA GLY A 421 -24.63 9.69 5.00
C GLY A 421 -23.23 10.02 5.53
N LEU A 422 -23.14 10.98 6.45
CA LEU A 422 -21.84 11.43 6.90
C LEU A 422 -21.28 10.48 7.95
N VAL A 423 -22.01 10.28 9.05
CA VAL A 423 -21.59 9.38 10.10
C VAL A 423 -22.78 8.58 10.60
N ALA A 424 -22.49 7.59 11.44
CA ALA A 424 -23.51 6.81 12.13
C ALA A 424 -22.86 6.18 13.35
N ALA A 425 -23.68 5.67 14.27
CA ALA A 425 -23.14 4.95 15.41
C ALA A 425 -24.12 3.88 15.86
N VAL A 426 -23.56 2.87 16.54
CA VAL A 426 -24.34 1.83 17.15
C VAL A 426 -23.74 1.51 18.52
N PHE A 427 -24.64 1.43 19.51
CA PHE A 427 -24.29 1.07 20.87
C PHE A 427 -24.93 -0.29 21.21
N THR A 428 -24.05 -1.26 21.49
CA THR A 428 -24.42 -2.63 21.82
C THR A 428 -23.19 -3.35 22.32
N ASN A 429 -23.38 -4.32 23.22
CA ASN A 429 -22.26 -5.16 23.66
C ASN A 429 -22.18 -6.44 22.85
N ASP A 430 -23.11 -6.63 21.90
CA ASP A 430 -23.13 -7.84 21.09
C ASP A 430 -22.29 -7.61 19.83
N ILE A 431 -21.25 -8.44 19.65
CA ILE A 431 -20.33 -8.26 18.54
C ILE A 431 -21.06 -8.43 17.20
N ASN A 432 -21.99 -9.39 17.12
CA ASN A 432 -22.69 -9.68 15.88
C ASN A 432 -23.55 -8.48 15.47
N LYS A 433 -24.33 -7.93 16.40
CA LYS A 433 -25.14 -6.75 16.12
C LYS A 433 -24.26 -5.59 15.70
N ALA A 434 -23.14 -5.38 16.42
CA ALA A 434 -22.26 -4.24 16.17
C ALA A 434 -21.72 -4.29 14.74
N LEU A 435 -21.26 -5.47 14.30
CA LEU A 435 -20.65 -5.60 13.00
C LEU A 435 -21.71 -5.58 11.90
N THR A 436 -22.86 -6.22 12.15
CA THR A 436 -23.93 -6.23 11.17
C THR A 436 -24.40 -4.81 10.88
N VAL A 437 -24.65 -4.03 11.94
CA VAL A 437 -25.16 -2.69 11.76
C VAL A 437 -24.08 -1.81 11.11
N SER A 438 -22.84 -1.87 11.60
CA SER A 438 -21.81 -0.99 11.09
C SER A 438 -21.54 -1.27 9.61
N SER A 439 -21.58 -2.55 9.22
CA SER A 439 -21.37 -2.92 7.83
C SER A 439 -22.51 -2.40 6.95
N ALA A 440 -23.73 -2.36 7.49
CA ALA A 440 -24.92 -2.03 6.71
C ALA A 440 -25.12 -0.52 6.56
N MET A 441 -24.49 0.28 7.42
CA MET A 441 -24.71 1.72 7.42
C MET A 441 -24.15 2.33 6.13
N GLN A 442 -24.94 3.22 5.53
CA GLN A 442 -24.48 4.01 4.39
C GLN A 442 -23.93 5.33 4.93
N ALA A 443 -22.74 5.24 5.54
CA ALA A 443 -22.12 6.36 6.22
C ALA A 443 -20.60 6.24 6.13
N GLY A 444 -19.93 7.39 6.03
CA GLY A 444 -18.50 7.43 5.86
C GLY A 444 -17.70 7.08 7.12
N THR A 445 -18.27 7.36 8.30
CA THR A 445 -17.68 6.94 9.56
C THR A 445 -18.77 6.28 10.39
N VAL A 446 -18.50 5.09 10.92
CA VAL A 446 -19.41 4.45 11.85
C VAL A 446 -18.68 4.21 13.16
N TRP A 447 -19.25 4.71 14.25
CA TRP A 447 -18.75 4.45 15.59
C TRP A 447 -19.47 3.28 16.22
N ILE A 448 -18.71 2.44 16.94
CA ILE A 448 -19.27 1.38 17.76
C ILE A 448 -18.95 1.72 19.21
N ASN A 449 -20.02 1.91 20.00
CA ASN A 449 -19.93 2.19 21.43
C ASN A 449 -19.14 3.46 21.71
N CYS A 450 -19.26 4.44 20.82
CA CYS A 450 -18.75 5.78 21.04
C CYS A 450 -19.41 6.71 20.03
N TYR A 451 -19.11 8.01 20.14
CA TYR A 451 -19.62 8.99 19.19
C TYR A 451 -18.62 10.14 19.12
N ASN A 452 -18.47 10.73 17.92
CA ASN A 452 -17.60 11.88 17.72
C ASN A 452 -16.16 11.56 18.07
N ALA A 453 -15.74 10.31 17.82
CA ALA A 453 -14.36 9.92 17.97
C ALA A 453 -13.62 10.14 16.65
N LEU A 454 -13.01 11.32 16.51
CA LEU A 454 -12.24 11.63 15.32
CA LEU A 454 -12.24 11.72 15.34
C LEU A 454 -10.75 11.63 15.67
N ASN A 455 -9.94 11.25 14.68
CA ASN A 455 -8.50 11.12 14.84
CA ASN A 455 -8.51 11.18 14.86
C ASN A 455 -7.82 11.55 13.55
N ALA A 456 -6.60 12.08 13.67
CA ALA A 456 -5.86 12.54 12.51
C ALA A 456 -5.52 11.38 11.57
N GLN A 457 -5.45 10.17 12.14
CA GLN A 457 -5.00 9.00 11.40
C GLN A 457 -6.12 8.39 10.54
N SER A 458 -7.39 8.73 10.78
CA SER A 458 -8.54 8.04 10.20
CA SER A 458 -8.48 8.02 10.15
C SER A 458 -9.24 8.91 9.17
N PRO A 459 -9.53 8.40 7.95
CA PRO A 459 -10.22 9.21 6.94
C PRO A 459 -11.67 9.47 7.33
N PHE A 460 -12.19 10.58 6.79
CA PHE A 460 -13.49 11.11 7.18
C PHE A 460 -14.14 11.75 5.95
N GLY A 461 -15.41 11.45 5.71
CA GLY A 461 -16.16 12.08 4.64
C GLY A 461 -17.52 11.41 4.44
N GLY A 462 -18.29 11.93 3.48
CA GLY A 462 -19.67 11.53 3.32
C GLY A 462 -19.88 10.43 2.29
N PHE A 463 -20.90 9.60 2.55
CA PHE A 463 -21.63 8.90 1.53
C PHE A 463 -22.72 9.82 0.97
N LYS A 464 -23.22 9.49 -0.22
CA LYS A 464 -24.36 10.16 -0.82
CA LYS A 464 -24.34 10.17 -0.85
C LYS A 464 -24.11 11.67 -0.83
N MET A 465 -25.09 12.46 -0.37
CA MET A 465 -25.02 13.92 -0.54
C MET A 465 -24.34 14.59 0.65
N SER A 466 -23.68 13.80 1.51
CA SER A 466 -22.86 14.33 2.58
C SER A 466 -21.44 14.67 2.10
N GLY A 467 -21.09 14.32 0.85
CA GLY A 467 -19.81 14.77 0.32
C GLY A 467 -19.25 13.89 -0.78
N ASN A 468 -18.07 14.31 -1.25
CA ASN A 468 -17.28 13.62 -2.26
CA ASN A 468 -17.29 13.53 -2.19
C ASN A 468 -15.83 13.62 -1.76
N GLY A 469 -15.19 12.45 -1.70
CA GLY A 469 -13.79 12.39 -1.25
C GLY A 469 -13.68 12.25 0.25
N ARG A 470 -12.42 12.14 0.72
CA ARG A 470 -12.13 11.98 2.13
C ARG A 470 -11.04 12.95 2.54
N GLU A 471 -11.11 13.35 3.82
CA GLU A 471 -10.07 14.13 4.48
CA GLU A 471 -10.07 14.13 4.48
C GLU A 471 -9.54 13.34 5.67
N MET A 472 -8.34 13.70 6.11
CA MET A 472 -7.62 13.09 7.23
C MET A 472 -7.11 11.70 6.82
N GLY A 473 -6.19 11.16 7.64
CA GLY A 473 -5.54 9.90 7.34
C GLY A 473 -4.71 9.96 6.05
N GLU A 474 -4.21 8.80 5.63
CA GLU A 474 -3.52 8.68 4.36
C GLU A 474 -4.43 9.11 3.22
N PHE A 475 -5.70 8.72 3.28
CA PHE A 475 -6.56 8.88 2.12
C PHE A 475 -6.86 10.35 1.83
N GLY A 476 -6.76 11.22 2.84
CA GLY A 476 -6.91 12.65 2.62
C GLY A 476 -5.92 13.19 1.58
N LEU A 477 -4.75 12.55 1.48
CA LEU A 477 -3.72 12.97 0.55
C LEU A 477 -4.09 12.68 -0.89
N ARG A 478 -4.98 11.71 -1.12
CA ARG A 478 -5.31 11.29 -2.46
C ARG A 478 -6.01 12.41 -3.23
N GLU A 479 -6.66 13.33 -2.51
CA GLU A 479 -7.36 14.44 -3.12
C GLU A 479 -6.40 15.52 -3.61
N TYR A 480 -5.12 15.45 -3.20
CA TYR A 480 -4.21 16.57 -3.37
C TYR A 480 -3.00 16.23 -4.23
N SER A 481 -3.02 15.06 -4.89
CA SER A 481 -1.99 14.70 -5.84
C SER A 481 -2.63 14.35 -7.18
N GLU A 482 -1.83 14.56 -8.24
CA GLU A 482 -2.16 14.13 -9.58
C GLU A 482 -1.19 12.99 -9.92
N VAL A 483 -1.72 11.91 -10.49
CA VAL A 483 -0.92 10.75 -10.82
C VAL A 483 -0.47 10.83 -12.27
N LYS A 484 0.83 10.63 -12.49
CA LYS A 484 1.40 10.54 -13.83
C LYS A 484 2.02 9.15 -13.99
N THR A 485 1.66 8.48 -15.09
CA THR A 485 2.28 7.22 -15.46
C THR A 485 3.40 7.51 -16.46
N VAL A 486 4.59 7.00 -16.19
CA VAL A 486 5.70 7.12 -17.12
C VAL A 486 6.05 5.71 -17.61
N THR A 487 6.05 5.53 -18.94
CA THR A 487 6.26 4.22 -19.54
C THR A 487 7.45 4.33 -20.49
N VAL A 488 8.53 3.62 -20.15
CA VAL A 488 9.79 3.72 -20.86
C VAL A 488 10.00 2.44 -21.66
N LYS A 489 10.25 2.57 -22.96
CA LYS A 489 10.63 1.43 -23.77
C LYS A 489 12.01 0.96 -23.34
N ILE A 490 12.16 -0.35 -23.14
CA ILE A 490 13.45 -0.93 -22.79
C ILE A 490 13.76 -2.05 -23.78
N PRO A 491 15.05 -2.33 -24.04
CA PRO A 491 15.44 -3.32 -25.04
C PRO A 491 14.96 -4.74 -24.72
N GLN A 492 15.05 -5.13 -23.45
CA GLN A 492 14.60 -6.45 -23.01
CA GLN A 492 14.58 -6.44 -23.02
C GLN A 492 14.21 -6.39 -21.54
N LYS A 493 13.09 -7.04 -21.21
CA LYS A 493 12.59 -7.08 -19.85
C LYS A 493 12.93 -8.44 -19.23
N ASN A 494 13.36 -8.40 -17.96
CA ASN A 494 13.38 -9.57 -17.10
C ASN A 494 12.61 -9.24 -15.82
N SER A 495 12.03 -10.26 -15.22
CA SER A 495 11.36 -10.13 -13.94
C SER A 495 12.37 -9.66 -12.87
N LEU B 3 -22.78 -36.80 -4.41
CA LEU B 3 -21.41 -36.77 -3.82
C LEU B 3 -20.44 -37.48 -4.77
N PRO B 4 -19.17 -37.02 -4.86
CA PRO B 4 -18.15 -37.70 -5.65
C PRO B 4 -17.70 -39.00 -4.96
N SER B 5 -17.09 -39.89 -5.74
CA SER B 5 -16.63 -41.17 -5.25
C SER B 5 -15.15 -41.32 -5.54
N PRO B 6 -14.39 -42.09 -4.73
CA PRO B 6 -12.98 -42.36 -5.01
C PRO B 6 -12.82 -42.94 -6.42
N THR B 7 -11.82 -42.44 -7.16
CA THR B 7 -11.53 -42.90 -8.50
C THR B 7 -11.35 -44.42 -8.46
N PRO B 8 -12.13 -45.20 -9.25
CA PRO B 8 -11.96 -46.65 -9.27
C PRO B 8 -10.65 -47.02 -9.96
N ASN B 9 -9.97 -48.03 -9.40
CA ASN B 9 -8.79 -48.62 -10.04
C ASN B 9 -7.72 -47.55 -10.23
N LEU B 10 -7.42 -46.81 -9.16
CA LEU B 10 -6.50 -45.68 -9.27
C LEU B 10 -5.11 -46.16 -9.63
N GLU B 11 -4.61 -45.69 -10.76
CA GLU B 11 -3.27 -45.95 -11.22
C GLU B 11 -2.32 -44.95 -10.56
N ILE B 12 -1.14 -45.41 -10.14
CA ILE B 12 -0.07 -44.52 -9.71
C ILE B 12 0.96 -44.46 -10.84
N LYS B 13 0.76 -43.50 -11.74
CA LYS B 13 1.51 -43.44 -12.98
C LYS B 13 2.87 -42.79 -12.77
N TYR B 14 2.97 -41.81 -11.87
CA TYR B 14 4.15 -40.97 -11.77
C TYR B 14 4.90 -41.28 -10.46
N THR B 15 6.08 -41.90 -10.60
CA THR B 15 6.86 -42.35 -9.45
C THR B 15 8.33 -41.97 -9.59
N LYS B 16 8.66 -41.10 -10.55
CA LYS B 16 10.04 -40.74 -10.79
C LYS B 16 10.30 -39.31 -10.32
N ILE B 17 11.59 -38.95 -10.30
CA ILE B 17 12.04 -37.59 -10.00
C ILE B 17 11.71 -36.69 -11.19
N PHE B 18 11.30 -35.45 -10.90
CA PHE B 18 10.88 -34.50 -11.92
C PHE B 18 11.90 -33.36 -11.95
N ILE B 19 12.75 -33.35 -12.98
CA ILE B 19 13.75 -32.31 -13.17
C ILE B 19 13.70 -31.85 -14.63
N ASN B 20 13.57 -30.54 -14.84
CA ASN B 20 13.61 -29.97 -16.17
C ASN B 20 12.49 -30.54 -17.03
N ASN B 21 11.32 -30.79 -16.40
CA ASN B 21 10.13 -31.31 -17.05
C ASN B 21 10.35 -32.71 -17.62
N GLU B 22 11.33 -33.43 -17.09
CA GLU B 22 11.60 -34.81 -17.50
C GLU B 22 11.53 -35.72 -16.28
N TRP B 23 11.01 -36.94 -16.49
CA TRP B 23 10.97 -37.97 -15.48
C TRP B 23 12.29 -38.72 -15.49
N GLN B 24 12.95 -38.78 -14.32
CA GLN B 24 14.31 -39.29 -14.19
CA GLN B 24 14.30 -39.30 -14.22
C GLN B 24 14.37 -40.32 -13.08
N ASN B 25 15.26 -41.31 -13.23
CA ASN B 25 15.58 -42.22 -12.16
C ASN B 25 16.53 -41.52 -11.22
N SER B 26 16.62 -42.04 -9.99
CA SER B 26 17.61 -41.54 -9.03
C SER B 26 19.01 -41.83 -9.56
N GLU B 27 19.95 -40.96 -9.22
CA GLU B 27 21.34 -41.12 -9.64
C GLU B 27 21.89 -42.44 -9.11
N SER B 28 21.49 -42.81 -7.89
CA SER B 28 21.97 -44.02 -7.23
C SER B 28 21.26 -45.25 -7.78
N GLY B 29 20.05 -45.06 -8.32
CA GLY B 29 19.20 -46.17 -8.74
C GLY B 29 18.28 -46.65 -7.63
N ARG B 30 18.44 -46.12 -6.41
CA ARG B 30 17.64 -46.54 -5.28
C ARG B 30 16.21 -46.01 -5.40
N VAL B 31 15.28 -46.81 -4.88
CA VAL B 31 13.88 -46.45 -4.77
C VAL B 31 13.48 -46.65 -3.31
N PHE B 32 12.34 -46.06 -2.91
CA PHE B 32 11.82 -46.25 -1.58
C PHE B 32 10.33 -46.59 -1.64
N PRO B 33 9.81 -47.37 -0.67
CA PRO B 33 8.41 -47.77 -0.67
C PRO B 33 7.50 -46.67 -0.15
N VAL B 34 6.26 -46.66 -0.66
CA VAL B 34 5.21 -45.77 -0.20
C VAL B 34 4.04 -46.64 0.24
N TYR B 35 3.45 -46.31 1.39
CA TYR B 35 2.47 -47.16 2.05
C TYR B 35 1.11 -46.48 2.12
N ASN B 36 0.08 -47.32 2.27
CA ASN B 36 -1.27 -46.91 2.59
C ASN B 36 -1.42 -47.00 4.11
N PRO B 37 -1.60 -45.87 4.84
CA PRO B 37 -1.63 -45.91 6.30
C PRO B 37 -2.87 -46.59 6.89
N ALA B 38 -3.89 -46.85 6.05
CA ALA B 38 -5.11 -47.50 6.48
C ALA B 38 -4.97 -49.02 6.50
N THR B 39 -4.01 -49.56 5.73
CA THR B 39 -3.85 -51.00 5.61
C THR B 39 -2.43 -51.45 5.96
N GLY B 40 -1.47 -50.51 5.93
CA GLY B 40 -0.06 -50.84 6.13
C GLY B 40 0.61 -51.39 4.87
N GLU B 41 -0.15 -51.56 3.79
CA GLU B 41 0.36 -52.26 2.60
C GLU B 41 1.08 -51.27 1.70
N GLN B 42 2.05 -51.78 0.94
CA GLN B 42 2.81 -50.99 0.00
C GLN B 42 1.92 -50.64 -1.20
N VAL B 43 1.92 -49.35 -1.57
CA VAL B 43 1.19 -48.84 -2.71
C VAL B 43 2.08 -48.93 -3.95
N CYS B 44 3.33 -48.47 -3.81
CA CYS B 44 4.26 -48.44 -4.92
C CYS B 44 5.67 -48.15 -4.39
N GLU B 45 6.63 -48.04 -5.33
CA GLU B 45 7.97 -47.55 -5.04
C GLU B 45 8.20 -46.26 -5.83
N VAL B 46 9.03 -45.39 -5.26
CA VAL B 46 9.32 -44.10 -5.86
C VAL B 46 10.83 -43.91 -5.92
N GLN B 47 11.32 -43.24 -6.97
CA GLN B 47 12.75 -42.96 -7.11
C GLN B 47 13.20 -42.13 -5.90
N GLU B 48 14.33 -42.51 -5.29
CA GLU B 48 14.80 -41.84 -4.08
C GLU B 48 15.84 -40.79 -4.44
N ALA B 49 15.47 -39.51 -4.29
CA ALA B 49 16.40 -38.42 -4.53
C ALA B 49 17.36 -38.28 -3.35
N ASP B 50 18.62 -38.00 -3.65
CA ASP B 50 19.64 -37.68 -2.67
C ASP B 50 20.37 -36.41 -3.13
N LYS B 51 21.50 -36.10 -2.48
CA LYS B 51 22.26 -34.89 -2.74
C LYS B 51 22.55 -34.72 -4.23
N ALA B 52 22.92 -35.80 -4.93
CA ALA B 52 23.28 -35.73 -6.33
C ALA B 52 22.10 -35.24 -7.18
N ASP B 53 20.90 -35.69 -6.82
CA ASP B 53 19.69 -35.35 -7.55
C ASP B 53 19.31 -33.90 -7.25
N ILE B 54 19.48 -33.48 -5.99
CA ILE B 54 19.24 -32.11 -5.60
C ILE B 54 20.15 -31.19 -6.39
N ASP B 55 21.44 -31.54 -6.50
CA ASP B 55 22.41 -30.74 -7.24
C ASP B 55 21.96 -30.56 -8.69
N LYS B 56 21.48 -31.64 -9.33
CA LYS B 56 21.00 -31.57 -10.70
C LYS B 56 19.79 -30.64 -10.80
N ALA B 57 18.88 -30.75 -9.83
CA ALA B 57 17.66 -29.96 -9.80
C ALA B 57 17.99 -28.47 -9.64
N VAL B 58 18.97 -28.16 -8.78
CA VAL B 58 19.33 -26.77 -8.54
C VAL B 58 19.93 -26.18 -9.82
N GLN B 59 20.73 -26.97 -10.53
CA GLN B 59 21.31 -26.49 -11.78
C GLN B 59 20.21 -26.19 -12.77
N ALA B 60 19.18 -27.05 -12.84
CA ALA B 60 18.07 -26.86 -13.76
C ALA B 60 17.30 -25.60 -13.39
N ALA B 61 17.06 -25.41 -12.08
CA ALA B 61 16.31 -24.26 -11.60
C ALA B 61 17.08 -22.97 -11.85
N ARG B 62 18.41 -23.03 -11.72
CA ARG B 62 19.26 -21.87 -11.93
C ARG B 62 19.26 -21.46 -13.40
N LEU B 63 19.38 -22.43 -14.31
CA LEU B 63 19.36 -22.14 -15.73
C LEU B 63 18.00 -21.55 -16.13
N ALA B 64 16.91 -22.08 -15.56
CA ALA B 64 15.58 -21.59 -15.88
C ALA B 64 15.39 -20.16 -15.37
N PHE B 65 16.21 -19.74 -14.40
CA PHE B 65 16.13 -18.42 -13.79
C PHE B 65 17.09 -17.44 -14.46
N SER B 66 17.90 -17.91 -15.40
CA SER B 66 18.92 -17.06 -16.00
C SER B 66 18.27 -15.87 -16.73
N LEU B 67 18.96 -14.73 -16.71
CA LEU B 67 18.53 -13.57 -17.48
C LEU B 67 18.34 -13.96 -18.93
N GLY B 68 17.21 -13.53 -19.52
CA GLY B 68 16.90 -13.80 -20.90
C GLY B 68 16.16 -15.12 -21.11
N SER B 69 15.97 -15.88 -20.03
CA SER B 69 15.25 -17.15 -20.11
C SER B 69 13.77 -16.89 -20.41
N VAL B 70 13.08 -17.94 -20.86
CA VAL B 70 11.66 -17.86 -21.11
C VAL B 70 10.93 -17.39 -19.84
N TRP B 71 11.29 -17.98 -18.70
CA TRP B 71 10.61 -17.67 -17.44
C TRP B 71 10.88 -16.25 -16.97
N ARG B 72 12.08 -15.72 -17.21
CA ARG B 72 12.41 -14.37 -16.76
C ARG B 72 11.80 -13.33 -17.68
N ARG B 73 11.69 -13.63 -18.99
CA ARG B 73 11.23 -12.66 -19.96
C ARG B 73 9.71 -12.61 -20.06
N MET B 74 9.04 -13.68 -19.59
CA MET B 74 7.60 -13.81 -19.67
C MET B 74 6.93 -12.62 -18.98
N ASP B 75 5.84 -12.11 -19.57
CA ASP B 75 5.04 -11.10 -18.89
C ASP B 75 4.56 -11.67 -17.55
N ALA B 76 4.55 -10.83 -16.51
CA ALA B 76 4.01 -11.24 -15.23
C ALA B 76 2.60 -11.80 -15.38
N SER B 77 1.78 -11.16 -16.22
CA SER B 77 0.41 -11.59 -16.45
C SER B 77 0.37 -13.03 -16.97
N GLU B 78 1.41 -13.42 -17.71
CA GLU B 78 1.48 -14.76 -18.29
C GLU B 78 1.92 -15.78 -17.25
N ARG B 79 2.76 -15.38 -16.28
CA ARG B 79 3.01 -16.25 -15.13
C ARG B 79 1.68 -16.52 -14.43
N GLY B 80 0.86 -15.47 -14.28
CA GLY B 80 -0.47 -15.60 -13.71
C GLY B 80 -1.32 -16.60 -14.47
N ARG B 81 -1.34 -16.50 -15.81
CA ARG B 81 -2.16 -17.37 -16.63
C ARG B 81 -1.76 -18.83 -16.42
N LEU B 82 -0.46 -19.10 -16.25
CA LEU B 82 0.02 -20.45 -16.02
C LEU B 82 -0.51 -21.01 -14.69
N LEU B 83 -0.53 -20.18 -13.65
CA LEU B 83 -1.09 -20.62 -12.37
C LEU B 83 -2.58 -20.90 -12.52
N ASP B 84 -3.30 -20.10 -13.31
CA ASP B 84 -4.72 -20.32 -13.52
CA ASP B 84 -4.71 -20.30 -13.56
C ASP B 84 -4.92 -21.62 -14.31
N LYS B 85 -4.05 -21.89 -15.27
CA LYS B 85 -4.13 -23.13 -16.04
C LYS B 85 -3.93 -24.33 -15.11
N LEU B 86 -2.95 -24.24 -14.22
CA LEU B 86 -2.69 -25.30 -13.27
C LEU B 86 -3.94 -25.54 -12.40
N ALA B 87 -4.63 -24.48 -12.00
CA ALA B 87 -5.85 -24.63 -11.22
C ALA B 87 -6.92 -25.34 -12.05
N ASP B 88 -7.04 -24.97 -13.32
CA ASP B 88 -7.98 -25.64 -14.23
C ASP B 88 -7.71 -27.14 -14.27
N LEU B 89 -6.43 -27.53 -14.35
CA LEU B 89 -6.05 -28.93 -14.49
C LEU B 89 -6.32 -29.67 -13.18
N VAL B 90 -6.05 -29.05 -12.04
CA VAL B 90 -6.34 -29.67 -10.75
C VAL B 90 -7.84 -29.89 -10.61
N GLU B 91 -8.65 -28.91 -11.06
CA GLU B 91 -10.10 -29.04 -11.01
CA GLU B 91 -10.10 -29.04 -11.01
C GLU B 91 -10.54 -30.22 -11.87
N ARG B 92 -9.98 -30.33 -13.08
CA ARG B 92 -10.29 -31.44 -13.97
C ARG B 92 -10.01 -32.77 -13.26
N ASP B 93 -8.87 -32.85 -12.56
CA ASP B 93 -8.39 -34.10 -12.00
C ASP B 93 -8.62 -34.14 -10.49
N ARG B 94 -9.67 -33.44 -10.03
CA ARG B 94 -9.93 -33.26 -8.61
C ARG B 94 -10.16 -34.60 -7.90
N ALA B 95 -10.99 -35.46 -8.49
CA ALA B 95 -11.31 -36.75 -7.87
C ALA B 95 -10.06 -37.64 -7.81
N VAL B 96 -9.26 -37.64 -8.87
CA VAL B 96 -8.04 -38.43 -8.92
C VAL B 96 -7.10 -38.01 -7.80
N LEU B 97 -6.87 -36.70 -7.68
CA LEU B 97 -5.94 -36.17 -6.71
C LEU B 97 -6.45 -36.39 -5.28
N ALA B 98 -7.76 -36.22 -5.07
CA ALA B 98 -8.35 -36.47 -3.76
C ALA B 98 -8.24 -37.95 -3.40
N THR B 99 -8.44 -38.84 -4.38
CA THR B 99 -8.28 -40.28 -4.15
C THR B 99 -6.85 -40.58 -3.73
N MET B 100 -5.89 -39.93 -4.41
CA MET B 100 -4.47 -40.14 -4.16
C MET B 100 -4.12 -39.66 -2.75
N GLU B 101 -4.67 -38.51 -2.35
CA GLU B 101 -4.45 -37.97 -1.02
C GLU B 101 -5.04 -38.89 0.05
N SER B 102 -6.19 -39.51 -0.28
CA SER B 102 -6.87 -40.42 0.63
C SER B 102 -6.06 -41.70 0.79
N LEU B 103 -5.68 -42.32 -0.34
CA LEU B 103 -4.94 -43.57 -0.37
C LEU B 103 -3.60 -43.43 0.36
N ASN B 104 -2.88 -42.35 0.04
CA ASN B 104 -1.50 -42.17 0.47
C ASN B 104 -1.47 -41.54 1.87
N GLY B 105 -2.36 -40.58 2.13
CA GLY B 105 -2.28 -39.74 3.31
C GLY B 105 -3.18 -40.18 4.46
N GLY B 106 -4.14 -41.09 4.19
CA GLY B 106 -5.09 -41.52 5.19
C GLY B 106 -6.27 -40.58 5.36
N LYS B 107 -6.38 -39.55 4.50
CA LYS B 107 -7.44 -38.56 4.62
C LYS B 107 -8.75 -39.14 4.11
N PRO B 108 -9.86 -39.01 4.86
CA PRO B 108 -11.17 -39.38 4.32
C PRO B 108 -11.37 -38.70 2.97
N PHE B 109 -11.82 -39.48 1.97
CA PHE B 109 -11.86 -39.03 0.59
C PHE B 109 -12.69 -37.74 0.44
N LEU B 110 -13.87 -37.71 1.06
CA LEU B 110 -14.76 -36.58 0.88
C LEU B 110 -14.15 -35.30 1.46
N GLN B 111 -13.41 -35.44 2.56
CA GLN B 111 -12.74 -34.32 3.18
C GLN B 111 -11.57 -33.84 2.32
N ALA B 112 -10.79 -34.79 1.77
CA ALA B 112 -9.74 -34.44 0.84
C ALA B 112 -10.31 -33.70 -0.37
N PHE B 113 -11.48 -34.15 -0.84
CA PHE B 113 -12.09 -33.58 -2.03
C PHE B 113 -12.60 -32.17 -1.74
N TYR B 114 -13.28 -31.98 -0.60
CA TYR B 114 -13.98 -30.73 -0.34
C TYR B 114 -13.15 -29.73 0.47
N VAL B 115 -12.09 -30.19 1.14
CA VAL B 115 -11.23 -29.28 1.90
C VAL B 115 -9.90 -29.12 1.14
N ASP B 116 -9.05 -30.14 1.16
CA ASP B 116 -7.71 -30.01 0.62
C ASP B 116 -7.75 -29.54 -0.84
N LEU B 117 -8.55 -30.20 -1.68
CA LEU B 117 -8.50 -29.89 -3.11
C LEU B 117 -9.12 -28.52 -3.37
N GLN B 118 -10.15 -28.14 -2.60
CA GLN B 118 -10.69 -26.79 -2.72
C GLN B 118 -9.58 -25.77 -2.42
N GLY B 119 -8.81 -26.01 -1.36
CA GLY B 119 -7.73 -25.12 -0.98
C GLY B 119 -6.65 -25.02 -2.06
N VAL B 120 -6.31 -26.14 -2.68
CA VAL B 120 -5.33 -26.15 -3.75
C VAL B 120 -5.79 -25.25 -4.89
N ILE B 121 -7.03 -25.46 -5.35
CA ILE B 121 -7.57 -24.74 -6.49
C ILE B 121 -7.65 -23.26 -6.17
N LYS B 122 -8.16 -22.93 -4.97
CA LYS B 122 -8.32 -21.54 -4.58
C LYS B 122 -6.96 -20.85 -4.43
N THR B 123 -5.95 -21.57 -3.94
CA THR B 123 -4.62 -21.00 -3.79
C THR B 123 -4.04 -20.62 -5.15
N PHE B 124 -4.14 -21.53 -6.13
CA PHE B 124 -3.59 -21.25 -7.45
C PHE B 124 -4.35 -20.11 -8.11
N ARG B 125 -5.68 -20.10 -7.98
CA ARG B 125 -6.48 -19.04 -8.61
C ARG B 125 -6.18 -17.69 -7.97
N TYR B 126 -5.97 -17.67 -6.65
CA TYR B 126 -5.68 -16.44 -5.95
C TYR B 126 -4.36 -15.84 -6.42
N TYR B 127 -3.30 -16.65 -6.42
CA TYR B 127 -1.98 -16.14 -6.78
C TYR B 127 -1.86 -15.90 -8.28
N ALA B 128 -2.67 -16.57 -9.12
CA ALA B 128 -2.74 -16.22 -10.53
C ALA B 128 -3.00 -14.73 -10.68
N GLY B 129 -3.83 -14.17 -9.80
CA GLY B 129 -4.23 -12.78 -9.89
C GLY B 129 -3.17 -11.79 -9.40
N TRP B 130 -2.22 -12.25 -8.56
CA TRP B 130 -1.23 -11.36 -7.97
C TRP B 130 -0.07 -11.03 -8.91
N ALA B 131 0.21 -11.91 -9.88
CA ALA B 131 1.51 -11.88 -10.54
C ALA B 131 1.81 -10.51 -11.14
N ASP B 132 0.83 -9.89 -11.80
CA ASP B 132 1.06 -8.62 -12.47
C ASP B 132 0.59 -7.44 -11.62
N LYS B 133 0.44 -7.68 -10.30
CA LYS B 133 0.01 -6.66 -9.36
C LYS B 133 1.01 -6.52 -8.21
N ILE B 134 2.20 -7.10 -8.37
CA ILE B 134 3.29 -6.91 -7.42
C ILE B 134 3.99 -5.61 -7.79
N HIS B 135 3.88 -4.60 -6.93
CA HIS B 135 4.37 -3.28 -7.26
C HIS B 135 5.54 -2.89 -6.36
N GLY B 136 6.54 -2.24 -6.95
CA GLY B 136 7.51 -1.50 -6.16
C GLY B 136 7.01 -0.07 -5.95
N MET B 137 7.90 0.83 -5.50
CA MET B 137 7.48 2.18 -5.20
C MET B 137 8.41 3.20 -5.85
N THR B 138 7.91 4.42 -5.99
CA THR B 138 8.74 5.59 -6.27
C THR B 138 8.71 6.47 -5.02
N ILE B 139 9.86 7.05 -4.69
CA ILE B 139 10.08 7.57 -3.35
C ILE B 139 10.59 9.00 -3.43
N PRO B 140 9.97 9.96 -2.69
CA PRO B 140 10.39 11.36 -2.72
C PRO B 140 11.57 11.62 -1.80
N VAL B 141 12.72 11.07 -2.18
CA VAL B 141 13.92 11.13 -1.36
C VAL B 141 14.46 12.56 -1.32
N ASP B 142 15.23 12.86 -0.27
CA ASP B 142 15.99 14.09 -0.21
C ASP B 142 17.01 14.15 -1.35
N GLY B 143 17.31 15.35 -1.83
CA GLY B 143 18.35 15.58 -2.81
C GLY B 143 17.84 15.45 -4.25
N ASP B 144 18.74 15.73 -5.21
CA ASP B 144 18.40 15.74 -6.62
C ASP B 144 18.50 14.33 -7.18
N TYR B 145 17.53 13.49 -6.80
CA TYR B 145 17.50 12.10 -7.21
C TYR B 145 16.09 11.69 -7.57
N PHE B 146 16.03 10.70 -8.47
CA PHE B 146 14.84 9.91 -8.73
C PHE B 146 15.11 8.52 -8.18
N THR B 147 14.28 8.09 -7.22
CA THR B 147 14.47 6.80 -6.56
C THR B 147 13.23 5.95 -6.74
N PHE B 148 13.43 4.69 -7.13
CA PHE B 148 12.35 3.73 -7.25
C PHE B 148 12.85 2.37 -6.75
N THR B 149 11.90 1.46 -6.48
CA THR B 149 12.27 0.11 -6.11
C THR B 149 11.78 -0.86 -7.19
N ARG B 150 12.57 -1.92 -7.38
CA ARG B 150 12.22 -3.07 -8.18
C ARG B 150 12.06 -4.25 -7.24
N HIS B 151 10.90 -4.92 -7.30
CA HIS B 151 10.68 -6.14 -6.56
C HIS B 151 10.96 -7.26 -7.56
N GLU B 152 12.05 -7.99 -7.31
CA GLU B 152 12.50 -9.03 -8.21
C GLU B 152 12.31 -10.37 -7.53
N PRO B 153 12.15 -11.48 -8.29
CA PRO B 153 12.23 -12.80 -7.69
C PRO B 153 13.60 -12.97 -7.06
N ILE B 154 13.66 -13.73 -5.96
CA ILE B 154 14.92 -13.97 -5.27
C ILE B 154 15.81 -14.87 -6.12
N GLY B 155 15.23 -15.93 -6.67
CA GLY B 155 15.98 -16.89 -7.46
C GLY B 155 15.51 -18.32 -7.22
N VAL B 156 16.45 -19.20 -6.88
CA VAL B 156 16.15 -20.62 -6.70
C VAL B 156 15.69 -20.82 -5.26
N CYS B 157 14.44 -21.29 -5.13
CA CYS B 157 13.82 -21.48 -3.84
C CYS B 157 13.69 -22.96 -3.53
N GLY B 158 14.28 -23.39 -2.42
CA GLY B 158 14.12 -24.74 -1.90
C GLY B 158 12.91 -24.81 -0.98
N GLN B 159 12.07 -25.83 -1.16
CA GLN B 159 10.86 -25.95 -0.37
C GLN B 159 10.73 -27.39 0.14
N ILE B 160 10.42 -27.51 1.44
CA ILE B 160 10.28 -28.80 2.10
C ILE B 160 8.91 -28.81 2.76
N ILE B 161 8.10 -29.82 2.42
CA ILE B 161 6.71 -29.84 2.85
C ILE B 161 6.41 -31.16 3.57
N PRO B 162 5.41 -31.11 4.47
CA PRO B 162 5.10 -32.23 5.36
C PRO B 162 4.08 -33.22 4.81
N TRP B 163 3.83 -34.29 5.58
CA TRP B 163 2.97 -35.40 5.16
C TRP B 163 1.52 -35.21 5.59
N ASN B 164 1.20 -34.16 6.37
CA ASN B 164 -0.13 -34.04 6.95
C ASN B 164 -1.10 -33.37 5.98
N PHE B 165 -0.58 -32.54 5.06
CA PHE B 165 -1.34 -31.92 3.99
C PHE B 165 -0.50 -31.94 2.73
N PRO B 166 -0.21 -33.12 2.13
CA PRO B 166 0.80 -33.20 1.06
C PRO B 166 0.52 -32.27 -0.11
N LEU B 167 -0.68 -32.36 -0.70
CA LEU B 167 -0.95 -31.58 -1.91
C LEU B 167 -1.22 -30.12 -1.56
N LEU B 168 -1.95 -29.87 -0.47
CA LEU B 168 -2.28 -28.50 -0.12
C LEU B 168 -1.02 -27.71 0.20
N MET B 169 -0.09 -28.31 0.94
CA MET B 169 1.16 -27.63 1.27
C MET B 169 2.02 -27.43 0.02
N PHE B 170 1.95 -28.37 -0.93
CA PHE B 170 2.63 -28.19 -2.21
C PHE B 170 2.13 -26.90 -2.87
N ALA B 171 0.81 -26.71 -2.90
CA ALA B 171 0.21 -25.52 -3.50
C ALA B 171 0.59 -24.27 -2.71
N TRP B 172 0.49 -24.33 -1.37
CA TRP B 172 0.86 -23.20 -0.52
C TRP B 172 2.26 -22.71 -0.82
N LYS B 173 3.19 -23.63 -1.12
CA LYS B 173 4.58 -23.30 -1.38
C LYS B 173 4.77 -22.79 -2.80
N ILE B 174 4.34 -23.55 -3.80
CA ILE B 174 4.82 -23.20 -5.15
C ILE B 174 4.07 -21.97 -5.67
N ALA B 175 2.82 -21.75 -5.23
CA ALA B 175 2.00 -20.71 -5.83
C ALA B 175 2.65 -19.34 -5.64
N PRO B 176 2.97 -18.89 -4.40
CA PRO B 176 3.59 -17.58 -4.23
C PRO B 176 4.99 -17.50 -4.86
N ALA B 177 5.75 -18.59 -4.79
CA ALA B 177 7.08 -18.62 -5.37
C ALA B 177 7.01 -18.33 -6.87
N LEU B 178 6.10 -19.02 -7.55
CA LEU B 178 5.97 -18.88 -8.99
C LEU B 178 5.34 -17.53 -9.33
N CYS B 179 4.35 -17.13 -8.53
CA CYS B 179 3.72 -15.82 -8.68
C CYS B 179 4.78 -14.72 -8.83
N CYS B 180 5.82 -14.77 -7.97
CA CYS B 180 6.87 -13.77 -7.94
C CYS B 180 7.97 -13.98 -8.98
N GLY B 181 7.97 -15.15 -9.65
CA GLY B 181 8.89 -15.39 -10.75
C GLY B 181 10.15 -16.18 -10.36
N ASN B 182 10.11 -16.85 -9.20
CA ASN B 182 11.20 -17.70 -8.76
C ASN B 182 11.17 -19.03 -9.51
N THR B 183 12.24 -19.82 -9.34
CA THR B 183 12.23 -21.22 -9.70
C THR B 183 12.34 -22.04 -8.42
N VAL B 184 11.95 -23.32 -8.50
CA VAL B 184 11.62 -24.10 -7.32
C VAL B 184 12.29 -25.48 -7.37
N VAL B 185 12.85 -25.87 -6.23
CA VAL B 185 13.23 -27.24 -5.96
C VAL B 185 12.44 -27.67 -4.72
N ILE B 186 11.46 -28.56 -4.89
CA ILE B 186 10.54 -28.89 -3.82
C ILE B 186 10.64 -30.38 -3.49
N LYS B 187 10.70 -30.66 -2.18
CA LYS B 187 10.87 -32.02 -1.68
C LYS B 187 9.63 -32.38 -0.86
N PRO B 188 8.73 -33.25 -1.37
CA PRO B 188 7.62 -33.76 -0.58
C PRO B 188 8.12 -34.68 0.52
N ALA B 189 7.27 -34.91 1.53
CA ALA B 189 7.57 -35.86 2.59
C ALA B 189 7.72 -37.27 2.02
N GLU B 190 8.67 -38.04 2.57
CA GLU B 190 8.89 -39.40 2.12
C GLU B 190 7.62 -40.24 2.26
N GLN B 191 6.78 -39.95 3.26
CA GLN B 191 5.56 -40.71 3.46
C GLN B 191 4.57 -40.49 2.32
N THR B 192 4.58 -39.27 1.74
CA THR B 192 3.48 -38.82 0.90
C THR B 192 3.98 -38.08 -0.34
N PRO B 193 4.75 -38.72 -1.24
CA PRO B 193 5.21 -38.05 -2.45
C PRO B 193 4.27 -38.04 -3.65
N LEU B 194 3.19 -38.82 -3.61
CA LEU B 194 2.53 -39.23 -4.85
C LEU B 194 1.80 -38.07 -5.50
N SER B 195 1.03 -37.30 -4.72
CA SER B 195 0.25 -36.22 -5.32
C SER B 195 1.18 -35.13 -5.85
N ALA B 196 2.34 -34.93 -5.21
CA ALA B 196 3.31 -33.96 -5.69
C ALA B 196 3.82 -34.37 -7.07
N LEU B 197 4.10 -35.67 -7.25
CA LEU B 197 4.62 -36.13 -8.53
C LEU B 197 3.54 -36.00 -9.60
N TYR B 198 2.28 -36.27 -9.26
CA TYR B 198 1.20 -36.07 -10.21
C TYR B 198 1.15 -34.61 -10.64
N MET B 199 1.43 -33.69 -9.70
CA MET B 199 1.44 -32.27 -10.03
C MET B 199 2.54 -31.94 -11.04
N GLY B 200 3.66 -32.68 -11.01
CA GLY B 200 4.68 -32.56 -12.02
C GLY B 200 4.11 -32.77 -13.43
N ALA B 201 3.28 -33.79 -13.58
CA ALA B 201 2.65 -34.08 -14.86
C ALA B 201 1.74 -32.91 -15.28
N LEU B 202 1.00 -32.33 -14.31
CA LEU B 202 0.12 -31.21 -14.62
C LEU B 202 0.91 -29.94 -14.92
N ILE B 203 2.05 -29.76 -14.25
CA ILE B 203 2.93 -28.62 -14.50
C ILE B 203 3.44 -28.66 -15.94
N LYS B 204 3.84 -29.85 -16.40
CA LYS B 204 4.31 -30.00 -17.76
C LYS B 204 3.16 -29.73 -18.72
N GLU B 205 1.97 -30.26 -18.40
CA GLU B 205 0.80 -30.11 -19.25
C GLU B 205 0.38 -28.64 -19.35
N ALA B 206 0.49 -27.89 -18.24
CA ALA B 206 0.09 -26.49 -18.18
C ALA B 206 1.01 -25.63 -19.05
N GLY B 207 2.25 -26.07 -19.24
CA GLY B 207 3.21 -25.41 -20.11
C GLY B 207 4.22 -24.54 -19.36
N PHE B 208 4.51 -24.83 -18.09
CA PHE B 208 5.59 -24.15 -17.41
C PHE B 208 6.91 -24.47 -18.10
N PRO B 209 7.84 -23.50 -18.28
CA PRO B 209 9.14 -23.78 -18.88
C PRO B 209 9.91 -24.83 -18.08
N PRO B 210 10.75 -25.65 -18.73
CA PRO B 210 11.50 -26.68 -18.04
C PRO B 210 12.43 -26.08 -16.98
N GLY B 211 12.44 -26.70 -15.80
CA GLY B 211 13.34 -26.32 -14.73
C GLY B 211 12.73 -25.31 -13.77
N VAL B 212 11.54 -24.80 -14.07
CA VAL B 212 10.91 -23.81 -13.22
C VAL B 212 10.40 -24.48 -11.93
N ILE B 213 9.84 -25.69 -12.04
CA ILE B 213 9.51 -26.49 -10.88
C ILE B 213 10.17 -27.86 -11.01
N ASN B 214 10.93 -28.24 -9.97
CA ASN B 214 11.59 -29.54 -9.92
C ASN B 214 11.14 -30.22 -8.63
N ILE B 215 10.76 -31.50 -8.72
CA ILE B 215 10.13 -32.20 -7.62
C ILE B 215 10.98 -33.42 -7.26
N LEU B 216 11.49 -33.44 -6.02
CA LEU B 216 12.54 -34.33 -5.57
C LEU B 216 12.04 -35.18 -4.40
N PRO B 217 11.40 -36.34 -4.64
CA PRO B 217 10.97 -37.21 -3.54
C PRO B 217 12.17 -37.89 -2.88
N GLY B 218 12.12 -38.02 -1.55
CA GLY B 218 13.23 -38.56 -0.79
C GLY B 218 13.10 -38.29 0.70
N TYR B 219 14.15 -38.64 1.46
CA TYR B 219 14.14 -38.56 2.92
C TYR B 219 14.70 -37.22 3.37
N GLY B 220 14.46 -36.89 4.65
CA GLY B 220 14.81 -35.60 5.22
C GLY B 220 16.31 -35.43 5.44
N PRO B 221 16.98 -36.39 6.14
CA PRO B 221 18.43 -36.32 6.35
C PRO B 221 19.30 -36.31 5.10
N THR B 222 18.74 -36.76 3.96
CA THR B 222 19.47 -36.84 2.71
C THR B 222 19.07 -35.68 1.80
N ALA B 223 17.89 -35.78 1.18
CA ALA B 223 17.42 -34.79 0.21
C ALA B 223 17.12 -33.46 0.91
N GLY B 224 16.42 -33.52 2.05
CA GLY B 224 16.06 -32.33 2.80
C GLY B 224 17.29 -31.55 3.25
N ALA B 225 18.25 -32.26 3.86
CA ALA B 225 19.48 -31.65 4.36
C ALA B 225 20.27 -31.03 3.21
N ALA B 226 20.29 -31.70 2.05
CA ALA B 226 21.03 -31.21 0.89
C ALA B 226 20.45 -29.87 0.43
N ILE B 227 19.13 -29.72 0.46
CA ILE B 227 18.47 -28.47 0.09
C ILE B 227 18.84 -27.39 1.11
N ALA B 228 18.80 -27.74 2.41
CA ALA B 228 19.02 -26.78 3.48
C ALA B 228 20.43 -26.17 3.42
N SER B 229 21.42 -26.98 3.04
CA SER B 229 22.81 -26.55 3.08
C SER B 229 23.32 -26.12 1.70
N HIS B 230 22.48 -26.14 0.67
CA HIS B 230 22.95 -25.92 -0.69
C HIS B 230 23.37 -24.46 -0.87
N ILE B 231 24.57 -24.23 -1.43
CA ILE B 231 25.10 -22.87 -1.54
C ILE B 231 24.55 -22.18 -2.80
N GLY B 232 23.78 -22.91 -3.62
CA GLY B 232 23.21 -22.36 -4.85
C GLY B 232 21.70 -22.15 -4.75
N ILE B 233 21.14 -22.31 -3.55
CA ILE B 233 19.74 -22.05 -3.27
C ILE B 233 19.64 -20.74 -2.49
N ASP B 234 18.80 -19.82 -2.97
CA ASP B 234 18.75 -18.47 -2.44
C ASP B 234 17.83 -18.37 -1.22
N LYS B 235 16.83 -19.24 -1.15
CA LYS B 235 15.75 -19.10 -0.20
C LYS B 235 15.22 -20.48 0.11
N ILE B 236 14.89 -20.74 1.39
CA ILE B 236 14.27 -21.99 1.78
C ILE B 236 12.99 -21.69 2.54
N ALA B 237 11.96 -22.49 2.27
CA ALA B 237 10.72 -22.49 3.02
C ALA B 237 10.48 -23.90 3.52
N PHE B 238 10.22 -24.01 4.83
CA PHE B 238 10.06 -25.30 5.49
C PHE B 238 8.79 -25.27 6.34
N THR B 239 7.97 -26.32 6.18
CA THR B 239 6.84 -26.55 7.06
C THR B 239 7.04 -27.92 7.70
N GLY B 240 7.00 -27.95 9.04
CA GLY B 240 7.23 -29.17 9.79
C GLY B 240 7.37 -28.88 11.28
N SER B 241 8.08 -29.76 11.99
CA SER B 241 8.21 -29.63 13.43
C SER B 241 9.12 -28.47 13.78
N THR B 242 8.92 -27.91 14.98
CA THR B 242 9.77 -26.84 15.49
C THR B 242 11.21 -27.34 15.59
N GLU B 243 11.41 -28.60 16.00
CA GLU B 243 12.77 -29.11 16.21
C GLU B 243 13.55 -29.11 14.90
N VAL B 244 12.90 -29.47 13.77
CA VAL B 244 13.61 -29.51 12.50
C VAL B 244 13.75 -28.09 11.95
N GLY B 245 12.77 -27.23 12.22
CA GLY B 245 12.87 -25.82 11.89
C GLY B 245 14.15 -25.18 12.41
N LYS B 246 14.53 -25.52 13.65
CA LYS B 246 15.79 -25.04 14.23
C LYS B 246 16.98 -25.48 13.37
N LEU B 247 16.96 -26.74 12.91
CA LEU B 247 18.05 -27.28 12.11
C LEU B 247 18.13 -26.55 10.76
N ILE B 248 16.97 -26.21 10.18
CA ILE B 248 16.90 -25.49 8.92
C ILE B 248 17.58 -24.13 9.05
N GLN B 249 17.23 -23.38 10.11
CA GLN B 249 17.76 -22.04 10.29
CA GLN B 249 17.76 -22.04 10.33
C GLN B 249 19.28 -22.12 10.54
N GLU B 250 19.70 -23.09 11.36
CA GLU B 250 21.11 -23.32 11.63
C GLU B 250 21.86 -23.58 10.33
N ALA B 251 21.30 -24.43 9.47
CA ALA B 251 21.94 -24.84 8.23
C ALA B 251 22.05 -23.65 7.26
N ALA B 252 21.03 -22.78 7.25
CA ALA B 252 21.06 -21.59 6.41
C ALA B 252 22.21 -20.68 6.84
N GLY B 253 22.36 -20.50 8.16
CA GLY B 253 23.44 -19.71 8.72
C GLY B 253 24.82 -20.27 8.36
N ARG B 254 24.99 -21.58 8.49
CA ARG B 254 26.28 -22.22 8.26
C ARG B 254 26.67 -22.18 6.79
N SER B 255 25.68 -22.21 5.88
CA SER B 255 25.97 -22.37 4.46
C SER B 255 26.11 -21.01 3.77
N ASN B 256 25.02 -20.45 3.23
CA ASN B 256 25.11 -19.29 2.35
C ASN B 256 24.14 -18.18 2.76
N LEU B 257 23.63 -18.20 3.99
CA LEU B 257 22.73 -17.17 4.49
C LEU B 257 21.48 -17.07 3.60
N LYS B 258 21.03 -18.21 3.05
CA LYS B 258 19.78 -18.24 2.32
C LYS B 258 18.66 -17.73 3.22
N ARG B 259 17.69 -17.04 2.61
CA ARG B 259 16.55 -16.50 3.33
CA ARG B 259 16.56 -16.49 3.34
C ARG B 259 15.67 -17.65 3.80
N VAL B 260 15.12 -17.55 5.01
CA VAL B 260 14.42 -18.65 5.65
C VAL B 260 13.01 -18.23 6.07
N THR B 261 12.01 -19.02 5.66
CA THR B 261 10.71 -18.96 6.30
CA THR B 261 10.65 -18.99 6.16
C THR B 261 10.35 -20.34 6.83
N LEU B 262 9.68 -20.33 7.99
CA LEU B 262 9.35 -21.53 8.72
C LEU B 262 7.89 -21.48 9.17
N GLU B 263 7.18 -22.58 8.95
CA GLU B 263 5.83 -22.79 9.46
C GLU B 263 5.87 -24.04 10.33
N LEU B 264 5.77 -23.89 11.65
CA LEU B 264 6.16 -24.95 12.57
C LEU B 264 4.98 -25.37 13.44
N GLY B 265 5.28 -25.96 14.60
CA GLY B 265 4.27 -26.59 15.43
C GLY B 265 3.43 -25.58 16.21
N GLY B 266 2.46 -26.11 16.95
CA GLY B 266 1.63 -25.30 17.82
C GLY B 266 1.11 -26.09 19.02
N LYS B 267 0.61 -25.36 20.01
CA LYS B 267 -0.19 -25.91 21.08
C LYS B 267 -1.29 -24.90 21.37
N SER B 268 -2.20 -24.77 20.41
CA SER B 268 -2.99 -23.57 20.27
C SER B 268 -4.18 -23.56 21.23
N PRO B 269 -4.45 -22.41 21.87
CA PRO B 269 -5.58 -22.27 22.80
C PRO B 269 -6.88 -21.91 22.11
N ASN B 270 -7.96 -22.52 22.59
CA ASN B 270 -9.31 -22.25 22.14
C ASN B 270 -10.14 -21.90 23.38
N ILE B 271 -10.55 -20.64 23.50
CA ILE B 271 -11.10 -20.10 24.73
C ILE B 271 -12.61 -19.94 24.59
N ILE B 272 -13.36 -20.60 25.48
CA ILE B 272 -14.82 -20.63 25.41
C ILE B 272 -15.38 -19.91 26.63
N PHE B 273 -16.03 -18.76 26.41
CA PHE B 273 -16.74 -18.05 27.47
C PHE B 273 -18.17 -18.59 27.61
N ALA B 274 -18.78 -18.30 28.77
CA ALA B 274 -20.04 -18.89 29.17
C ALA B 274 -21.22 -18.41 28.33
N ASP B 275 -21.05 -17.36 27.52
CA ASP B 275 -22.15 -16.85 26.70
C ASP B 275 -22.17 -17.52 25.33
N ALA B 276 -21.18 -18.38 25.05
CA ALA B 276 -21.10 -19.05 23.75
C ALA B 276 -22.24 -20.05 23.57
N ASP B 277 -22.70 -20.20 22.33
CA ASP B 277 -23.66 -21.24 21.99
C ASP B 277 -22.94 -22.59 22.04
N LEU B 278 -23.44 -23.51 22.88
CA LEU B 278 -22.72 -24.75 23.15
C LEU B 278 -22.83 -25.72 21.97
N ASP B 279 -24.00 -25.81 21.33
CA ASP B 279 -24.12 -26.66 20.14
C ASP B 279 -22.99 -26.32 19.18
N TYR B 280 -22.81 -25.03 18.93
CA TYR B 280 -21.83 -24.54 17.96
C TYR B 280 -20.40 -24.68 18.50
N ALA B 281 -20.16 -24.17 19.71
CA ALA B 281 -18.81 -24.12 20.27
C ALA B 281 -18.26 -25.53 20.45
N VAL B 282 -19.09 -26.46 20.92
CA VAL B 282 -18.62 -27.83 21.14
C VAL B 282 -18.19 -28.45 19.81
N GLU B 283 -19.01 -28.27 18.76
CA GLU B 283 -18.69 -28.85 17.46
C GLU B 283 -17.43 -28.21 16.88
N GLN B 284 -17.31 -26.88 16.99
CA GLN B 284 -16.15 -26.18 16.46
C GLN B 284 -14.86 -26.61 17.18
N ALA B 285 -14.96 -26.78 18.50
CA ALA B 285 -13.80 -27.19 19.30
C ALA B 285 -13.44 -28.64 19.01
N HIS B 286 -14.45 -29.47 18.75
CA HIS B 286 -14.24 -30.86 18.37
C HIS B 286 -13.47 -30.92 17.06
N GLN B 287 -14.01 -30.29 16.01
CA GLN B 287 -13.34 -30.23 14.73
C GLN B 287 -11.97 -29.59 14.88
N GLY B 288 -11.90 -28.58 15.74
CA GLY B 288 -10.68 -27.81 15.95
C GLY B 288 -9.49 -28.68 16.38
N VAL B 289 -9.75 -29.81 17.04
CA VAL B 289 -8.67 -30.68 17.46
C VAL B 289 -8.63 -31.98 16.66
N PHE B 290 -9.79 -32.51 16.21
CA PHE B 290 -9.84 -33.81 15.56
C PHE B 290 -9.67 -33.74 14.04
N PHE B 291 -9.86 -32.57 13.43
CA PHE B 291 -9.77 -32.50 11.98
C PHE B 291 -8.45 -33.11 11.49
N ASN B 292 -8.53 -33.85 10.38
CA ASN B 292 -7.36 -34.40 9.70
C ASN B 292 -6.56 -35.30 10.64
N GLN B 293 -7.27 -36.17 11.37
CA GLN B 293 -6.67 -37.19 12.22
C GLN B 293 -5.87 -36.53 13.36
N GLY B 294 -6.21 -35.27 13.67
CA GLY B 294 -5.48 -34.51 14.68
C GLY B 294 -4.12 -34.02 14.18
N GLN B 295 -3.82 -34.25 12.89
CA GLN B 295 -2.50 -33.99 12.34
C GLN B 295 -2.49 -32.60 11.72
N CYS B 296 -2.77 -31.58 12.55
CA CYS B 296 -2.81 -30.20 12.10
C CYS B 296 -2.00 -29.35 13.06
N CYS B 297 -1.14 -28.49 12.51
CA CYS B 297 -0.40 -27.56 13.36
CA CYS B 297 -0.40 -27.51 13.29
C CYS B 297 -1.37 -26.55 13.98
N THR B 298 -2.55 -26.37 13.37
CA THR B 298 -3.57 -25.45 13.88
C THR B 298 -4.42 -26.08 14.98
N ALA B 299 -4.15 -27.33 15.39
CA ALA B 299 -5.05 -28.01 16.32
C ALA B 299 -5.28 -27.18 17.57
N GLY B 300 -6.56 -27.05 17.95
CA GLY B 300 -6.96 -26.38 19.18
C GLY B 300 -6.82 -27.33 20.37
N SER B 301 -5.56 -27.56 20.77
CA SER B 301 -5.20 -28.65 21.68
C SER B 301 -5.17 -28.18 23.13
N ARG B 302 -5.49 -26.91 23.41
CA ARG B 302 -5.77 -26.47 24.77
C ARG B 302 -7.10 -25.72 24.76
N ILE B 303 -8.19 -26.40 25.10
CA ILE B 303 -9.50 -25.77 25.15
C ILE B 303 -9.73 -25.28 26.58
N PHE B 304 -9.79 -23.96 26.76
CA PHE B 304 -10.05 -23.35 28.06
C PHE B 304 -11.53 -22.99 28.13
N VAL B 305 -12.26 -23.58 29.09
CA VAL B 305 -13.69 -23.36 29.20
C VAL B 305 -13.99 -22.65 30.52
N GLU B 306 -14.82 -21.60 30.45
CA GLU B 306 -15.20 -20.85 31.64
C GLU B 306 -15.91 -21.78 32.63
N GLU B 307 -15.60 -21.60 33.92
CA GLU B 307 -16.01 -22.50 34.99
C GLU B 307 -17.48 -22.90 34.88
N SER B 308 -18.37 -21.94 34.66
CA SER B 308 -19.80 -22.16 34.82
C SER B 308 -20.36 -23.08 33.74
N ILE B 309 -19.64 -23.25 32.63
CA ILE B 309 -20.09 -24.14 31.56
C ILE B 309 -19.13 -25.32 31.36
N TYR B 310 -18.10 -25.43 32.21
CA TYR B 310 -17.06 -26.43 32.01
C TYR B 310 -17.63 -27.85 32.02
N GLU B 311 -18.46 -28.19 33.02
CA GLU B 311 -18.91 -29.56 33.16
C GLU B 311 -19.79 -29.96 31.97
N GLU B 312 -20.67 -29.05 31.55
CA GLU B 312 -21.55 -29.32 30.41
C GLU B 312 -20.73 -29.42 29.14
N PHE B 313 -19.72 -28.58 28.98
CA PHE B 313 -18.89 -28.60 27.79
C PHE B 313 -18.19 -29.95 27.69
N VAL B 314 -17.67 -30.45 28.82
CA VAL B 314 -16.99 -31.74 28.83
C VAL B 314 -17.98 -32.84 28.45
N ARG B 315 -19.16 -32.85 29.07
CA ARG B 315 -20.17 -33.86 28.81
CA ARG B 315 -20.17 -33.87 28.81
C ARG B 315 -20.45 -33.94 27.32
N ARG B 316 -20.73 -32.77 26.72
CA ARG B 316 -21.09 -32.69 25.31
C ARG B 316 -19.92 -33.13 24.43
N SER B 317 -18.70 -32.74 24.81
CA SER B 317 -17.51 -33.07 24.04
C SER B 317 -17.28 -34.59 24.03
N VAL B 318 -17.49 -35.22 25.19
CA VAL B 318 -17.27 -36.66 25.32
C VAL B 318 -18.30 -37.41 24.47
N GLU B 319 -19.56 -36.96 24.53
CA GLU B 319 -20.63 -37.52 23.72
C GLU B 319 -20.24 -37.48 22.24
N ARG B 320 -19.72 -36.33 21.78
CA ARG B 320 -19.38 -36.14 20.39
C ARG B 320 -18.22 -37.07 19.98
N ALA B 321 -17.20 -37.18 20.82
CA ALA B 321 -16.04 -38.01 20.52
C ALA B 321 -16.43 -39.49 20.45
N LYS B 322 -17.38 -39.91 21.29
CA LYS B 322 -17.80 -41.29 21.35
C LYS B 322 -18.56 -41.70 20.08
N ARG B 323 -19.14 -40.72 19.36
CA ARG B 323 -19.92 -41.03 18.17
CA ARG B 323 -19.93 -40.99 18.17
C ARG B 323 -19.08 -40.83 16.91
N ARG B 324 -17.87 -40.28 17.06
CA ARG B 324 -17.00 -40.01 15.93
C ARG B 324 -16.60 -41.31 15.23
N VAL B 325 -16.87 -41.40 13.93
CA VAL B 325 -16.72 -42.63 13.17
C VAL B 325 -15.30 -42.71 12.61
N VAL B 326 -14.58 -43.75 13.04
CA VAL B 326 -13.24 -44.04 12.56
C VAL B 326 -13.36 -45.21 11.58
N GLY B 327 -12.68 -45.13 10.45
CA GLY B 327 -12.71 -46.23 9.50
C GLY B 327 -11.98 -45.94 8.19
N SER B 328 -12.34 -46.73 7.18
CA SER B 328 -11.70 -46.68 5.86
C SER B 328 -11.87 -45.30 5.27
N PRO B 329 -10.77 -44.62 4.87
CA PRO B 329 -10.87 -43.31 4.23
C PRO B 329 -11.78 -43.23 3.01
N PHE B 330 -11.95 -44.34 2.26
CA PHE B 330 -12.77 -44.33 1.07
C PHE B 330 -14.26 -44.40 1.41
N ASP B 331 -14.60 -44.84 2.62
CA ASP B 331 -15.99 -44.98 3.03
C ASP B 331 -16.57 -43.60 3.32
N PRO B 332 -17.68 -43.16 2.68
CA PRO B 332 -18.22 -41.82 2.90
C PRO B 332 -18.73 -41.55 4.31
N THR B 333 -18.96 -42.59 5.12
CA THR B 333 -19.37 -42.42 6.50
C THR B 333 -18.19 -42.15 7.43
N THR B 334 -16.96 -42.33 6.94
CA THR B 334 -15.76 -42.17 7.77
C THR B 334 -15.52 -40.69 8.06
N GLU B 335 -15.38 -40.37 9.35
CA GLU B 335 -14.99 -39.04 9.79
C GLU B 335 -13.47 -38.96 9.99
N GLN B 336 -12.88 -40.06 10.47
CA GLN B 336 -11.49 -40.07 10.90
C GLN B 336 -10.77 -41.28 10.28
N GLY B 337 -9.69 -40.99 9.55
CA GLY B 337 -8.83 -42.03 9.01
C GLY B 337 -7.73 -42.42 9.99
N PRO B 338 -6.67 -43.11 9.50
CA PRO B 338 -5.55 -43.53 10.33
C PRO B 338 -4.54 -42.40 10.49
N GLN B 339 -3.68 -42.55 11.51
CA GLN B 339 -2.47 -41.75 11.62
C GLN B 339 -1.51 -42.18 10.49
N ILE B 340 -0.48 -41.36 10.24
CA ILE B 340 0.30 -41.50 9.01
C ILE B 340 1.18 -42.74 9.03
N ASP B 341 1.73 -43.10 10.20
CA ASP B 341 2.68 -44.21 10.27
C ASP B 341 2.81 -44.69 11.71
N LYS B 342 3.60 -45.75 11.89
CA LYS B 342 3.74 -46.41 13.17
C LYS B 342 4.45 -45.50 14.17
N LYS B 343 5.46 -44.73 13.71
CA LYS B 343 6.21 -43.87 14.61
C LYS B 343 5.29 -42.81 15.22
N GLN B 344 4.42 -42.21 14.40
CA GLN B 344 3.49 -41.20 14.88
C GLN B 344 2.46 -41.86 15.81
N TYR B 345 1.94 -43.01 15.39
CA TYR B 345 0.99 -43.79 16.18
C TYR B 345 1.54 -44.01 17.59
N ASN B 346 2.79 -44.46 17.69
CA ASN B 346 3.41 -44.77 18.97
C ASN B 346 3.61 -43.50 19.80
N LYS B 347 4.00 -42.40 19.14
CA LYS B 347 4.21 -41.12 19.81
C LYS B 347 2.92 -40.64 20.46
N ILE B 348 1.80 -40.78 19.75
CA ILE B 348 0.49 -40.37 20.24
C ILE B 348 0.12 -41.19 21.47
N LEU B 349 0.28 -42.51 21.40
CA LEU B 349 -0.11 -43.39 22.49
C LEU B 349 0.75 -43.11 23.73
N GLU B 350 2.04 -42.80 23.54
CA GLU B 350 2.93 -42.52 24.66
C GLU B 350 2.46 -41.25 25.39
N LEU B 351 2.00 -40.25 24.63
CA LEU B 351 1.54 -39.01 25.24
C LEU B 351 0.20 -39.23 25.94
N ILE B 352 -0.67 -40.07 25.37
CA ILE B 352 -1.92 -40.43 26.04
C ILE B 352 -1.60 -41.07 27.40
N GLN B 353 -0.63 -41.99 27.41
CA GLN B 353 -0.25 -42.68 28.63
C GLN B 353 0.29 -41.68 29.66
N SER B 354 1.02 -40.66 29.20
CA SER B 354 1.54 -39.63 30.10
C SER B 354 0.40 -38.85 30.74
N GLY B 355 -0.65 -38.55 29.96
CA GLY B 355 -1.82 -37.85 30.48
C GLY B 355 -2.48 -38.62 31.63
N VAL B 356 -2.63 -39.93 31.45
CA VAL B 356 -3.20 -40.77 32.49
C VAL B 356 -2.29 -40.76 33.71
N ALA B 357 -0.98 -40.88 33.48
CA ALA B 357 -0.02 -40.96 34.57
C ALA B 357 0.02 -39.67 35.39
N GLU B 358 -0.16 -38.52 34.73
CA GLU B 358 -0.04 -37.22 35.39
C GLU B 358 -1.39 -36.74 35.92
N GLY B 359 -2.43 -37.57 35.81
CA GLY B 359 -3.67 -37.38 36.55
C GLY B 359 -4.75 -36.63 35.78
N ALA B 360 -4.60 -36.51 34.45
CA ALA B 360 -5.70 -36.02 33.64
C ALA B 360 -6.79 -37.09 33.60
N LYS B 361 -8.05 -36.65 33.49
CA LYS B 361 -9.18 -37.58 33.49
C LYS B 361 -9.45 -38.05 32.06
N LEU B 362 -9.15 -39.33 31.80
CA LEU B 362 -9.45 -39.95 30.52
C LEU B 362 -10.95 -40.24 30.45
N GLU B 363 -11.66 -39.44 29.63
CA GLU B 363 -13.10 -39.49 29.53
C GLU B 363 -13.53 -40.59 28.56
N CYS B 364 -12.77 -40.75 27.47
CA CYS B 364 -13.07 -41.76 26.47
C CYS B 364 -11.83 -42.01 25.62
N GLY B 365 -11.85 -43.12 24.88
CA GLY B 365 -10.75 -43.49 24.00
C GLY B 365 -9.50 -43.89 24.76
N GLY B 366 -8.34 -43.58 24.17
CA GLY B 366 -7.06 -43.75 24.83
C GLY B 366 -6.21 -44.87 24.22
N LYS B 367 -6.80 -45.66 23.30
CA LYS B 367 -6.16 -46.86 22.81
C LYS B 367 -6.16 -46.86 21.29
N GLY B 368 -5.23 -47.63 20.71
CA GLY B 368 -5.30 -47.97 19.31
C GLY B 368 -6.50 -48.86 19.03
N LEU B 369 -7.06 -48.73 17.82
CA LEU B 369 -8.06 -49.66 17.32
C LEU B 369 -7.32 -50.79 16.63
N GLY B 370 -7.42 -52.01 17.17
CA GLY B 370 -6.55 -53.11 16.79
C GLY B 370 -6.79 -53.61 15.36
N ARG B 371 -7.01 -52.68 14.43
CA ARG B 371 -7.25 -52.98 13.04
C ARG B 371 -5.93 -52.86 12.28
N LYS B 372 -5.92 -53.31 11.02
CA LYS B 372 -4.82 -52.99 10.12
C LYS B 372 -4.70 -51.47 10.05
N GLY B 373 -3.48 -50.99 9.75
CA GLY B 373 -3.23 -49.56 9.69
C GLY B 373 -3.04 -48.96 11.08
N PHE B 374 -3.10 -47.63 11.17
CA PHE B 374 -2.65 -46.91 12.36
C PHE B 374 -3.79 -46.06 12.92
N PHE B 375 -4.89 -46.72 13.30
CA PHE B 375 -6.07 -46.04 13.80
C PHE B 375 -6.04 -45.92 15.32
N ILE B 376 -6.44 -44.75 15.84
CA ILE B 376 -6.51 -44.51 17.27
C ILE B 376 -7.91 -44.02 17.64
N GLU B 377 -8.41 -44.49 18.78
CA GLU B 377 -9.72 -44.09 19.27
C GLU B 377 -9.74 -42.58 19.51
N PRO B 378 -10.83 -41.87 19.14
CA PRO B 378 -10.99 -40.47 19.54
C PRO B 378 -10.92 -40.36 21.06
N THR B 379 -10.00 -39.52 21.54
CA THR B 379 -9.63 -39.50 22.95
C THR B 379 -9.91 -38.12 23.53
N VAL B 380 -10.53 -38.08 24.72
CA VAL B 380 -10.81 -36.83 25.40
C VAL B 380 -10.25 -36.90 26.82
N PHE B 381 -9.45 -35.89 27.16
CA PHE B 381 -9.01 -35.65 28.53
C PHE B 381 -9.69 -34.39 29.07
N SER B 382 -10.19 -34.50 30.31
CA SER B 382 -10.63 -33.34 31.07
C SER B 382 -9.73 -33.16 32.28
N ASN B 383 -9.96 -32.08 33.04
CA ASN B 383 -9.18 -31.77 34.23
C ASN B 383 -7.69 -31.67 33.86
N VAL B 384 -7.41 -31.14 32.66
CA VAL B 384 -6.05 -30.94 32.21
C VAL B 384 -5.53 -29.66 32.87
N THR B 385 -4.25 -29.68 33.27
CA THR B 385 -3.62 -28.51 33.89
C THR B 385 -2.35 -28.19 33.10
N ASP B 386 -1.83 -26.98 33.34
CA ASP B 386 -0.90 -26.33 32.43
C ASP B 386 0.46 -27.02 32.40
N ASP B 387 0.85 -27.71 33.48
CA ASP B 387 2.21 -28.25 33.56
C ASP B 387 2.23 -29.73 33.16
N MET B 388 1.10 -30.29 32.71
CA MET B 388 1.07 -31.64 32.20
C MET B 388 1.77 -31.69 30.84
N ARG B 389 2.43 -32.81 30.55
CA ARG B 389 3.08 -32.99 29.25
C ARG B 389 2.07 -32.83 28.12
N ILE B 390 0.85 -33.36 28.30
CA ILE B 390 -0.15 -33.28 27.25
C ILE B 390 -0.63 -31.84 27.06
N ALA B 391 -0.41 -30.96 28.04
CA ALA B 391 -0.77 -29.56 27.90
C ALA B 391 0.36 -28.74 27.27
N LYS B 392 1.55 -29.33 27.12
CA LYS B 392 2.72 -28.59 26.67
C LYS B 392 3.20 -29.09 25.30
N GLU B 393 3.14 -30.41 25.07
CA GLU B 393 3.75 -31.02 23.91
C GLU B 393 2.68 -31.25 22.83
N GLU B 394 3.05 -30.99 21.58
CA GLU B 394 2.16 -31.20 20.44
C GLU B 394 1.98 -32.70 20.25
N ILE B 395 0.71 -33.16 20.29
CA ILE B 395 0.40 -34.58 20.21
C ILE B 395 0.25 -35.01 18.75
N PHE B 396 -0.44 -34.21 17.94
CA PHE B 396 -0.60 -34.45 16.51
C PHE B 396 -1.40 -35.73 16.29
N GLY B 397 -2.41 -35.95 17.13
CA GLY B 397 -3.29 -37.09 17.02
C GLY B 397 -4.67 -36.77 17.57
N PRO B 398 -5.61 -37.74 17.59
CA PRO B 398 -7.00 -37.48 17.96
C PRO B 398 -7.17 -37.44 19.47
N VAL B 399 -6.63 -36.39 20.08
CA VAL B 399 -6.60 -36.24 21.53
C VAL B 399 -7.00 -34.82 21.88
N GLN B 400 -8.17 -34.70 22.51
CA GLN B 400 -8.73 -33.42 22.93
C GLN B 400 -8.40 -33.20 24.40
N GLU B 401 -8.03 -31.98 24.76
CA GLU B 401 -7.73 -31.61 26.13
CA GLU B 401 -7.80 -31.66 26.16
C GLU B 401 -8.60 -30.43 26.53
N ILE B 402 -9.28 -30.54 27.68
CA ILE B 402 -10.20 -29.52 28.15
C ILE B 402 -9.72 -29.04 29.52
N LEU B 403 -9.49 -27.73 29.60
CA LEU B 403 -9.05 -27.03 30.80
C LEU B 403 -10.16 -26.09 31.24
N ARG B 404 -10.08 -25.61 32.49
CA ARG B 404 -11.06 -24.69 33.03
C ARG B 404 -10.37 -23.39 33.44
N PHE B 405 -11.11 -22.27 33.31
CA PHE B 405 -10.64 -20.97 33.77
C PHE B 405 -11.79 -20.19 34.39
N LYS B 406 -11.42 -19.16 35.17
CA LYS B 406 -12.40 -18.31 35.84
C LYS B 406 -12.42 -16.90 35.22
N THR B 407 -11.25 -16.27 35.05
CA THR B 407 -11.23 -14.87 34.64
C THR B 407 -10.55 -14.70 33.28
N MET B 408 -10.88 -13.58 32.63
CA MET B 408 -10.31 -13.26 31.34
C MET B 408 -8.80 -13.00 31.47
N ASP B 409 -8.38 -12.25 32.50
CA ASP B 409 -6.96 -11.98 32.69
C ASP B 409 -6.20 -13.29 32.89
N GLU B 410 -6.77 -14.22 33.66
CA GLU B 410 -6.18 -15.53 33.90
C GLU B 410 -5.98 -16.28 32.58
N VAL B 411 -7.03 -16.38 31.77
CA VAL B 411 -6.97 -17.25 30.61
C VAL B 411 -6.05 -16.65 29.55
N ILE B 412 -5.97 -15.31 29.45
CA ILE B 412 -5.03 -14.68 28.54
C ILE B 412 -3.61 -15.09 28.92
N GLU B 413 -3.29 -15.01 30.22
CA GLU B 413 -1.94 -15.33 30.69
C GLU B 413 -1.60 -16.78 30.39
N ARG B 414 -2.54 -17.69 30.70
CA ARG B 414 -2.30 -19.11 30.53
C ARG B 414 -2.23 -19.48 29.05
N ALA B 415 -3.08 -18.86 28.22
CA ALA B 415 -3.08 -19.13 26.79
C ALA B 415 -1.74 -18.74 26.18
N ASN B 416 -1.18 -17.61 26.63
CA ASN B 416 0.05 -17.07 26.05
C ASN B 416 1.30 -17.70 26.66
N ASN B 417 1.15 -18.48 27.74
CA ASN B 417 2.28 -19.07 28.42
C ASN B 417 2.72 -20.32 27.66
N SER B 418 3.43 -20.09 26.55
CA SER B 418 3.79 -21.15 25.62
C SER B 418 4.93 -20.64 24.73
N ASP B 419 5.80 -21.56 24.28
CA ASP B 419 6.82 -21.25 23.30
C ASP B 419 6.21 -21.21 21.90
N PHE B 420 5.00 -21.79 21.76
CA PHE B 420 4.28 -21.80 20.51
C PHE B 420 3.37 -20.58 20.42
N GLY B 421 2.91 -20.28 19.21
CA GLY B 421 1.96 -19.19 18.99
C GLY B 421 1.44 -19.18 17.56
N LEU B 422 0.91 -20.32 17.11
CA LEU B 422 0.50 -20.41 15.72
C LEU B 422 -0.89 -19.80 15.52
N VAL B 423 -1.88 -20.33 16.25
CA VAL B 423 -3.25 -19.82 16.16
C VAL B 423 -3.84 -19.76 17.57
N ALA B 424 -5.02 -19.16 17.66
CA ALA B 424 -5.79 -19.11 18.88
C ALA B 424 -7.23 -18.82 18.50
N ALA B 425 -8.17 -19.06 19.42
CA ALA B 425 -9.55 -18.71 19.16
C ALA B 425 -10.23 -18.28 20.45
N VAL B 426 -11.28 -17.47 20.29
CA VAL B 426 -12.12 -17.08 21.40
C VAL B 426 -13.58 -17.14 20.94
N PHE B 427 -14.42 -17.73 21.81
CA PHE B 427 -15.85 -17.83 21.58
C PHE B 427 -16.58 -17.02 22.65
N THR B 428 -17.17 -15.90 22.22
CA THR B 428 -17.99 -15.05 23.07
C THR B 428 -18.77 -14.10 22.17
N ASN B 429 -19.93 -13.65 22.64
CA ASN B 429 -20.69 -12.65 21.91
C ASN B 429 -20.39 -11.25 22.45
N ASP B 430 -19.60 -11.18 23.53
CA ASP B 430 -19.27 -9.91 24.16
C ASP B 430 -18.16 -9.24 23.37
N ILE B 431 -18.47 -8.08 22.76
CA ILE B 431 -17.54 -7.43 21.85
C ILE B 431 -16.25 -7.05 22.60
N ASN B 432 -16.38 -6.54 23.83
CA ASN B 432 -15.21 -6.09 24.58
C ASN B 432 -14.29 -7.27 24.90
N LYS B 433 -14.85 -8.39 25.34
CA LYS B 433 -14.04 -9.56 25.68
C LYS B 433 -13.40 -10.12 24.40
N ALA B 434 -14.17 -10.18 23.31
CA ALA B 434 -13.67 -10.72 22.05
C ALA B 434 -12.44 -9.96 21.58
N LEU B 435 -12.53 -8.62 21.56
CA LEU B 435 -11.45 -7.80 21.05
C LEU B 435 -10.27 -7.76 22.04
N THR B 436 -10.55 -7.75 23.34
CA THR B 436 -9.48 -7.75 24.33
C THR B 436 -8.65 -9.03 24.22
N VAL B 437 -9.33 -10.18 24.17
CA VAL B 437 -8.67 -11.46 24.11
C VAL B 437 -7.91 -11.57 22.79
N SER B 438 -8.55 -11.23 21.66
CA SER B 438 -7.90 -11.42 20.37
C SER B 438 -6.68 -10.50 20.23
N SER B 439 -6.76 -9.28 20.76
CA SER B 439 -5.62 -8.37 20.72
C SER B 439 -4.47 -8.87 21.59
N ALA B 440 -4.77 -9.52 22.73
CA ALA B 440 -3.75 -9.95 23.68
C ALA B 440 -3.07 -11.25 23.27
N MET B 441 -3.69 -12.06 22.40
CA MET B 441 -3.13 -13.37 22.06
C MET B 441 -1.80 -13.20 21.35
N GLN B 442 -0.81 -14.01 21.73
CA GLN B 442 0.45 -14.06 21.02
C GLN B 442 0.37 -15.19 20.00
N ALA B 443 -0.39 -14.94 18.92
CA ALA B 443 -0.65 -15.94 17.90
C ALA B 443 -0.83 -15.26 16.55
N GLY B 444 -0.43 -15.95 15.48
CA GLY B 444 -0.42 -15.37 14.15
C GLY B 444 -1.81 -15.32 13.50
N THR B 445 -2.72 -16.20 13.92
CA THR B 445 -4.12 -16.12 13.54
C THR B 445 -4.96 -16.26 14.79
N VAL B 446 -5.92 -15.33 14.98
CA VAL B 446 -6.88 -15.45 16.05
C VAL B 446 -8.27 -15.49 15.42
N TRP B 447 -9.02 -16.56 15.74
CA TRP B 447 -10.41 -16.69 15.32
C TRP B 447 -11.33 -16.20 16.42
N ILE B 448 -12.38 -15.48 16.01
CA ILE B 448 -13.47 -15.11 16.91
C ILE B 448 -14.73 -15.82 16.44
N ASN B 449 -15.25 -16.69 17.32
CA ASN B 449 -16.49 -17.43 17.09
C ASN B 449 -16.39 -18.35 15.87
N CYS B 450 -15.20 -18.89 15.64
CA CYS B 450 -14.98 -19.94 14.66
C CYS B 450 -13.64 -20.58 14.95
N TYR B 451 -13.29 -21.62 14.19
CA TYR B 451 -12.00 -22.29 14.33
C TYR B 451 -11.62 -22.87 12.97
N ASN B 452 -10.32 -22.84 12.65
CA ASN B 452 -9.81 -23.42 11.41
C ASN B 452 -10.44 -22.77 10.19
N ALA B 453 -10.69 -21.45 10.26
CA ALA B 453 -11.18 -20.70 9.12
C ALA B 453 -9.99 -20.08 8.39
N LEU B 454 -9.51 -20.77 7.35
CA LEU B 454 -8.39 -20.29 6.56
CA LEU B 454 -8.39 -20.30 6.55
C LEU B 454 -8.88 -19.92 5.16
N ASN B 455 -8.23 -18.92 4.58
CA ASN B 455 -8.60 -18.41 3.27
CA ASN B 455 -8.60 -18.44 3.27
C ASN B 455 -7.34 -18.03 2.51
N ALA B 456 -7.42 -18.12 1.18
CA ALA B 456 -6.28 -17.80 0.33
C ALA B 456 -5.88 -16.33 0.50
N GLN B 457 -6.84 -15.48 0.88
CA GLN B 457 -6.63 -14.04 0.91
C GLN B 457 -5.95 -13.59 2.21
N SER B 458 -5.89 -14.46 3.24
CA SER B 458 -5.46 -14.00 4.55
CA SER B 458 -5.50 -14.05 4.58
C SER B 458 -4.14 -14.65 4.95
N PRO B 459 -3.16 -13.85 5.44
CA PRO B 459 -1.86 -14.39 5.82
C PRO B 459 -1.93 -15.28 7.05
N PHE B 460 -0.94 -16.18 7.14
CA PHE B 460 -0.94 -17.23 8.14
C PHE B 460 0.51 -17.52 8.53
N GLY B 461 0.76 -17.64 9.84
CA GLY B 461 2.08 -18.06 10.31
C GLY B 461 2.22 -17.86 11.81
N GLY B 462 3.41 -18.17 12.34
CA GLY B 462 3.59 -18.30 13.77
C GLY B 462 4.20 -17.06 14.42
N PHE B 463 3.75 -16.81 15.66
CA PHE B 463 4.52 -16.06 16.63
C PHE B 463 5.52 -17.02 17.30
N LYS B 464 6.55 -16.46 17.93
CA LYS B 464 7.47 -17.22 18.76
C LYS B 464 8.02 -18.41 17.96
N MET B 465 8.01 -19.61 18.56
CA MET B 465 8.70 -20.75 17.95
C MET B 465 7.77 -21.53 17.04
N SER B 466 6.60 -20.95 16.70
CA SER B 466 5.70 -21.54 15.72
C SER B 466 6.06 -21.13 14.29
N GLY B 467 7.07 -20.27 14.11
CA GLY B 467 7.55 -19.98 12.78
C GLY B 467 8.13 -18.58 12.63
N ASN B 468 8.60 -18.32 11.42
CA ASN B 468 8.99 -16.99 11.02
CA ASN B 468 9.11 -17.04 10.97
C ASN B 468 8.47 -16.74 9.61
N GLY B 469 7.92 -15.53 9.42
CA GLY B 469 7.35 -15.15 8.14
C GLY B 469 5.90 -15.57 8.02
N ARG B 470 5.27 -15.17 6.91
CA ARG B 470 3.86 -15.45 6.70
C ARG B 470 3.68 -16.08 5.32
N GLU B 471 2.67 -16.94 5.21
CA GLU B 471 2.23 -17.51 3.94
C GLU B 471 0.79 -17.07 3.69
N MET B 472 0.38 -17.13 2.41
CA MET B 472 -0.95 -16.80 1.95
C MET B 472 -1.18 -15.29 1.98
N GLY B 473 -2.24 -14.86 1.29
CA GLY B 473 -2.54 -13.44 1.14
C GLY B 473 -1.45 -12.68 0.37
N GLU B 474 -1.56 -11.36 0.40
CA GLU B 474 -0.53 -10.51 -0.16
C GLU B 474 0.81 -10.74 0.54
N PHE B 475 0.77 -10.88 1.87
CA PHE B 475 2.01 -10.89 2.64
C PHE B 475 2.85 -12.14 2.33
N GLY B 476 2.21 -13.24 1.93
CA GLY B 476 2.95 -14.42 1.52
C GLY B 476 3.97 -14.12 0.42
N LEU B 477 3.67 -13.13 -0.43
CA LEU B 477 4.55 -12.78 -1.54
C LEU B 477 5.83 -12.12 -1.06
N ARG B 478 5.80 -11.49 0.12
CA ARG B 478 6.93 -10.71 0.59
C ARG B 478 8.13 -11.60 0.89
N GLU B 479 7.88 -12.89 1.14
CA GLU B 479 8.96 -13.83 1.41
C GLU B 479 9.65 -14.28 0.11
N TYR B 480 9.08 -13.94 -1.06
CA TYR B 480 9.52 -14.51 -2.33
C TYR B 480 10.02 -13.45 -3.31
N SER B 481 10.23 -12.22 -2.85
CA SER B 481 10.85 -11.19 -3.67
C SER B 481 12.04 -10.58 -2.93
N GLU B 482 13.00 -10.08 -3.72
CA GLU B 482 14.11 -9.29 -3.23
C GLU B 482 13.86 -7.85 -3.65
N VAL B 483 14.09 -6.90 -2.74
CA VAL B 483 13.86 -5.49 -3.02
C VAL B 483 15.18 -4.86 -3.48
N LYS B 484 15.12 -4.16 -4.61
CA LYS B 484 16.25 -3.39 -5.11
C LYS B 484 15.83 -1.92 -5.18
N THR B 485 16.62 -1.06 -4.54
CA THR B 485 16.46 0.39 -4.67
C THR B 485 17.34 0.88 -5.81
N VAL B 486 16.76 1.66 -6.73
CA VAL B 486 17.53 2.30 -7.78
C VAL B 486 17.44 3.81 -7.58
N THR B 487 18.59 4.47 -7.47
CA THR B 487 18.66 5.88 -7.18
C THR B 487 19.42 6.56 -8.31
N VAL B 488 18.74 7.47 -9.01
CA VAL B 488 19.23 8.09 -10.24
C VAL B 488 19.50 9.57 -9.97
N LYS B 489 20.73 10.03 -10.20
CA LYS B 489 21.03 11.45 -10.13
C LYS B 489 20.25 12.17 -11.23
N ILE B 490 19.58 13.28 -10.87
CA ILE B 490 18.90 14.12 -11.85
C ILE B 490 19.41 15.55 -11.72
N PRO B 491 19.37 16.37 -12.79
CA PRO B 491 19.93 17.72 -12.76
C PRO B 491 19.25 18.66 -11.77
N GLN B 492 17.92 18.59 -11.71
CA GLN B 492 17.13 19.37 -10.78
CA GLN B 492 17.14 19.35 -10.75
C GLN B 492 15.88 18.56 -10.40
N LYS B 493 15.45 18.69 -9.14
CA LYS B 493 14.25 18.03 -8.67
C LYS B 493 13.16 19.07 -8.46
N ASN B 494 11.95 18.72 -8.90
CA ASN B 494 10.72 19.40 -8.51
C ASN B 494 9.75 18.36 -7.97
N SER B 495 8.90 18.78 -7.03
CA SER B 495 7.86 17.92 -6.51
C SER B 495 6.90 17.49 -7.63
N LEU C 3 -3.69 -15.83 -40.55
CA LEU C 3 -4.39 -14.69 -39.89
C LEU C 3 -5.89 -14.93 -39.91
N PRO C 4 -6.66 -14.38 -38.94
CA PRO C 4 -8.12 -14.52 -38.94
C PRO C 4 -8.76 -13.70 -40.06
N SER C 5 -9.98 -14.09 -40.44
CA SER C 5 -10.75 -13.41 -41.46
C SER C 5 -12.04 -12.86 -40.84
N PRO C 6 -12.59 -11.75 -41.36
CA PRO C 6 -13.88 -11.24 -40.89
C PRO C 6 -14.97 -12.28 -41.04
N THR C 7 -15.81 -12.42 -40.02
CA THR C 7 -16.93 -13.35 -40.02
C THR C 7 -17.75 -13.09 -41.28
N PRO C 8 -17.93 -14.09 -42.19
CA PRO C 8 -18.70 -13.89 -43.40
C PRO C 8 -20.19 -13.66 -43.14
N ASN C 9 -20.77 -12.67 -43.84
CA ASN C 9 -22.20 -12.41 -43.84
C ASN C 9 -22.69 -12.23 -42.41
N LEU C 10 -22.02 -11.35 -41.65
CA LEU C 10 -22.33 -11.17 -40.24
C LEU C 10 -23.73 -10.61 -40.09
N GLU C 11 -24.55 -11.33 -39.31
CA GLU C 11 -25.88 -10.86 -38.94
C GLU C 11 -25.80 -10.28 -37.53
N ILE C 12 -26.63 -9.26 -37.28
CA ILE C 12 -26.69 -8.61 -35.97
C ILE C 12 -27.85 -9.20 -35.18
N LYS C 13 -27.54 -10.11 -34.25
CA LYS C 13 -28.55 -10.84 -33.51
C LYS C 13 -29.19 -9.95 -32.44
N TYR C 14 -28.36 -9.14 -31.76
CA TYR C 14 -28.78 -8.43 -30.56
C TYR C 14 -28.98 -6.94 -30.86
N THR C 15 -30.23 -6.49 -30.79
CA THR C 15 -30.58 -5.13 -31.18
C THR C 15 -31.49 -4.46 -30.13
N LYS C 16 -31.70 -5.12 -28.99
CA LYS C 16 -32.66 -4.64 -28.02
C LYS C 16 -31.94 -4.11 -26.78
N ILE C 17 -32.71 -3.41 -25.95
CA ILE C 17 -32.25 -2.92 -24.65
C ILE C 17 -32.06 -4.12 -23.73
N PHE C 18 -31.00 -4.07 -22.91
CA PHE C 18 -30.66 -5.16 -22.01
C PHE C 18 -30.83 -4.69 -20.57
N ILE C 19 -31.92 -5.13 -19.91
CA ILE C 19 -32.21 -4.77 -18.54
C ILE C 19 -32.59 -6.03 -17.77
N ASN C 20 -31.92 -6.25 -16.64
CA ASN C 20 -32.24 -7.37 -15.77
C ASN C 20 -32.08 -8.69 -16.53
N ASN C 21 -31.05 -8.74 -17.39
CA ASN C 21 -30.68 -9.92 -18.18
C ASN C 21 -31.80 -10.32 -19.15
N GLU C 22 -32.67 -9.36 -19.50
CA GLU C 22 -33.73 -9.62 -20.47
CA GLU C 22 -33.74 -9.60 -20.45
C GLU C 22 -33.64 -8.58 -21.58
N TRP C 23 -34.04 -9.02 -22.78
CA TRP C 23 -34.08 -8.18 -23.96
C TRP C 23 -35.43 -7.51 -24.03
N GLN C 24 -35.41 -6.17 -24.12
CA GLN C 24 -36.63 -5.38 -24.02
CA GLN C 24 -36.63 -5.38 -24.02
C GLN C 24 -36.70 -4.40 -25.19
N ASN C 25 -37.92 -4.10 -25.62
CA ASN C 25 -38.15 -3.01 -26.55
C ASN C 25 -38.09 -1.70 -25.77
N SER C 26 -37.86 -0.61 -26.49
CA SER C 26 -37.96 0.72 -25.90
C SER C 26 -39.39 0.95 -25.40
N GLU C 27 -39.51 1.74 -24.34
CA GLU C 27 -40.82 2.10 -23.80
C GLU C 27 -41.63 2.84 -24.84
N SER C 28 -40.96 3.69 -25.65
CA SER C 28 -41.64 4.50 -26.65
C SER C 28 -42.00 3.67 -27.89
N GLY C 29 -41.28 2.56 -28.10
CA GLY C 29 -41.40 1.78 -29.32
C GLY C 29 -40.46 2.24 -30.42
N ARG C 30 -39.76 3.37 -30.19
CA ARG C 30 -38.89 3.95 -31.20
C ARG C 30 -37.62 3.11 -31.35
N VAL C 31 -37.10 3.09 -32.59
CA VAL C 31 -35.82 2.48 -32.92
C VAL C 31 -34.99 3.54 -33.63
N PHE C 32 -33.68 3.30 -33.71
CA PHE C 32 -32.78 4.19 -34.43
C PHE C 32 -31.87 3.37 -35.33
N PRO C 33 -31.44 3.92 -36.48
CA PRO C 33 -30.59 3.19 -37.42
C PRO C 33 -29.12 3.21 -37.01
N VAL C 34 -28.41 2.15 -37.42
CA VAL C 34 -26.98 2.01 -37.24
C VAL C 34 -26.37 1.80 -38.61
N TYR C 35 -25.26 2.51 -38.88
CA TYR C 35 -24.69 2.57 -40.22
C TYR C 35 -23.30 1.96 -40.26
N ASN C 36 -22.89 1.60 -41.48
CA ASN C 36 -21.54 1.16 -41.78
C ASN C 36 -20.78 2.36 -42.35
N PRO C 37 -19.76 2.91 -41.66
CA PRO C 37 -19.10 4.13 -42.11
C PRO C 37 -18.27 3.97 -43.39
N ALA C 38 -18.02 2.72 -43.81
CA ALA C 38 -17.27 2.47 -45.03
C ALA C 38 -18.17 2.56 -46.26
N THR C 39 -19.48 2.37 -46.08
CA THR C 39 -20.41 2.30 -47.20
C THR C 39 -21.53 3.33 -47.07
N GLY C 40 -21.77 3.84 -45.86
CA GLY C 40 -22.88 4.74 -45.56
C GLY C 40 -24.22 4.00 -45.43
N GLU C 41 -24.20 2.68 -45.62
CA GLU C 41 -25.43 1.89 -45.68
C GLU C 41 -25.86 1.51 -44.26
N GLN C 42 -27.18 1.34 -44.09
CA GLN C 42 -27.75 0.94 -42.82
C GLN C 42 -27.46 -0.54 -42.56
N VAL C 43 -26.97 -0.82 -41.35
CA VAL C 43 -26.65 -2.17 -40.92
C VAL C 43 -27.89 -2.81 -40.30
N CYS C 44 -28.53 -2.08 -39.39
CA CYS C 44 -29.69 -2.57 -38.65
C CYS C 44 -30.36 -1.40 -37.93
N GLU C 45 -31.44 -1.72 -37.22
CA GLU C 45 -32.07 -0.79 -36.30
C GLU C 45 -31.93 -1.35 -34.89
N VAL C 46 -31.85 -0.43 -33.91
CA VAL C 46 -31.68 -0.78 -32.51
C VAL C 46 -32.76 -0.05 -31.70
N GLN C 47 -33.24 -0.68 -30.63
CA GLN C 47 -34.23 -0.07 -29.75
C GLN C 47 -33.63 1.19 -29.13
N GLU C 48 -34.41 2.29 -29.14
CA GLU C 48 -33.91 3.58 -28.68
C GLU C 48 -34.31 3.81 -27.23
N ALA C 49 -33.33 3.75 -26.32
CA ALA C 49 -33.54 4.02 -24.91
C ALA C 49 -33.69 5.52 -24.68
N ASP C 50 -34.61 5.88 -23.79
CA ASP C 50 -34.80 7.26 -23.34
C ASP C 50 -34.92 7.24 -21.82
N LYS C 51 -35.35 8.37 -21.24
CA LYS C 51 -35.42 8.53 -19.80
C LYS C 51 -36.18 7.38 -19.15
N ALA C 52 -37.34 7.00 -19.70
CA ALA C 52 -38.15 5.94 -19.10
C ALA C 52 -37.35 4.64 -18.99
N ASP C 53 -36.52 4.36 -20.01
CA ASP C 53 -35.77 3.12 -20.05
C ASP C 53 -34.62 3.18 -19.05
N ILE C 54 -33.98 4.36 -18.95
CA ILE C 54 -32.94 4.58 -17.97
C ILE C 54 -33.51 4.34 -16.58
N ASP C 55 -34.70 4.88 -16.32
CA ASP C 55 -35.33 4.74 -15.01
C ASP C 55 -35.52 3.27 -14.66
N LYS C 56 -36.00 2.47 -15.62
CA LYS C 56 -36.18 1.04 -15.41
C LYS C 56 -34.84 0.36 -15.11
N ALA C 57 -33.80 0.75 -15.85
CA ALA C 57 -32.48 0.15 -15.70
C ALA C 57 -31.89 0.47 -14.32
N VAL C 58 -32.06 1.72 -13.87
CA VAL C 58 -31.56 2.12 -12.57
C VAL C 58 -32.27 1.32 -11.47
N GLN C 59 -33.59 1.11 -11.61
CA GLN C 59 -34.32 0.34 -10.62
C GLN C 59 -33.79 -1.10 -10.58
N ALA C 60 -33.48 -1.67 -11.74
CA ALA C 60 -32.96 -3.03 -11.79
C ALA C 60 -31.58 -3.08 -11.15
N ALA C 61 -30.76 -2.06 -11.43
CA ALA C 61 -29.40 -2.02 -10.91
C ALA C 61 -29.42 -1.82 -9.39
N ARG C 62 -30.39 -1.03 -8.91
CA ARG C 62 -30.53 -0.77 -7.48
C ARG C 62 -30.96 -2.05 -6.75
N LEU C 63 -31.92 -2.78 -7.32
CA LEU C 63 -32.39 -4.00 -6.68
C LEU C 63 -31.26 -5.03 -6.63
N ALA C 64 -30.45 -5.10 -7.70
CA ALA C 64 -29.35 -6.05 -7.74
C ALA C 64 -28.27 -5.68 -6.73
N PHE C 65 -28.24 -4.42 -6.30
CA PHE C 65 -27.24 -3.93 -5.36
C PHE C 65 -27.76 -4.02 -3.91
N SER C 66 -29.00 -4.49 -3.72
CA SER C 66 -29.61 -4.48 -2.40
CA SER C 66 -29.63 -4.51 -2.41
C SER C 66 -28.85 -5.41 -1.45
N LEU C 67 -28.80 -5.01 -0.17
CA LEU C 67 -28.20 -5.86 0.85
C LEU C 67 -28.85 -7.23 0.81
N GLY C 68 -28.03 -8.28 0.86
CA GLY C 68 -28.51 -9.65 0.87
C GLY C 68 -28.77 -10.20 -0.52
N SER C 69 -28.53 -9.38 -1.57
CA SER C 69 -28.69 -9.84 -2.94
C SER C 69 -27.58 -10.83 -3.29
N VAL C 70 -27.77 -11.56 -4.39
CA VAL C 70 -26.80 -12.52 -4.87
C VAL C 70 -25.47 -11.82 -5.15
N TRP C 71 -25.52 -10.64 -5.79
CA TRP C 71 -24.32 -9.90 -6.15
C TRP C 71 -23.60 -9.35 -4.92
N ARG C 72 -24.34 -8.93 -3.89
CA ARG C 72 -23.73 -8.38 -2.69
C ARG C 72 -23.15 -9.48 -1.80
N ARG C 73 -23.78 -10.67 -1.78
CA ARG C 73 -23.39 -11.76 -0.89
CA ARG C 73 -23.36 -11.73 -0.88
C ARG C 73 -22.22 -12.55 -1.48
N MET C 74 -22.07 -12.48 -2.80
CA MET C 74 -21.08 -13.26 -3.54
C MET C 74 -19.69 -13.01 -2.96
N ASP C 75 -18.88 -14.08 -2.84
CA ASP C 75 -17.47 -13.91 -2.49
C ASP C 75 -16.82 -12.98 -3.52
N ALA C 76 -15.93 -12.10 -3.07
CA ALA C 76 -15.19 -11.26 -3.98
C ALA C 76 -14.49 -12.10 -5.04
N SER C 77 -13.90 -13.24 -4.63
CA SER C 77 -13.21 -14.13 -5.55
C SER C 77 -14.14 -14.61 -6.65
N GLU C 78 -15.43 -14.74 -6.35
CA GLU C 78 -16.39 -15.22 -7.35
C GLU C 78 -16.79 -14.09 -8.31
N ARG C 79 -16.80 -12.84 -7.84
CA ARG C 79 -16.92 -11.72 -8.76
C ARG C 79 -15.78 -11.79 -9.78
N GLY C 80 -14.58 -12.07 -9.28
CA GLY C 80 -13.40 -12.22 -10.12
C GLY C 80 -13.56 -13.35 -11.15
N ARG C 81 -14.08 -14.49 -10.72
CA ARG C 81 -14.27 -15.62 -11.61
C ARG C 81 -15.24 -15.26 -12.72
N LEU C 82 -16.25 -14.42 -12.44
CA LEU C 82 -17.20 -14.03 -13.47
C LEU C 82 -16.53 -13.16 -14.53
N LEU C 83 -15.63 -12.27 -14.10
CA LEU C 83 -14.89 -11.45 -15.06
C LEU C 83 -13.99 -12.34 -15.92
N ASP C 84 -13.39 -13.38 -15.32
CA ASP C 84 -12.54 -14.28 -16.06
CA ASP C 84 -12.54 -14.32 -16.04
C ASP C 84 -13.37 -15.09 -17.06
N LYS C 85 -14.59 -15.47 -16.67
CA LYS C 85 -15.48 -16.19 -17.56
C LYS C 85 -15.85 -15.30 -18.75
N LEU C 86 -16.13 -14.03 -18.47
CA LEU C 86 -16.47 -13.10 -19.53
C LEU C 86 -15.29 -12.96 -20.51
N ALA C 87 -14.06 -12.94 -20.00
CA ALA C 87 -12.89 -12.91 -20.85
C ALA C 87 -12.85 -14.16 -21.74
N ASP C 88 -13.12 -15.33 -21.17
CA ASP C 88 -13.14 -16.58 -21.91
C ASP C 88 -14.14 -16.48 -23.07
N LEU C 89 -15.33 -15.94 -22.81
CA LEU C 89 -16.36 -15.88 -23.82
C LEU C 89 -15.99 -14.89 -24.92
N VAL C 90 -15.36 -13.76 -24.55
CA VAL C 90 -14.89 -12.80 -25.54
C VAL C 90 -13.84 -13.45 -26.42
N GLU C 91 -12.93 -14.24 -25.82
CA GLU C 91 -11.91 -14.93 -26.59
C GLU C 91 -12.56 -15.89 -27.57
N ARG C 92 -13.57 -16.64 -27.10
CA ARG C 92 -14.29 -17.57 -27.96
C ARG C 92 -14.89 -16.84 -29.16
N ASP C 93 -15.47 -15.66 -28.93
CA ASP C 93 -16.20 -14.93 -29.95
C ASP C 93 -15.40 -13.75 -30.48
N ARG C 94 -14.07 -13.88 -30.47
CA ARG C 94 -13.18 -12.78 -30.78
C ARG C 94 -13.38 -12.28 -32.21
N ALA C 95 -13.48 -13.21 -33.17
CA ALA C 95 -13.59 -12.84 -34.57
C ALA C 95 -14.93 -12.16 -34.86
N VAL C 96 -16.02 -12.68 -34.26
CA VAL C 96 -17.34 -12.08 -34.39
C VAL C 96 -17.30 -10.64 -33.88
N LEU C 97 -16.72 -10.44 -32.69
CA LEU C 97 -16.72 -9.13 -32.07
C LEU C 97 -15.83 -8.16 -32.85
N ALA C 98 -14.68 -8.65 -33.33
CA ALA C 98 -13.81 -7.81 -34.15
C ALA C 98 -14.48 -7.43 -35.47
N THR C 99 -15.23 -8.37 -36.06
CA THR C 99 -15.96 -8.10 -37.29
C THR C 99 -17.00 -7.01 -37.05
N MET C 100 -17.70 -7.10 -35.91
CA MET C 100 -18.72 -6.14 -35.54
C MET C 100 -18.11 -4.76 -35.36
N GLU C 101 -16.94 -4.68 -34.69
CA GLU C 101 -16.24 -3.43 -34.47
C GLU C 101 -15.78 -2.82 -35.81
N SER C 102 -15.40 -3.69 -36.74
CA SER C 102 -14.97 -3.27 -38.07
C SER C 102 -16.16 -2.73 -38.87
N LEU C 103 -17.25 -3.50 -38.91
CA LEU C 103 -18.44 -3.16 -39.68
C LEU C 103 -19.07 -1.86 -39.17
N ASN C 104 -19.19 -1.76 -37.85
CA ASN C 104 -19.92 -0.68 -37.21
C ASN C 104 -19.02 0.54 -37.02
N GLY C 105 -17.76 0.30 -36.64
CA GLY C 105 -16.86 1.36 -36.21
C GLY C 105 -15.87 1.83 -37.27
N GLY C 106 -15.76 1.08 -38.38
CA GLY C 106 -14.84 1.44 -39.47
C GLY C 106 -13.41 1.01 -39.19
N LYS C 107 -13.19 0.23 -38.14
CA LYS C 107 -11.85 -0.18 -37.75
C LYS C 107 -11.37 -1.30 -38.68
N PRO C 108 -10.15 -1.23 -39.26
CA PRO C 108 -9.59 -2.37 -39.98
C PRO C 108 -9.68 -3.63 -39.12
N PHE C 109 -10.21 -4.70 -39.74
CA PHE C 109 -10.56 -5.91 -39.00
C PHE C 109 -9.36 -6.45 -38.21
N LEU C 110 -8.19 -6.54 -38.84
CA LEU C 110 -7.04 -7.16 -38.18
C LEU C 110 -6.60 -6.32 -36.98
N GLN C 111 -6.74 -4.99 -37.07
CA GLN C 111 -6.37 -4.12 -35.96
C GLN C 111 -7.39 -4.24 -34.84
N ALA C 112 -8.68 -4.35 -35.18
CA ALA C 112 -9.69 -4.57 -34.15
C ALA C 112 -9.45 -5.90 -33.45
N PHE C 113 -8.97 -6.90 -34.21
CA PHE C 113 -8.77 -8.23 -33.67
C PHE C 113 -7.56 -8.24 -32.73
N TYR C 114 -6.46 -7.61 -33.15
CA TYR C 114 -5.18 -7.73 -32.46
C TYR C 114 -4.94 -6.59 -31.47
N VAL C 115 -5.66 -5.47 -31.58
CA VAL C 115 -5.52 -4.38 -30.62
C VAL C 115 -6.74 -4.35 -29.72
N ASP C 116 -7.90 -3.93 -30.25
CA ASP C 116 -9.08 -3.72 -29.41
C ASP C 116 -9.45 -4.98 -28.65
N LEU C 117 -9.60 -6.10 -29.35
CA LEU C 117 -10.08 -7.31 -28.69
C LEU C 117 -9.05 -7.83 -27.69
N GLN C 118 -7.75 -7.67 -28.00
CA GLN C 118 -6.70 -8.04 -27.06
C GLN C 118 -6.87 -7.23 -25.77
N GLY C 119 -7.10 -5.92 -25.92
CA GLY C 119 -7.28 -5.04 -24.79
C GLY C 119 -8.50 -5.42 -23.95
N VAL C 120 -9.59 -5.80 -24.62
CA VAL C 120 -10.80 -6.21 -23.93
C VAL C 120 -10.49 -7.42 -23.04
N ILE C 121 -9.86 -8.44 -23.64
CA ILE C 121 -9.61 -9.69 -22.96
C ILE C 121 -8.65 -9.43 -21.79
N LYS C 122 -7.59 -8.66 -22.05
CA LYS C 122 -6.59 -8.40 -21.02
C LYS C 122 -7.19 -7.58 -19.88
N THR C 123 -8.12 -6.67 -20.18
CA THR C 123 -8.74 -5.84 -19.15
C THR C 123 -9.55 -6.71 -18.21
N PHE C 124 -10.38 -7.59 -18.76
CA PHE C 124 -11.21 -8.46 -17.93
C PHE C 124 -10.34 -9.41 -17.10
N ARG C 125 -9.28 -9.96 -17.70
CA ARG C 125 -8.44 -10.91 -16.97
C ARG C 125 -7.68 -10.19 -15.86
N TYR C 126 -7.26 -8.95 -16.11
CA TYR C 126 -6.54 -8.17 -15.11
C TYR C 126 -7.45 -7.92 -13.89
N TYR C 127 -8.65 -7.39 -14.15
CA TYR C 127 -9.55 -7.03 -13.06
C TYR C 127 -10.14 -8.26 -12.39
N ALA C 128 -10.25 -9.39 -13.11
CA ALA C 128 -10.62 -10.63 -12.46
C ALA C 128 -9.75 -10.87 -11.24
N GLY C 129 -8.45 -10.56 -11.35
CA GLY C 129 -7.50 -10.82 -10.30
C GLY C 129 -7.55 -9.84 -9.13
N TRP C 130 -8.16 -8.67 -9.32
CA TRP C 130 -8.20 -7.65 -8.29
C TRP C 130 -9.32 -7.86 -7.26
N ALA C 131 -10.40 -8.55 -7.63
CA ALA C 131 -11.63 -8.46 -6.88
C ALA C 131 -11.43 -8.83 -5.41
N ASP C 132 -10.65 -9.88 -5.13
CA ASP C 132 -10.47 -10.35 -3.76
C ASP C 132 -9.15 -9.82 -3.17
N LYS C 133 -8.59 -8.76 -3.77
CA LYS C 133 -7.35 -8.15 -3.31
C LYS C 133 -7.53 -6.66 -3.07
N ILE C 134 -8.79 -6.20 -3.00
CA ILE C 134 -9.11 -4.84 -2.60
C ILE C 134 -9.15 -4.80 -1.08
N HIS C 135 -8.20 -4.10 -0.47
CA HIS C 135 -7.99 -4.14 0.96
C HIS C 135 -8.28 -2.76 1.57
N GLY C 136 -8.97 -2.77 2.72
CA GLY C 136 -8.99 -1.61 3.59
C GLY C 136 -7.79 -1.63 4.53
N MET C 137 -7.81 -0.79 5.57
CA MET C 137 -6.68 -0.74 6.49
C MET C 137 -7.17 -0.85 7.93
N THR C 138 -6.24 -1.22 8.81
CA THR C 138 -6.39 -1.02 10.23
C THR C 138 -5.38 0.03 10.67
N ILE C 139 -5.81 0.92 11.58
CA ILE C 139 -5.13 2.18 11.77
C ILE C 139 -4.81 2.38 13.24
N PRO C 140 -3.55 2.73 13.61
CA PRO C 140 -3.17 2.92 15.00
C PRO C 140 -3.53 4.30 15.52
N VAL C 141 -4.85 4.55 15.63
CA VAL C 141 -5.38 5.85 16.00
C VAL C 141 -5.03 6.18 17.45
N ASP C 142 -5.02 7.47 17.78
CA ASP C 142 -4.93 7.91 19.16
C ASP C 142 -6.17 7.44 19.94
N GLY C 143 -5.97 7.18 21.23
CA GLY C 143 -7.08 6.87 22.12
C GLY C 143 -7.38 5.37 22.20
N ASP C 144 -8.32 5.01 23.07
CA ASP C 144 -8.69 3.63 23.30
C ASP C 144 -9.73 3.19 22.26
N TYR C 145 -9.26 3.03 21.03
CA TYR C 145 -10.10 2.65 19.91
C TYR C 145 -9.41 1.60 19.04
N PHE C 146 -10.25 0.80 18.38
CA PHE C 146 -9.86 -0.03 17.26
C PHE C 146 -10.51 0.56 16.01
N THR C 147 -9.69 1.01 15.04
CA THR C 147 -10.21 1.64 13.83
C THR C 147 -9.76 0.85 12.60
N PHE C 148 -10.72 0.60 11.72
CA PHE C 148 -10.43 -0.04 10.44
C PHE C 148 -11.27 0.64 9.35
N THR C 149 -10.91 0.39 8.09
CA THR C 149 -11.72 0.86 6.98
C THR C 149 -12.30 -0.31 6.21
N ARG C 150 -13.50 -0.09 5.69
CA ARG C 150 -14.15 -0.98 4.74
C ARG C 150 -14.19 -0.26 3.41
N HIS C 151 -13.72 -0.92 2.36
CA HIS C 151 -13.85 -0.39 1.01
C HIS C 151 -15.05 -1.11 0.40
N GLU C 152 -16.11 -0.34 0.17
CA GLU C 152 -17.36 -0.91 -0.29
C GLU C 152 -17.62 -0.43 -1.72
N PRO C 153 -18.39 -1.18 -2.53
CA PRO C 153 -18.85 -0.63 -3.79
C PRO C 153 -19.69 0.61 -3.51
N ILE C 154 -19.67 1.56 -4.44
CA ILE C 154 -20.42 2.80 -4.30
C ILE C 154 -21.92 2.52 -4.45
N GLY C 155 -22.27 1.72 -5.47
CA GLY C 155 -23.66 1.44 -5.77
C GLY C 155 -23.92 1.37 -7.27
N VAL C 156 -24.90 2.14 -7.73
CA VAL C 156 -25.31 2.14 -9.12
C VAL C 156 -24.43 3.14 -9.86
N CYS C 157 -23.69 2.63 -10.85
CA CYS C 157 -22.75 3.42 -11.62
C CYS C 157 -23.28 3.61 -13.04
N GLY C 158 -23.47 4.87 -13.44
CA GLY C 158 -23.81 5.22 -14.80
C GLY C 158 -22.55 5.43 -15.63
N GLN C 159 -22.52 4.85 -16.83
CA GLN C 159 -21.33 4.90 -17.66
C GLN C 159 -21.72 5.28 -19.08
N ILE C 160 -20.98 6.25 -19.65
CA ILE C 160 -21.24 6.73 -20.99
C ILE C 160 -19.95 6.61 -21.78
N ILE C 161 -20.01 5.89 -22.90
CA ILE C 161 -18.80 5.58 -23.64
C ILE C 161 -18.92 6.05 -25.08
N PRO C 162 -17.77 6.35 -25.72
CA PRO C 162 -17.73 6.91 -27.06
C PRO C 162 -17.69 5.89 -28.19
N TRP C 163 -17.66 6.42 -29.44
CA TRP C 163 -17.78 5.61 -30.63
C TRP C 163 -16.43 5.24 -31.23
N ASN C 164 -15.33 5.78 -30.70
CA ASN C 164 -14.01 5.59 -31.29
C ASN C 164 -13.37 4.27 -30.85
N PHE C 165 -13.75 3.77 -29.67
CA PHE C 165 -13.36 2.44 -29.20
C PHE C 165 -14.54 1.78 -28.51
N PRO C 166 -15.61 1.40 -29.26
CA PRO C 166 -16.86 0.99 -28.62
C PRO C 166 -16.70 -0.15 -27.62
N LEU C 167 -16.11 -1.26 -28.06
CA LEU C 167 -16.03 -2.44 -27.20
C LEU C 167 -14.95 -2.25 -26.14
N LEU C 168 -13.79 -1.70 -26.54
CA LEU C 168 -12.69 -1.54 -25.61
C LEU C 168 -13.08 -0.62 -24.46
N MET C 169 -13.79 0.47 -24.76
CA MET C 169 -14.18 1.40 -23.71
CA MET C 169 -14.22 1.43 -23.75
C MET C 169 -15.28 0.78 -22.85
N PHE C 170 -16.11 -0.09 -23.43
CA PHE C 170 -17.09 -0.84 -22.66
C PHE C 170 -16.37 -1.66 -21.59
N ALA C 171 -15.28 -2.34 -22.00
CA ALA C 171 -14.50 -3.15 -21.06
C ALA C 171 -13.80 -2.28 -20.02
N TRP C 172 -13.18 -1.17 -20.45
CA TRP C 172 -12.50 -0.25 -19.55
CA TRP C 172 -12.49 -0.27 -19.53
C TRP C 172 -13.44 0.19 -18.42
N LYS C 173 -14.72 0.39 -18.76
CA LYS C 173 -15.71 0.87 -17.80
C LYS C 173 -16.23 -0.26 -16.89
N ILE C 174 -16.77 -1.34 -17.46
CA ILE C 174 -17.50 -2.27 -16.61
C ILE C 174 -16.54 -3.08 -15.74
N ALA C 175 -15.29 -3.31 -16.20
CA ALA C 175 -14.41 -4.25 -15.52
C ALA C 175 -14.08 -3.74 -14.11
N PRO C 176 -13.56 -2.50 -13.91
CA PRO C 176 -13.30 -2.03 -12.56
C PRO C 176 -14.58 -1.85 -11.74
N ALA C 177 -15.69 -1.45 -12.37
CA ALA C 177 -16.93 -1.25 -11.65
C ALA C 177 -17.40 -2.57 -11.03
N LEU C 178 -17.37 -3.65 -11.83
CA LEU C 178 -17.83 -4.96 -11.38
C LEU C 178 -16.82 -5.57 -10.41
N CYS C 179 -15.53 -5.37 -10.69
CA CYS C 179 -14.48 -5.83 -9.80
C CYS C 179 -14.77 -5.40 -8.36
N CYS C 180 -15.19 -4.14 -8.21
CA CYS C 180 -15.45 -3.54 -6.90
C CYS C 180 -16.84 -3.89 -6.35
N GLY C 181 -17.71 -4.52 -7.14
CA GLY C 181 -19.00 -4.98 -6.64
C GLY C 181 -20.16 -4.02 -6.91
N ASN C 182 -19.97 -3.06 -7.81
CA ASN C 182 -21.02 -2.12 -8.18
C ASN C 182 -21.99 -2.77 -9.17
N THR C 183 -23.12 -2.08 -9.42
CA THR C 183 -23.99 -2.41 -10.54
C THR C 183 -23.93 -1.25 -11.54
N VAL C 184 -24.33 -1.53 -12.79
CA VAL C 184 -23.99 -0.67 -13.90
C VAL C 184 -25.19 -0.40 -14.79
N VAL C 185 -25.32 0.86 -15.19
CA VAL C 185 -26.18 1.27 -16.30
C VAL C 185 -25.27 1.94 -17.32
N ILE C 186 -25.06 1.27 -18.46
CA ILE C 186 -24.07 1.74 -19.42
C ILE C 186 -24.76 2.08 -20.75
N LYS C 187 -24.34 3.21 -21.31
CA LYS C 187 -24.94 3.79 -22.51
C LYS C 187 -23.87 3.85 -23.59
N PRO C 188 -23.85 2.93 -24.58
CA PRO C 188 -22.92 3.04 -25.70
C PRO C 188 -23.28 4.23 -26.59
N ALA C 189 -22.32 4.67 -27.40
CA ALA C 189 -22.55 5.74 -28.36
C ALA C 189 -23.61 5.32 -29.36
N GLU C 190 -24.44 6.28 -29.79
CA GLU C 190 -25.52 6.00 -30.72
C GLU C 190 -24.97 5.48 -32.05
N GLN C 191 -23.76 5.90 -32.43
CA GLN C 191 -23.16 5.43 -33.67
C GLN C 191 -22.80 3.95 -33.59
N THR C 192 -22.43 3.47 -32.39
CA THR C 192 -21.75 2.19 -32.25
C THR C 192 -22.30 1.37 -31.08
N PRO C 193 -23.60 1.02 -31.05
CA PRO C 193 -24.16 0.21 -29.95
C PRO C 193 -23.96 -1.30 -30.03
N LEU C 194 -23.51 -1.81 -31.18
CA LEU C 194 -23.74 -3.21 -31.51
C LEU C 194 -22.89 -4.14 -30.66
N SER C 195 -21.59 -3.86 -30.53
CA SER C 195 -20.72 -4.77 -29.77
C SER C 195 -21.10 -4.77 -28.29
N ALA C 196 -21.57 -3.62 -27.77
CA ALA C 196 -22.04 -3.55 -26.40
C ALA C 196 -23.24 -4.47 -26.17
N LEU C 197 -24.17 -4.51 -27.13
CA LEU C 197 -25.35 -5.35 -26.97
C LEU C 197 -24.95 -6.82 -27.04
N TYR C 198 -24.00 -7.18 -27.91
CA TYR C 198 -23.52 -8.55 -27.95
C TYR C 198 -22.93 -8.94 -26.60
N MET C 199 -22.26 -7.98 -25.95
CA MET C 199 -21.67 -8.23 -24.63
C MET C 199 -22.75 -8.54 -23.60
N GLY C 200 -23.95 -7.96 -23.78
CA GLY C 200 -25.08 -8.31 -22.94
C GLY C 200 -25.36 -9.82 -22.99
N ALA C 201 -25.35 -10.38 -24.20
CA ALA C 201 -25.58 -11.80 -24.39
C ALA C 201 -24.50 -12.60 -23.66
N LEU C 202 -23.24 -12.15 -23.73
CA LEU C 202 -22.15 -12.86 -23.08
C LEU C 202 -22.22 -12.72 -21.55
N ILE C 203 -22.68 -11.56 -21.07
CA ILE C 203 -22.83 -11.32 -19.64
C ILE C 203 -23.88 -12.27 -19.07
N LYS C 204 -24.99 -12.47 -19.78
CA LYS C 204 -26.00 -13.40 -19.34
C LYS C 204 -25.44 -14.82 -19.37
N GLU C 205 -24.70 -15.15 -20.44
CA GLU C 205 -24.15 -16.48 -20.61
C GLU C 205 -23.13 -16.77 -19.50
N ALA C 206 -22.34 -15.76 -19.12
CA ALA C 206 -21.31 -15.90 -18.10
C ALA C 206 -21.93 -16.18 -16.73
N GLY C 207 -23.16 -15.69 -16.53
CA GLY C 207 -23.91 -15.96 -15.32
C GLY C 207 -23.89 -14.82 -14.31
N PHE C 208 -23.68 -13.58 -14.77
CA PHE C 208 -23.85 -12.43 -13.90
C PHE C 208 -25.31 -12.36 -13.43
N PRO C 209 -25.57 -12.06 -12.14
CA PRO C 209 -26.95 -11.92 -11.66
C PRO C 209 -27.69 -10.85 -12.43
N PRO C 210 -29.02 -11.00 -12.61
CA PRO C 210 -29.82 -10.01 -13.32
C PRO C 210 -29.73 -8.64 -12.68
N GLY C 211 -29.54 -7.62 -13.55
CA GLY C 211 -29.57 -6.23 -13.13
C GLY C 211 -28.19 -5.69 -12.77
N VAL C 212 -27.17 -6.56 -12.77
CA VAL C 212 -25.83 -6.13 -12.42
C VAL C 212 -25.23 -5.29 -13.55
N ILE C 213 -25.49 -5.67 -14.81
CA ILE C 213 -25.13 -4.84 -15.95
C ILE C 213 -26.36 -4.64 -16.81
N ASN C 214 -26.66 -3.36 -17.10
CA ASN C 214 -27.79 -2.99 -17.93
C ASN C 214 -27.25 -2.08 -19.04
N ILE C 215 -27.65 -2.37 -20.29
CA ILE C 215 -27.05 -1.73 -21.46
C ILE C 215 -28.15 -1.04 -22.24
N LEU C 216 -28.00 0.28 -22.40
CA LEU C 216 -29.06 1.19 -22.81
C LEU C 216 -28.61 1.93 -24.07
N PRO C 217 -28.81 1.38 -25.28
CA PRO C 217 -28.46 2.09 -26.50
C PRO C 217 -29.41 3.28 -26.74
N GLY C 218 -28.86 4.41 -27.20
CA GLY C 218 -29.64 5.61 -27.42
C GLY C 218 -28.76 6.85 -27.58
N TYR C 219 -29.41 8.02 -27.62
CA TYR C 219 -28.73 9.26 -27.93
C TYR C 219 -28.25 9.96 -26.66
N GLY C 220 -27.35 10.94 -26.84
CA GLY C 220 -26.73 11.66 -25.75
C GLY C 220 -27.68 12.58 -25.01
N PRO C 221 -28.37 13.53 -25.69
CA PRO C 221 -29.29 14.46 -25.03
C PRO C 221 -30.50 13.82 -24.33
N THR C 222 -30.80 12.56 -24.68
CA THR C 222 -31.91 11.83 -24.11
C THR C 222 -31.41 10.86 -23.03
N ALA C 223 -30.88 9.71 -23.48
CA ALA C 223 -30.47 8.66 -22.57
C ALA C 223 -29.27 9.11 -21.74
N GLY C 224 -28.28 9.73 -22.38
CA GLY C 224 -27.08 10.21 -21.70
C GLY C 224 -27.40 11.23 -20.62
N ALA C 225 -28.23 12.22 -20.97
CA ALA C 225 -28.63 13.27 -20.04
C ALA C 225 -29.40 12.67 -18.86
N ALA C 226 -30.25 11.66 -19.13
CA ALA C 226 -31.03 11.02 -18.09
C ALA C 226 -30.11 10.36 -17.05
N ILE C 227 -29.02 9.74 -17.52
CA ILE C 227 -28.05 9.14 -16.63
C ILE C 227 -27.35 10.22 -15.80
N ALA C 228 -26.94 11.31 -16.45
CA ALA C 228 -26.14 12.34 -15.80
C ALA C 228 -26.90 13.03 -14.67
N SER C 229 -28.22 13.17 -14.82
CA SER C 229 -29.05 13.92 -13.88
CA SER C 229 -29.07 13.92 -13.89
C SER C 229 -29.82 13.00 -12.94
N HIS C 230 -29.64 11.68 -13.07
CA HIS C 230 -30.46 10.74 -12.31
C HIS C 230 -30.13 10.81 -10.81
N ILE C 231 -31.16 10.91 -9.96
CA ILE C 231 -30.92 11.06 -8.53
C ILE C 231 -30.68 9.71 -7.85
N GLY C 232 -30.86 8.61 -8.59
CA GLY C 232 -30.68 7.27 -8.05
C GLY C 232 -29.39 6.59 -8.53
N ILE C 233 -28.54 7.35 -9.22
CA ILE C 233 -27.23 6.90 -9.67
C ILE C 233 -26.17 7.53 -8.79
N ASP C 234 -25.26 6.71 -8.25
CA ASP C 234 -24.32 7.16 -7.23
C ASP C 234 -23.06 7.74 -7.86
N LYS C 235 -22.73 7.30 -9.08
CA LYS C 235 -21.43 7.59 -9.67
C LYS C 235 -21.60 7.57 -11.19
N ILE C 236 -20.94 8.51 -11.86
CA ILE C 236 -20.94 8.53 -13.32
C ILE C 236 -19.49 8.54 -13.82
N ALA C 237 -19.25 7.78 -14.88
CA ALA C 237 -18.00 7.81 -15.61
C ALA C 237 -18.31 8.10 -17.07
N PHE C 238 -17.63 9.11 -17.62
CA PHE C 238 -17.87 9.57 -18.96
C PHE C 238 -16.55 9.67 -19.71
N THR C 239 -16.53 9.12 -20.92
CA THR C 239 -15.44 9.32 -21.86
C THR C 239 -16.01 9.98 -23.10
N GLY C 240 -15.41 11.11 -23.51
CA GLY C 240 -15.91 11.89 -24.64
C GLY C 240 -15.21 13.24 -24.70
N SER C 241 -15.86 14.22 -25.34
CA SER C 241 -15.25 15.53 -25.52
C SER C 241 -15.23 16.29 -24.20
N THR C 242 -14.27 17.22 -24.09
CA THR C 242 -14.16 18.10 -22.95
C THR C 242 -15.45 18.91 -22.79
N GLU C 243 -16.02 19.35 -23.91
CA GLU C 243 -17.24 20.15 -23.91
C GLU C 243 -18.37 19.42 -23.18
N VAL C 244 -18.57 18.13 -23.49
CA VAL C 244 -19.63 17.37 -22.87
C VAL C 244 -19.25 17.02 -21.43
N GLY C 245 -17.95 16.77 -21.19
CA GLY C 245 -17.44 16.56 -19.84
C GLY C 245 -17.87 17.67 -18.87
N LYS C 246 -17.81 18.92 -19.32
CA LYS C 246 -18.23 20.05 -18.51
C LYS C 246 -19.71 19.95 -18.14
N LEU C 247 -20.54 19.50 -19.09
CA LEU C 247 -21.97 19.36 -18.85
C LEU C 247 -22.24 18.23 -17.85
N ILE C 248 -21.44 17.17 -17.89
CA ILE C 248 -21.59 16.05 -16.97
C ILE C 248 -21.34 16.52 -15.54
N GLN C 249 -20.23 17.24 -15.32
CA GLN C 249 -19.88 17.69 -13.99
CA GLN C 249 -19.87 17.70 -13.99
C GLN C 249 -20.97 18.63 -13.46
N GLU C 250 -21.43 19.53 -14.32
CA GLU C 250 -22.48 20.48 -13.98
CA GLU C 250 -22.48 20.47 -13.99
C GLU C 250 -23.73 19.72 -13.54
N ALA C 251 -24.13 18.72 -14.34
CA ALA C 251 -25.35 17.96 -14.09
C ALA C 251 -25.25 17.18 -12.77
N ALA C 252 -24.04 16.69 -12.45
CA ALA C 252 -23.82 15.97 -11.20
C ALA C 252 -24.04 16.91 -10.02
N GLY C 253 -23.49 18.13 -10.12
CA GLY C 253 -23.67 19.15 -9.11
C GLY C 253 -25.15 19.52 -8.91
N ARG C 254 -25.87 19.70 -10.01
CA ARG C 254 -27.26 20.14 -9.96
C ARG C 254 -28.17 19.05 -9.38
N SER C 255 -27.83 17.78 -9.60
CA SER C 255 -28.72 16.68 -9.24
C SER C 255 -28.43 16.19 -7.82
N ASN C 256 -27.58 15.17 -7.68
CA ASN C 256 -27.44 14.47 -6.41
C ASN C 256 -25.98 14.36 -5.96
N LEU C 257 -25.08 15.17 -6.54
CA LEU C 257 -23.66 15.14 -6.18
C LEU C 257 -23.07 13.74 -6.39
N LYS C 258 -23.54 13.04 -7.43
CA LYS C 258 -22.93 11.78 -7.80
C LYS C 258 -21.44 12.00 -8.06
N ARG C 259 -20.63 10.97 -7.76
CA ARG C 259 -19.21 11.03 -7.97
C ARG C 259 -18.94 10.99 -9.49
N VAL C 260 -17.96 11.77 -9.95
CA VAL C 260 -17.71 11.98 -11.36
C VAL C 260 -16.26 11.64 -11.71
N THR C 261 -16.08 10.80 -12.74
CA THR C 261 -14.79 10.73 -13.41
C THR C 261 -14.98 10.99 -14.90
N LEU C 262 -13.98 11.64 -15.49
CA LEU C 262 -14.04 12.09 -16.87
C LEU C 262 -12.74 11.72 -17.56
N GLU C 263 -12.85 11.17 -18.77
CA GLU C 263 -11.73 10.94 -19.66
C GLU C 263 -12.04 11.72 -20.94
N LEU C 264 -11.32 12.82 -21.17
CA LEU C 264 -11.74 13.81 -22.16
C LEU C 264 -10.68 13.94 -23.25
N GLY C 265 -10.69 15.08 -23.95
CA GLY C 265 -9.89 15.25 -25.14
C GLY C 265 -8.42 15.50 -24.86
N GLY C 266 -7.64 15.61 -25.93
CA GLY C 266 -6.22 15.93 -25.84
C GLY C 266 -5.74 16.71 -27.06
N LYS C 267 -4.56 17.32 -26.90
CA LYS C 267 -3.78 17.82 -28.01
C LYS C 267 -2.32 17.53 -27.68
N SER C 268 -1.99 16.24 -27.68
CA SER C 268 -0.84 15.75 -26.94
C SER C 268 0.46 15.95 -27.72
N PRO C 269 1.53 16.36 -27.01
CA PRO C 269 2.83 16.59 -27.63
C PRO C 269 3.69 15.34 -27.69
N ASN C 270 4.42 15.21 -28.80
CA ASN C 270 5.33 14.12 -29.05
C ASN C 270 6.66 14.75 -29.44
N ILE C 271 7.65 14.69 -28.53
CA ILE C 271 8.87 15.48 -28.65
C ILE C 271 10.01 14.58 -29.12
N ILE C 272 10.63 14.94 -30.24
CA ILE C 272 11.68 14.14 -30.86
C ILE C 272 12.98 14.91 -30.82
N PHE C 273 13.96 14.42 -30.04
CA PHE C 273 15.30 15.00 -30.02
C PHE C 273 16.15 14.39 -31.13
N ALA C 274 17.26 15.06 -31.45
CA ALA C 274 18.04 14.75 -32.64
C ALA C 274 18.83 13.45 -32.52
N ASP C 275 18.92 12.86 -31.32
CA ASP C 275 19.64 11.61 -31.13
C ASP C 275 18.70 10.40 -31.31
N ALA C 276 17.41 10.65 -31.59
CA ALA C 276 16.46 9.57 -31.76
C ALA C 276 16.77 8.80 -33.05
N ASP C 277 16.50 7.49 -33.02
CA ASP C 277 16.53 6.67 -34.21
C ASP C 277 15.36 7.06 -35.10
N LEU C 278 15.64 7.50 -36.34
CA LEU C 278 14.60 8.08 -37.19
C LEU C 278 13.66 7.01 -37.73
N ASP C 279 14.19 5.86 -38.16
CA ASP C 279 13.34 4.79 -38.67
C ASP C 279 12.23 4.51 -37.64
N TYR C 280 12.63 4.43 -36.37
CA TYR C 280 11.74 4.10 -35.29
C TYR C 280 10.82 5.28 -34.94
N ALA C 281 11.42 6.45 -34.70
CA ALA C 281 10.67 7.62 -34.23
C ALA C 281 9.64 8.05 -35.27
N VAL C 282 9.98 8.01 -36.57
CA VAL C 282 9.05 8.45 -37.59
C VAL C 282 7.84 7.50 -37.60
N GLU C 283 8.09 6.19 -37.48
CA GLU C 283 7.00 5.23 -37.52
C GLU C 283 6.12 5.38 -36.27
N GLN C 284 6.75 5.54 -35.10
CA GLN C 284 6.02 5.70 -33.84
C GLN C 284 5.18 6.97 -33.86
N ALA C 285 5.74 8.06 -34.40
CA ALA C 285 5.02 9.33 -34.46
C ALA C 285 3.89 9.25 -35.48
N HIS C 286 4.10 8.49 -36.56
CA HIS C 286 3.07 8.27 -37.57
C HIS C 286 1.89 7.53 -36.95
N GLN C 287 2.17 6.37 -36.35
CA GLN C 287 1.13 5.59 -35.70
C GLN C 287 0.49 6.42 -34.59
N GLY C 288 1.31 7.22 -33.90
CA GLY C 288 0.84 8.01 -32.78
C GLY C 288 -0.27 8.98 -33.13
N VAL C 289 -0.31 9.43 -34.39
CA VAL C 289 -1.38 10.33 -34.80
C VAL C 289 -2.40 9.62 -35.69
N PHE C 290 -1.98 8.65 -36.51
CA PHE C 290 -2.89 8.06 -37.51
C PHE C 290 -3.64 6.83 -36.99
N PHE C 291 -3.20 6.21 -35.89
CA PHE C 291 -3.85 5.00 -35.42
C PHE C 291 -5.36 5.24 -35.24
N ASN C 292 -6.17 4.26 -35.65
CA ASN C 292 -7.61 4.26 -35.43
C ASN C 292 -8.25 5.46 -36.13
N GLN C 293 -7.80 5.74 -37.36
CA GLN C 293 -8.39 6.78 -38.20
C GLN C 293 -8.16 8.16 -37.59
N GLY C 294 -7.14 8.27 -36.72
CA GLY C 294 -6.86 9.50 -35.99
C GLY C 294 -7.87 9.79 -34.88
N GLN C 295 -8.77 8.83 -34.63
CA GLN C 295 -9.87 9.05 -33.69
C GLN C 295 -9.46 8.52 -32.31
N CYS C 296 -8.36 9.07 -31.78
CA CYS C 296 -7.82 8.70 -30.48
C CYS C 296 -7.59 9.95 -29.64
N CYS C 297 -8.05 9.89 -28.38
CA CYS C 297 -7.79 10.93 -27.40
CA CYS C 297 -7.78 10.98 -27.46
C CYS C 297 -6.29 11.07 -27.17
N THR C 298 -5.56 9.95 -27.37
CA THR C 298 -4.12 9.89 -27.16
C THR C 298 -3.31 10.41 -28.34
N ALA C 299 -3.98 10.88 -29.42
CA ALA C 299 -3.27 11.21 -30.65
C ALA C 299 -2.14 12.19 -30.35
N GLY C 300 -0.95 11.87 -30.87
CA GLY C 300 0.22 12.73 -30.80
C GLY C 300 0.15 13.80 -31.88
N SER C 301 -0.72 14.79 -31.66
CA SER C 301 -1.15 15.73 -32.67
C SER C 301 -0.32 17.01 -32.67
N ARG C 302 0.66 17.10 -31.77
CA ARG C 302 1.71 18.12 -31.86
C ARG C 302 3.06 17.43 -31.78
N ILE C 303 3.67 17.16 -32.94
CA ILE C 303 4.99 16.55 -32.97
C ILE C 303 6.02 17.67 -33.03
N PHE C 304 6.83 17.77 -31.97
CA PHE C 304 7.89 18.75 -31.89
C PHE C 304 9.22 18.07 -32.22
N VAL C 305 9.90 18.54 -33.28
CA VAL C 305 11.12 17.90 -33.74
C VAL C 305 12.27 18.89 -33.61
N GLU C 306 13.38 18.43 -33.03
CA GLU C 306 14.55 19.27 -32.86
C GLU C 306 15.03 19.72 -34.24
N GLU C 307 15.37 21.01 -34.37
CA GLU C 307 15.39 21.64 -35.68
C GLU C 307 16.45 21.02 -36.60
N SER C 308 17.53 20.45 -36.06
CA SER C 308 18.58 19.87 -36.90
C SER C 308 18.09 18.64 -37.67
N ILE C 309 17.02 17.97 -37.21
CA ILE C 309 16.50 16.80 -37.90
C ILE C 309 15.09 17.04 -38.44
N TYR C 310 14.60 18.28 -38.31
CA TYR C 310 13.22 18.61 -38.66
C TYR C 310 12.93 18.33 -40.14
N GLU C 311 13.79 18.81 -41.04
CA GLU C 311 13.52 18.68 -42.47
C GLU C 311 13.47 17.21 -42.86
N GLU C 312 14.42 16.41 -42.35
CA GLU C 312 14.50 14.99 -42.65
C GLU C 312 13.29 14.26 -42.05
N PHE C 313 12.90 14.63 -40.83
CA PHE C 313 11.77 14.00 -40.17
C PHE C 313 10.50 14.22 -40.99
N VAL C 314 10.32 15.46 -41.49
CA VAL C 314 9.16 15.79 -42.30
C VAL C 314 9.20 14.97 -43.59
N ARG C 315 10.33 14.94 -44.27
CA ARG C 315 10.46 14.19 -45.52
C ARG C 315 10.01 12.75 -45.31
N ARG C 316 10.52 12.12 -44.24
CA ARG C 316 10.24 10.72 -43.94
C ARG C 316 8.77 10.54 -43.59
N SER C 317 8.21 11.49 -42.84
CA SER C 317 6.82 11.44 -42.44
C SER C 317 5.89 11.53 -43.65
N VAL C 318 6.24 12.40 -44.61
CA VAL C 318 5.43 12.59 -45.79
C VAL C 318 5.46 11.33 -46.65
N GLU C 319 6.65 10.74 -46.81
CA GLU C 319 6.82 9.48 -47.52
C GLU C 319 5.88 8.42 -46.93
N ARG C 320 5.86 8.32 -45.61
CA ARG C 320 5.10 7.29 -44.91
C ARG C 320 3.60 7.51 -45.10
N ALA C 321 3.15 8.78 -44.99
CA ALA C 321 1.75 9.12 -45.14
C ALA C 321 1.28 8.82 -46.57
N LYS C 322 2.16 9.05 -47.56
CA LYS C 322 1.78 8.89 -48.95
C LYS C 322 1.58 7.41 -49.29
N ARG C 323 2.22 6.51 -48.55
CA ARG C 323 2.12 5.08 -48.81
C ARG C 323 1.05 4.42 -47.93
N ARG C 324 0.45 5.19 -47.00
CA ARG C 324 -0.51 4.63 -46.06
C ARG C 324 -1.77 4.19 -46.80
N VAL C 325 -2.16 2.92 -46.62
CA VAL C 325 -3.20 2.31 -47.41
C VAL C 325 -4.56 2.55 -46.76
N VAL C 326 -5.42 3.28 -47.48
CA VAL C 326 -6.78 3.58 -47.05
C VAL C 326 -7.73 2.70 -47.87
N GLY C 327 -8.67 2.02 -47.19
CA GLY C 327 -9.59 1.18 -47.92
C GLY C 327 -10.60 0.45 -47.02
N SER C 328 -11.22 -0.58 -47.60
CA SER C 328 -12.22 -1.37 -46.90
C SER C 328 -11.62 -1.93 -45.62
N PRO C 329 -12.27 -1.73 -44.44
CA PRO C 329 -11.78 -2.32 -43.20
C PRO C 329 -11.57 -3.84 -43.25
N PHE C 330 -12.33 -4.54 -44.10
CA PHE C 330 -12.23 -5.99 -44.18
C PHE C 330 -11.02 -6.45 -44.99
N ASP C 331 -10.45 -5.57 -45.82
CA ASP C 331 -9.31 -5.91 -46.64
C ASP C 331 -8.07 -5.96 -45.74
N PRO C 332 -7.34 -7.10 -45.68
CA PRO C 332 -6.17 -7.21 -44.79
C PRO C 332 -5.05 -6.22 -45.08
N THR C 333 -5.02 -5.62 -46.28
CA THR C 333 -4.01 -4.65 -46.65
C THR C 333 -4.34 -3.25 -46.13
N THR C 334 -5.58 -3.05 -45.65
CA THR C 334 -6.02 -1.73 -45.23
C THR C 334 -5.35 -1.32 -43.92
N GLU C 335 -4.71 -0.14 -43.91
CA GLU C 335 -4.16 0.43 -42.70
C GLU C 335 -5.19 1.35 -42.04
N GLN C 336 -5.97 2.06 -42.87
CA GLN C 336 -6.86 3.11 -42.40
C GLN C 336 -8.25 2.92 -42.99
N GLY C 337 -9.24 2.86 -42.11
CA GLY C 337 -10.64 2.81 -42.50
C GLY C 337 -11.24 4.20 -42.62
N PRO C 338 -12.58 4.31 -42.64
CA PRO C 338 -13.25 5.60 -42.71
C PRO C 338 -13.38 6.27 -41.36
N GLN C 339 -13.67 7.58 -41.38
CA GLN C 339 -14.13 8.30 -40.18
C GLN C 339 -15.54 7.84 -39.85
N ILE C 340 -16.02 8.15 -38.65
CA ILE C 340 -17.18 7.47 -38.10
C ILE C 340 -18.46 7.89 -38.81
N ASP C 341 -18.57 9.17 -39.19
CA ASP C 341 -19.79 9.68 -39.78
C ASP C 341 -19.50 10.99 -40.53
N LYS C 342 -20.55 11.53 -41.17
CA LYS C 342 -20.39 12.69 -42.03
C LYS C 342 -20.06 13.93 -41.20
N LYS C 343 -20.64 14.06 -39.99
CA LYS C 343 -20.39 15.21 -39.15
C LYS C 343 -18.91 15.30 -38.79
N GLN C 344 -18.30 14.17 -38.41
CA GLN C 344 -16.89 14.13 -38.07
C GLN C 344 -16.04 14.39 -39.32
N TYR C 345 -16.42 13.75 -40.42
CA TYR C 345 -15.75 13.94 -41.70
C TYR C 345 -15.67 15.42 -42.04
N ASN C 346 -16.79 16.14 -41.91
CA ASN C 346 -16.84 17.57 -42.24
C ASN C 346 -16.00 18.38 -41.26
N LYS C 347 -16.05 18.03 -39.97
CA LYS C 347 -15.27 18.71 -38.95
C LYS C 347 -13.78 18.65 -39.29
N ILE C 348 -13.32 17.46 -39.70
CA ILE C 348 -11.91 17.26 -40.02
C ILE C 348 -11.53 18.11 -41.22
N LEU C 349 -12.32 18.07 -42.29
CA LEU C 349 -11.99 18.81 -43.50
C LEU C 349 -11.96 20.31 -43.21
N GLU C 350 -12.86 20.80 -42.35
CA GLU C 350 -12.92 22.22 -42.01
C GLU C 350 -11.63 22.64 -41.32
N LEU C 351 -11.10 21.78 -40.45
CA LEU C 351 -9.88 22.09 -39.73
C LEU C 351 -8.67 22.04 -40.66
N ILE C 352 -8.66 21.08 -41.61
CA ILE C 352 -7.63 21.04 -42.63
C ILE C 352 -7.63 22.35 -43.41
N GLN C 353 -8.82 22.81 -43.81
CA GLN C 353 -8.95 24.06 -44.56
C GLN C 353 -8.38 25.22 -43.72
N SER C 354 -8.64 25.20 -42.41
CA SER C 354 -8.15 26.24 -41.52
CA SER C 354 -8.15 26.26 -41.53
C SER C 354 -6.62 26.26 -41.52
N GLY C 355 -6.01 25.06 -41.53
CA GLY C 355 -4.57 24.94 -41.54
C GLY C 355 -3.95 25.57 -42.79
N VAL C 356 -4.55 25.29 -43.95
CA VAL C 356 -4.11 25.87 -45.21
C VAL C 356 -4.28 27.39 -45.13
N ALA C 357 -5.44 27.85 -44.63
CA ALA C 357 -5.75 29.27 -44.60
C ALA C 357 -4.79 30.03 -43.69
N GLU C 358 -4.35 29.40 -42.59
CA GLU C 358 -3.51 30.07 -41.61
C GLU C 358 -2.02 29.90 -41.94
N GLY C 359 -1.71 29.21 -43.04
CA GLY C 359 -0.38 29.23 -43.61
C GLY C 359 0.49 28.05 -43.19
N ALA C 360 -0.12 27.00 -42.65
CA ALA C 360 0.58 25.75 -42.44
C ALA C 360 0.90 25.14 -43.81
N LYS C 361 2.00 24.39 -43.90
CA LYS C 361 2.41 23.81 -45.16
C LYS C 361 1.76 22.43 -45.32
N LEU C 362 0.84 22.32 -46.28
CA LEU C 362 0.22 21.05 -46.61
C LEU C 362 1.18 20.24 -47.46
N GLU C 363 1.77 19.20 -46.86
CA GLU C 363 2.79 18.39 -47.50
C GLU C 363 2.17 17.30 -48.35
N CYS C 364 1.02 16.77 -47.90
CA CYS C 364 0.31 15.74 -48.64
C CYS C 364 -1.10 15.61 -48.08
N GLY C 365 -1.97 14.95 -48.85
CA GLY C 365 -3.34 14.71 -48.45
C GLY C 365 -4.19 15.98 -48.49
N GLY C 366 -5.17 16.04 -47.59
CA GLY C 366 -5.93 17.26 -47.33
C GLY C 366 -7.37 17.19 -47.82
N LYS C 367 -7.75 16.10 -48.50
CA LYS C 367 -9.08 16.00 -49.08
C LYS C 367 -9.73 14.67 -48.70
N GLY C 368 -11.07 14.63 -48.81
CA GLY C 368 -11.78 13.37 -48.84
C GLY C 368 -11.39 12.54 -50.06
N LEU C 369 -11.49 11.22 -49.97
CA LEU C 369 -11.02 10.34 -51.02
C LEU C 369 -12.07 10.18 -52.12
N GLY C 370 -13.29 10.68 -51.88
CA GLY C 370 -14.29 10.82 -52.93
C GLY C 370 -14.96 9.50 -53.28
N ARG C 371 -14.80 8.50 -52.40
CA ARG C 371 -15.48 7.21 -52.57
CA ARG C 371 -15.44 7.20 -52.53
C ARG C 371 -16.66 7.16 -51.60
N LYS C 372 -17.42 6.06 -51.66
CA LYS C 372 -18.49 5.83 -50.70
C LYS C 372 -17.89 5.79 -49.31
N GLY C 373 -18.69 6.16 -48.29
CA GLY C 373 -18.21 6.20 -46.92
C GLY C 373 -17.48 7.51 -46.62
N PHE C 374 -16.76 7.53 -45.49
CA PHE C 374 -16.25 8.77 -44.93
C PHE C 374 -14.72 8.71 -44.83
N PHE C 375 -14.07 8.49 -45.97
CA PHE C 375 -12.62 8.33 -46.01
C PHE C 375 -11.93 9.66 -46.32
N ILE C 376 -10.81 9.90 -45.63
CA ILE C 376 -10.01 11.11 -45.80
C ILE C 376 -8.56 10.70 -46.05
N GLU C 377 -7.91 11.41 -46.98
CA GLU C 377 -6.50 11.17 -47.29
C GLU C 377 -5.65 11.39 -46.03
N PRO C 378 -4.65 10.52 -45.77
CA PRO C 378 -3.65 10.82 -44.74
C PRO C 378 -3.00 12.15 -45.07
N THR C 379 -3.06 13.08 -44.11
CA THR C 379 -2.72 14.47 -44.32
C THR C 379 -1.56 14.85 -43.39
N VAL C 380 -0.55 15.53 -43.94
CA VAL C 380 0.58 16.00 -43.15
C VAL C 380 0.71 17.51 -43.34
N PHE C 381 0.76 18.23 -42.21
CA PHE C 381 1.13 19.64 -42.18
C PHE C 381 2.50 19.81 -41.52
N SER C 382 3.36 20.60 -42.14
CA SER C 382 4.59 21.08 -41.53
C SER C 382 4.52 22.58 -41.33
N ASN C 383 5.54 23.14 -40.67
CA ASN C 383 5.61 24.56 -40.38
C ASN C 383 4.35 25.00 -39.62
N VAL C 384 3.88 24.12 -38.73
CA VAL C 384 2.77 24.43 -37.86
C VAL C 384 3.29 25.28 -36.71
N THR C 385 2.54 26.33 -36.34
CA THR C 385 2.89 27.20 -35.24
C THR C 385 1.78 27.16 -34.19
N ASP C 386 2.13 27.59 -32.97
CA ASP C 386 1.36 27.30 -31.77
C ASP C 386 0.01 28.04 -31.75
N ASP C 387 -0.09 29.13 -32.52
CA ASP C 387 -1.25 29.99 -32.54
C ASP C 387 -2.31 29.51 -33.53
N MET C 388 -1.97 28.52 -34.36
CA MET C 388 -2.88 28.05 -35.39
C MET C 388 -4.00 27.22 -34.76
N ARG C 389 -5.20 27.27 -35.37
CA ARG C 389 -6.33 26.49 -34.90
C ARG C 389 -5.96 25.00 -34.86
N ILE C 390 -5.26 24.52 -35.90
CA ILE C 390 -4.91 23.11 -35.96
C ILE C 390 -3.93 22.75 -34.85
N ALA C 391 -3.20 23.72 -34.30
CA ALA C 391 -2.27 23.45 -33.21
C ALA C 391 -2.99 23.42 -31.86
N LYS C 392 -4.22 23.96 -31.79
CA LYS C 392 -4.91 24.13 -30.53
C LYS C 392 -6.12 23.20 -30.43
N GLU C 393 -6.79 22.93 -31.56
CA GLU C 393 -8.05 22.22 -31.55
C GLU C 393 -7.83 20.76 -31.92
N GLU C 394 -8.50 19.86 -31.19
CA GLU C 394 -8.45 18.42 -31.43
C GLU C 394 -9.17 18.12 -32.74
N ILE C 395 -8.45 17.50 -33.69
CA ILE C 395 -8.98 17.24 -35.02
C ILE C 395 -9.71 15.91 -35.06
N PHE C 396 -9.12 14.88 -34.44
CA PHE C 396 -9.73 13.55 -34.34
C PHE C 396 -9.87 12.95 -35.74
N GLY C 397 -8.84 13.17 -36.57
CA GLY C 397 -8.82 12.66 -37.93
C GLY C 397 -7.39 12.41 -38.38
N PRO C 398 -7.19 11.89 -39.61
CA PRO C 398 -5.86 11.51 -40.09
C PRO C 398 -5.06 12.73 -40.56
N VAL C 399 -4.68 13.56 -39.58
CA VAL C 399 -3.99 14.81 -39.85
C VAL C 399 -2.81 14.91 -38.90
N GLN C 400 -1.59 14.82 -39.47
CA GLN C 400 -0.36 14.92 -38.71
C GLN C 400 0.15 16.36 -38.74
N GLU C 401 0.61 16.85 -37.59
CA GLU C 401 1.13 18.20 -37.48
C GLU C 401 2.56 18.14 -36.94
N ILE C 402 3.48 18.79 -37.67
CA ILE C 402 4.89 18.73 -37.32
C ILE C 402 5.40 20.16 -37.09
N LEU C 403 5.97 20.36 -35.90
CA LEU C 403 6.51 21.64 -35.46
C LEU C 403 8.00 21.44 -35.20
N ARG C 404 8.74 22.55 -35.24
CA ARG C 404 10.17 22.54 -34.95
C ARG C 404 10.39 23.22 -33.60
N PHE C 405 11.43 22.76 -32.88
CA PHE C 405 11.91 23.43 -31.68
C PHE C 405 13.44 23.39 -31.66
N LYS C 406 14.03 24.24 -30.82
CA LYS C 406 15.49 24.28 -30.70
C LYS C 406 15.96 23.82 -29.32
N THR C 407 15.29 24.24 -28.23
CA THR C 407 15.84 23.95 -26.91
C THR C 407 14.85 23.16 -26.05
N MET C 408 15.41 22.49 -25.05
CA MET C 408 14.61 21.71 -24.13
C MET C 408 13.67 22.63 -23.33
N ASP C 409 14.18 23.76 -22.83
CA ASP C 409 13.37 24.69 -22.07
C ASP C 409 12.18 25.16 -22.91
N GLU C 410 12.45 25.47 -24.18
CA GLU C 410 11.43 25.93 -25.10
C GLU C 410 10.34 24.87 -25.28
N VAL C 411 10.76 23.64 -25.57
CA VAL C 411 9.78 22.62 -25.96
C VAL C 411 8.95 22.20 -24.76
N ILE C 412 9.52 22.23 -23.54
CA ILE C 412 8.74 21.92 -22.35
C ILE C 412 7.62 22.96 -22.21
N GLU C 413 7.98 24.25 -22.34
CA GLU C 413 7.01 25.32 -22.19
C GLU C 413 5.90 25.18 -23.24
N ARG C 414 6.28 24.94 -24.49
CA ARG C 414 5.31 24.87 -25.57
C ARG C 414 4.43 23.63 -25.44
N ALA C 415 5.04 22.50 -25.06
CA ALA C 415 4.29 21.27 -24.86
C ALA C 415 3.20 21.46 -23.81
N ASN C 416 3.53 22.18 -22.73
CA ASN C 416 2.64 22.33 -21.58
C ASN C 416 1.65 23.49 -21.76
N ASN C 417 1.82 24.31 -22.80
CA ASN C 417 0.98 25.47 -23.01
C ASN C 417 -0.32 25.03 -23.68
N SER C 418 -1.21 24.45 -22.87
CA SER C 418 -2.39 23.78 -23.36
C SER C 418 -3.37 23.62 -22.19
N ASP C 419 -4.67 23.70 -22.48
CA ASP C 419 -5.68 23.37 -21.49
C ASP C 419 -5.79 21.86 -21.35
N PHE C 420 -5.25 21.11 -22.32
CA PHE C 420 -5.27 19.66 -22.30
C PHE C 420 -4.00 19.13 -21.63
N GLY C 421 -4.05 17.85 -21.24
CA GLY C 421 -2.89 17.19 -20.67
C GLY C 421 -3.11 15.69 -20.54
N LEU C 422 -3.47 15.02 -21.63
CA LEU C 422 -3.82 13.62 -21.53
C LEU C 422 -2.58 12.75 -21.57
N VAL C 423 -1.78 12.87 -22.63
CA VAL C 423 -0.53 12.13 -22.74
C VAL C 423 0.56 13.04 -23.33
N ALA C 424 1.78 12.51 -23.33
CA ALA C 424 2.94 13.16 -23.93
C ALA C 424 3.99 12.09 -24.18
N ALA C 425 4.97 12.40 -25.05
CA ALA C 425 6.06 11.49 -25.29
C ALA C 425 7.34 12.28 -25.54
N VAL C 426 8.47 11.62 -25.24
CA VAL C 426 9.78 12.17 -25.54
C VAL C 426 10.65 11.04 -26.08
N PHE C 427 11.32 11.32 -27.20
CA PHE C 427 12.24 10.40 -27.83
C PHE C 427 13.66 10.97 -27.73
N THR C 428 14.47 10.33 -26.89
CA THR C 428 15.87 10.66 -26.73
C THR C 428 16.54 9.51 -25.98
N ASN C 429 17.85 9.35 -26.21
CA ASN C 429 18.62 8.36 -25.50
C ASN C 429 19.36 9.00 -24.33
N ASP C 430 19.32 10.33 -24.25
CA ASP C 430 19.97 11.04 -23.17
C ASP C 430 19.12 10.93 -21.90
N ILE C 431 19.67 10.29 -20.86
CA ILE C 431 18.90 9.99 -19.65
C ILE C 431 18.43 11.28 -18.98
N ASN C 432 19.30 12.30 -18.91
CA ASN C 432 18.96 13.53 -18.21
C ASN C 432 17.82 14.25 -18.93
N LYS C 433 17.90 14.37 -20.26
CA LYS C 433 16.84 15.01 -21.02
C LYS C 433 15.53 14.22 -20.87
N ALA C 434 15.62 12.89 -20.95
CA ALA C 434 14.42 12.06 -20.91
C ALA C 434 13.69 12.26 -19.58
N LEU C 435 14.43 12.24 -18.47
CA LEU C 435 13.81 12.35 -17.17
C LEU C 435 13.36 13.78 -16.89
N THR C 436 14.15 14.78 -17.32
CA THR C 436 13.75 16.17 -17.13
C THR C 436 12.44 16.46 -17.87
N VAL C 437 12.38 16.07 -19.14
CA VAL C 437 11.19 16.32 -19.95
C VAL C 437 10.00 15.56 -19.36
N SER C 438 10.15 14.26 -19.05
CA SER C 438 9.01 13.49 -18.60
C SER C 438 8.47 14.01 -17.26
N SER C 439 9.37 14.42 -16.36
CA SER C 439 8.95 14.96 -15.07
C SER C 439 8.21 16.28 -15.22
N ALA C 440 8.61 17.08 -16.22
CA ALA C 440 8.06 18.42 -16.42
C ALA C 440 6.73 18.41 -17.17
N MET C 441 6.40 17.33 -17.90
CA MET C 441 5.18 17.30 -18.69
C MET C 441 3.97 17.37 -17.76
N GLN C 442 2.99 18.20 -18.14
CA GLN C 442 1.71 18.24 -17.46
C GLN C 442 0.77 17.29 -18.20
N ALA C 443 0.98 15.98 -18.00
CA ALA C 443 0.24 14.96 -18.72
C ALA C 443 0.12 13.70 -17.86
N GLY C 444 -0.99 12.97 -18.02
CA GLY C 444 -1.30 11.83 -17.19
C GLY C 444 -0.48 10.58 -17.53
N THR C 445 -0.06 10.45 -18.79
CA THR C 445 0.85 9.42 -19.21
C THR C 445 1.95 10.06 -20.04
N VAL C 446 3.21 9.76 -19.69
CA VAL C 446 4.33 10.19 -20.50
C VAL C 446 5.10 8.96 -20.96
N TRP C 447 5.26 8.85 -22.28
CA TRP C 447 6.05 7.78 -22.87
C TRP C 447 7.47 8.26 -23.11
N ILE C 448 8.44 7.38 -22.85
CA ILE C 448 9.81 7.63 -23.23
C ILE C 448 10.21 6.58 -24.27
N ASN C 449 10.54 7.06 -25.47
CA ASN C 449 11.02 6.23 -26.58
C ASN C 449 9.96 5.23 -27.04
N CYS C 450 8.70 5.63 -26.93
CA CYS C 450 7.58 4.89 -27.48
C CYS C 450 6.37 5.82 -27.52
N TYR C 451 5.27 5.34 -28.11
CA TYR C 451 4.04 6.09 -28.17
C TYR C 451 2.87 5.10 -28.16
N ASN C 452 1.78 5.46 -27.48
CA ASN C 452 0.56 4.67 -27.45
C ASN C 452 0.80 3.29 -26.84
N ALA C 453 1.69 3.23 -25.83
CA ALA C 453 1.92 2.01 -25.09
C ALA C 453 1.00 2.01 -23.87
N LEU C 454 -0.15 1.34 -23.98
CA LEU C 454 -1.09 1.22 -22.88
CA LEU C 454 -1.08 1.22 -22.88
C LEU C 454 -1.14 -0.23 -22.41
N ASN C 455 -1.38 -0.40 -21.12
CA ASN C 455 -1.36 -1.70 -20.48
CA ASN C 455 -1.44 -1.73 -20.56
C ASN C 455 -2.45 -1.73 -19.42
N ALA C 456 -3.02 -2.92 -19.16
CA ALA C 456 -4.05 -3.09 -18.16
C ALA C 456 -3.54 -2.72 -16.77
N GLN C 457 -2.22 -2.86 -16.56
CA GLN C 457 -1.63 -2.71 -15.24
C GLN C 457 -1.36 -1.25 -14.89
N SER C 458 -1.38 -0.34 -15.88
CA SER C 458 -0.93 1.03 -15.62
CA SER C 458 -0.91 1.03 -15.70
C SER C 458 -2.09 2.01 -15.73
N PRO C 459 -2.20 2.94 -14.77
CA PRO C 459 -3.29 3.92 -14.75
C PRO C 459 -3.16 4.94 -15.88
N PHE C 460 -4.31 5.52 -16.23
CA PHE C 460 -4.43 6.39 -17.40
C PHE C 460 -5.49 7.45 -17.13
N GLY C 461 -5.19 8.70 -17.49
CA GLY C 461 -6.16 9.77 -17.35
C GLY C 461 -5.52 11.12 -17.57
N GLY C 462 -6.32 12.18 -17.48
CA GLY C 462 -5.90 13.51 -17.89
C GLY C 462 -5.45 14.38 -16.73
N PHE C 463 -4.47 15.24 -17.02
CA PHE C 463 -4.25 16.47 -16.27
C PHE C 463 -5.20 17.53 -16.84
N LYS C 464 -5.42 18.60 -16.06
CA LYS C 464 -6.10 19.78 -16.55
C LYS C 464 -7.45 19.37 -17.14
N MET C 465 -7.79 19.86 -18.34
CA MET C 465 -9.14 19.70 -18.86
C MET C 465 -9.25 18.44 -19.71
N SER C 466 -8.25 17.56 -19.64
CA SER C 466 -8.32 16.25 -20.27
C SER C 466 -9.02 15.22 -19.38
N GLY C 467 -9.40 15.60 -18.15
CA GLY C 467 -10.24 14.73 -17.35
C GLY C 467 -9.98 14.85 -15.86
N ASN C 468 -10.67 13.98 -15.11
CA ASN C 468 -10.47 13.86 -13.68
CA ASN C 468 -10.61 13.89 -13.66
C ASN C 468 -10.57 12.39 -13.31
N GLY C 469 -9.62 11.97 -12.47
CA GLY C 469 -9.54 10.59 -12.05
C GLY C 469 -8.70 9.75 -13.01
N ARG C 470 -8.53 8.47 -12.65
CA ARG C 470 -7.73 7.55 -13.44
C ARG C 470 -8.51 6.27 -13.67
N GLU C 471 -8.23 5.64 -14.82
CA GLU C 471 -8.73 4.33 -15.16
CA GLU C 471 -8.73 4.32 -15.16
C GLU C 471 -7.53 3.40 -15.37
N MET C 472 -7.79 2.08 -15.30
CA MET C 472 -6.82 1.02 -15.47
CA MET C 472 -6.78 1.04 -15.50
C MET C 472 -5.90 0.93 -14.27
N GLY C 473 -5.17 -0.19 -14.16
CA GLY C 473 -4.30 -0.45 -13.02
C GLY C 473 -5.07 -0.54 -11.71
N GLU C 474 -4.32 -0.57 -10.61
CA GLU C 474 -4.90 -0.54 -9.28
C GLU C 474 -5.72 0.74 -9.10
N PHE C 475 -5.21 1.87 -9.57
CA PHE C 475 -5.80 3.16 -9.22
C PHE C 475 -7.18 3.32 -9.86
N GLY C 476 -7.44 2.62 -10.97
CA GLY C 476 -8.76 2.61 -11.59
C GLY C 476 -9.86 2.20 -10.60
N LEU C 477 -9.51 1.33 -9.66
CA LEU C 477 -10.47 0.82 -8.69
C LEU C 477 -10.89 1.90 -7.70
N ARG C 478 -10.03 2.91 -7.48
CA ARG C 478 -10.27 3.88 -6.43
C ARG C 478 -11.51 4.73 -6.75
N GLU C 479 -11.87 4.81 -8.03
CA GLU C 479 -13.03 5.58 -8.45
C GLU C 479 -14.32 4.80 -8.22
N TYR C 480 -14.22 3.51 -7.88
CA TYR C 480 -15.38 2.62 -7.85
C TYR C 480 -15.63 2.03 -6.46
N SER C 481 -14.95 2.56 -5.44
CA SER C 481 -15.21 2.17 -4.06
C SER C 481 -15.48 3.41 -3.22
N GLU C 482 -16.29 3.21 -2.17
CA GLU C 482 -16.55 4.21 -1.15
C GLU C 482 -15.87 3.73 0.12
N VAL C 483 -15.16 4.63 0.81
CA VAL C 483 -14.40 4.27 2.00
C VAL C 483 -15.25 4.56 3.24
N LYS C 484 -15.37 3.55 4.11
CA LYS C 484 -16.03 3.69 5.40
C LYS C 484 -15.01 3.45 6.49
N THR C 485 -14.90 4.39 7.44
CA THR C 485 -14.11 4.20 8.64
C THR C 485 -15.00 3.66 9.76
N VAL C 486 -14.56 2.60 10.43
CA VAL C 486 -15.27 2.07 11.58
C VAL C 486 -14.35 2.20 12.77
N THR C 487 -14.84 2.88 13.82
CA THR C 487 -14.06 3.18 15.00
C THR C 487 -14.81 2.61 16.21
N VAL C 488 -14.16 1.63 16.86
CA VAL C 488 -14.72 0.84 17.93
C VAL C 488 -14.06 1.25 19.25
N LYS C 489 -14.86 1.64 20.24
CA LYS C 489 -14.35 1.86 21.58
C LYS C 489 -13.86 0.54 22.16
N ILE C 490 -12.66 0.54 22.75
CA ILE C 490 -12.14 -0.63 23.42
C ILE C 490 -11.73 -0.23 24.84
N PRO C 491 -11.77 -1.16 25.82
CA PRO C 491 -11.49 -0.83 27.21
C PRO C 491 -10.05 -0.37 27.49
N GLN C 492 -9.09 -0.98 26.79
CA GLN C 492 -7.71 -0.58 26.91
C GLN C 492 -7.01 -0.92 25.60
N LYS C 493 -6.09 -0.04 25.20
CA LYS C 493 -5.30 -0.25 24.00
C LYS C 493 -3.88 -0.61 24.38
N ASN C 494 -3.34 -1.61 23.68
CA ASN C 494 -1.92 -1.86 23.62
C ASN C 494 -1.50 -1.90 22.16
N SER C 495 -0.24 -1.51 21.92
CA SER C 495 0.34 -1.60 20.58
C SER C 495 0.36 -3.06 20.08
N SER D 2 32.12 30.30 10.21
CA SER D 2 30.74 29.73 10.22
C SER D 2 30.79 28.21 10.43
N LEU D 3 31.85 27.56 9.92
CA LEU D 3 32.01 26.13 10.10
C LEU D 3 32.12 25.79 11.58
N PRO D 4 31.54 24.65 12.03
CA PRO D 4 31.69 24.21 13.42
C PRO D 4 33.11 23.76 13.70
N SER D 5 33.49 23.79 14.98
CA SER D 5 34.80 23.31 15.42
C SER D 5 34.60 22.18 16.43
N PRO D 6 35.57 21.24 16.55
CA PRO D 6 35.48 20.21 17.58
C PRO D 6 35.29 20.84 18.95
N THR D 7 34.42 20.24 19.77
CA THR D 7 34.20 20.71 21.13
C THR D 7 35.55 20.72 21.84
N PRO D 8 36.00 21.87 22.39
CA PRO D 8 37.29 21.93 23.09
C PRO D 8 37.35 21.09 24.36
N ASN D 9 38.46 20.36 24.53
CA ASN D 9 38.75 19.61 25.74
C ASN D 9 37.55 18.73 26.11
N LEU D 10 37.17 17.83 25.21
CA LEU D 10 35.97 17.03 25.41
C LEU D 10 36.19 16.01 26.53
N GLU D 11 35.35 16.10 27.56
CA GLU D 11 35.33 15.08 28.59
C GLU D 11 34.23 14.07 28.28
N ILE D 12 34.49 12.80 28.60
CA ILE D 12 33.55 11.73 28.36
C ILE D 12 32.77 11.51 29.65
N LYS D 13 31.52 12.01 29.67
CA LYS D 13 30.70 12.01 30.87
C LYS D 13 30.10 10.63 31.12
N TYR D 14 29.66 9.95 30.05
CA TYR D 14 28.84 8.75 30.17
C TYR D 14 29.68 7.54 29.80
N THR D 15 29.98 6.69 30.81
CA THR D 15 30.87 5.56 30.64
C THR D 15 30.28 4.28 31.23
N LYS D 16 29.01 4.31 31.65
CA LYS D 16 28.43 3.16 32.33
C LYS D 16 27.39 2.47 31.45
N ILE D 17 26.96 1.30 31.89
CA ILE D 17 25.90 0.54 31.26
C ILE D 17 24.58 1.25 31.52
N PHE D 18 23.70 1.25 30.51
CA PHE D 18 22.43 1.94 30.60
C PHE D 18 21.30 0.92 30.57
N ILE D 19 20.68 0.69 31.73
CA ILE D 19 19.59 -0.27 31.86
C ILE D 19 18.48 0.38 32.67
N ASN D 20 17.26 0.35 32.12
CA ASN D 20 16.10 0.85 32.84
C ASN D 20 16.29 2.33 33.20
N ASN D 21 16.90 3.07 32.27
CA ASN D 21 17.16 4.50 32.39
C ASN D 21 18.05 4.82 33.59
N GLU D 22 18.86 3.86 34.02
CA GLU D 22 19.81 4.08 35.09
C GLU D 22 21.20 3.67 34.62
N TRP D 23 22.20 4.33 35.19
CA TRP D 23 23.59 4.06 34.91
C TRP D 23 24.08 3.00 35.88
N GLN D 24 24.65 1.92 35.35
CA GLN D 24 25.02 0.78 36.17
C GLN D 24 26.47 0.39 35.91
N ASN D 25 27.12 -0.11 36.97
CA ASN D 25 28.40 -0.77 36.83
C ASN D 25 28.18 -2.16 36.26
N SER D 26 29.21 -2.69 35.62
CA SER D 26 29.20 -4.07 35.18
C SER D 26 29.06 -4.98 36.40
N GLU D 27 28.38 -6.11 36.22
CA GLU D 27 28.24 -7.11 37.26
C GLU D 27 29.62 -7.61 37.72
N SER D 28 30.57 -7.74 36.78
CA SER D 28 31.91 -8.24 37.08
C SER D 28 32.74 -7.18 37.81
N GLY D 29 32.40 -5.90 37.60
CA GLY D 29 33.23 -4.81 38.09
C GLY D 29 34.26 -4.34 37.06
N ARG D 30 34.39 -5.05 35.93
CA ARG D 30 35.42 -4.75 34.95
C ARG D 30 35.03 -3.52 34.13
N VAL D 31 36.07 -2.79 33.71
CA VAL D 31 35.96 -1.75 32.70
C VAL D 31 36.95 -2.09 31.59
N PHE D 32 36.67 -1.59 30.38
CA PHE D 32 37.55 -1.84 29.25
C PHE D 32 37.98 -0.50 28.67
N PRO D 33 39.19 -0.45 28.05
CA PRO D 33 39.73 0.79 27.50
C PRO D 33 39.13 1.13 26.15
N VAL D 34 39.05 2.45 25.89
CA VAL D 34 38.63 3.00 24.61
C VAL D 34 39.74 3.93 24.12
N TYR D 35 40.07 3.83 22.83
CA TYR D 35 41.25 4.48 22.28
C TYR D 35 40.88 5.50 21.20
N ASN D 36 41.82 6.42 20.99
CA ASN D 36 41.81 7.36 19.88
C ASN D 36 42.63 6.76 18.75
N PRO D 37 42.04 6.38 17.59
CA PRO D 37 42.82 5.75 16.53
C PRO D 37 43.82 6.64 15.81
N ALA D 38 43.73 7.96 16.04
CA ALA D 38 44.67 8.90 15.42
C ALA D 38 46.00 8.94 16.18
N THR D 39 45.97 8.59 17.48
CA THR D 39 47.16 8.68 18.31
C THR D 39 47.52 7.35 18.96
N GLY D 40 46.58 6.41 19.02
CA GLY D 40 46.76 5.17 19.74
C GLY D 40 46.57 5.30 21.25
N GLU D 41 46.29 6.51 21.73
CA GLU D 41 46.24 6.77 23.17
C GLU D 41 44.85 6.44 23.70
N GLN D 42 44.80 6.07 24.98
CA GLN D 42 43.57 5.75 25.67
C GLN D 42 42.79 7.04 25.96
N VAL D 43 41.48 7.00 25.67
CA VAL D 43 40.56 8.11 25.87
C VAL D 43 39.92 8.00 27.25
N CYS D 44 39.39 6.81 27.56
CA CYS D 44 38.68 6.58 28.80
C CYS D 44 38.49 5.08 29.01
N GLU D 45 37.79 4.71 30.08
CA GLU D 45 37.39 3.34 30.33
C GLU D 45 35.87 3.29 30.44
N VAL D 46 35.28 2.15 30.04
CA VAL D 46 33.84 1.97 30.01
C VAL D 46 33.48 0.66 30.72
N GLN D 47 32.34 0.64 31.42
CA GLN D 47 31.86 -0.56 32.09
C GLN D 47 31.69 -1.67 31.06
N GLU D 48 32.16 -2.88 31.41
CA GLU D 48 32.22 -3.98 30.45
CA GLU D 48 32.26 -4.00 30.49
C GLU D 48 31.06 -4.94 30.67
N ALA D 49 30.08 -4.88 29.77
CA ALA D 49 28.90 -5.73 29.86
C ALA D 49 29.24 -7.15 29.40
N ASP D 50 28.62 -8.13 30.07
CA ASP D 50 28.73 -9.54 29.72
C ASP D 50 27.33 -10.13 29.89
N LYS D 51 27.24 -11.47 29.87
CA LYS D 51 25.97 -12.17 29.93
C LYS D 51 25.10 -11.70 31.10
N ALA D 52 25.68 -11.54 32.30
CA ALA D 52 24.88 -11.16 33.46
C ALA D 52 24.18 -9.83 33.23
N ASP D 53 24.88 -8.90 32.58
CA ASP D 53 24.35 -7.57 32.30
C ASP D 53 23.27 -7.66 31.20
N ILE D 54 23.54 -8.45 30.15
CA ILE D 54 22.55 -8.68 29.11
C ILE D 54 21.26 -9.21 29.73
N ASP D 55 21.38 -10.17 30.67
CA ASP D 55 20.21 -10.78 31.28
C ASP D 55 19.38 -9.73 32.01
N LYS D 56 20.05 -8.82 32.73
CA LYS D 56 19.34 -7.75 33.42
C LYS D 56 18.64 -6.84 32.42
N ALA D 57 19.33 -6.54 31.31
CA ALA D 57 18.79 -5.66 30.29
C ALA D 57 17.56 -6.28 29.63
N VAL D 58 17.62 -7.58 29.34
CA VAL D 58 16.50 -8.25 28.69
C VAL D 58 15.29 -8.24 29.63
N GLN D 59 15.51 -8.46 30.93
CA GLN D 59 14.43 -8.41 31.89
C GLN D 59 13.79 -7.02 31.92
N ALA D 60 14.62 -5.97 31.86
CA ALA D 60 14.12 -4.60 31.86
C ALA D 60 13.31 -4.33 30.59
N ALA D 61 13.81 -4.78 29.44
CA ALA D 61 13.13 -4.58 28.17
C ALA D 61 11.81 -5.37 28.12
N ARG D 62 11.80 -6.55 28.73
CA ARG D 62 10.60 -7.38 28.73
C ARG D 62 9.53 -6.74 29.61
N LEU D 63 9.91 -6.23 30.78
CA LEU D 63 8.95 -5.60 31.66
C LEU D 63 8.37 -4.34 30.98
N ALA D 64 9.22 -3.58 30.29
CA ALA D 64 8.77 -2.37 29.62
C ALA D 64 7.82 -2.72 28.47
N PHE D 65 7.90 -3.94 27.95
CA PHE D 65 7.06 -4.39 26.85
C PHE D 65 5.77 -5.05 27.35
N SER D 66 5.59 -5.18 28.67
CA SER D 66 4.45 -5.89 29.22
C SER D 66 3.13 -5.20 28.85
N LEU D 67 2.08 -5.99 28.62
CA LEU D 67 0.76 -5.42 28.38
C LEU D 67 0.41 -4.48 29.52
N GLY D 68 -0.16 -3.31 29.18
CA GLY D 68 -0.56 -2.32 30.16
C GLY D 68 0.57 -1.40 30.59
N SER D 69 1.79 -1.63 30.07
CA SER D 69 2.92 -0.78 30.39
C SER D 69 2.73 0.59 29.72
N VAL D 70 3.52 1.56 30.17
CA VAL D 70 3.47 2.90 29.61
C VAL D 70 3.80 2.84 28.12
N TRP D 71 4.82 2.07 27.74
CA TRP D 71 5.26 2.00 26.35
C TRP D 71 4.22 1.31 25.47
N ARG D 72 3.50 0.30 26.01
CA ARG D 72 2.53 -0.43 25.21
C ARG D 72 1.23 0.38 25.08
N ARG D 73 0.90 1.18 26.08
CA ARG D 73 -0.38 1.89 26.10
C ARG D 73 -0.29 3.21 25.35
N MET D 74 0.93 3.70 25.13
CA MET D 74 1.17 5.01 24.54
C MET D 74 0.58 5.05 23.13
N ASP D 75 -0.02 6.20 22.77
CA ASP D 75 -0.48 6.40 21.40
C ASP D 75 0.72 6.24 20.46
N ALA D 76 0.52 5.61 19.31
CA ALA D 76 1.58 5.49 18.32
C ALA D 76 2.15 6.87 18.00
N SER D 77 1.28 7.88 17.91
CA SER D 77 1.72 9.24 17.58
C SER D 77 2.69 9.76 18.64
N GLU D 78 2.52 9.33 19.89
CA GLU D 78 3.38 9.77 20.98
C GLU D 78 4.74 9.03 20.92
N ARG D 79 4.77 7.79 20.43
CA ARG D 79 6.05 7.16 20.15
C ARG D 79 6.79 8.01 19.12
N GLY D 80 6.07 8.51 18.12
CA GLY D 80 6.65 9.37 17.11
C GLY D 80 7.21 10.65 17.72
N ARG D 81 6.43 11.29 18.61
CA ARG D 81 6.88 12.51 19.26
C ARG D 81 8.19 12.29 20.00
N LEU D 82 8.37 11.12 20.63
CA LEU D 82 9.58 10.85 21.37
C LEU D 82 10.79 10.74 20.44
N LEU D 83 10.60 10.14 19.27
CA LEU D 83 11.67 10.09 18.27
C LEU D 83 12.03 11.49 17.78
N ASP D 84 11.03 12.36 17.58
CA ASP D 84 11.27 13.75 17.21
C ASP D 84 12.02 14.49 18.31
N LYS D 85 11.68 14.22 19.57
CA LYS D 85 12.37 14.88 20.67
C LYS D 85 13.83 14.45 20.70
N LEU D 86 14.07 13.15 20.47
CA LEU D 86 15.42 12.65 20.45
C LEU D 86 16.21 13.33 19.33
N ALA D 87 15.60 13.52 18.15
CA ALA D 87 16.22 14.25 17.05
C ALA D 87 16.59 15.68 17.47
N ASP D 88 15.67 16.33 18.20
CA ASP D 88 15.91 17.70 18.66
C ASP D 88 17.14 17.75 19.57
N LEU D 89 17.29 16.76 20.45
CA LEU D 89 18.39 16.74 21.40
C LEU D 89 19.71 16.44 20.70
N VAL D 90 19.69 15.53 19.71
CA VAL D 90 20.88 15.26 18.92
C VAL D 90 21.31 16.53 18.19
N GLU D 91 20.34 17.27 17.62
CA GLU D 91 20.65 18.52 16.94
C GLU D 91 21.29 19.50 17.93
N ARG D 92 20.72 19.63 19.12
CA ARG D 92 21.27 20.51 20.15
C ARG D 92 22.74 20.15 20.42
N ASP D 93 23.02 18.85 20.52
CA ASP D 93 24.33 18.36 20.95
C ASP D 93 25.14 17.82 19.77
N ARG D 94 24.89 18.36 18.57
CA ARG D 94 25.46 17.84 17.35
C ARG D 94 26.99 17.94 17.36
N ALA D 95 27.54 19.06 17.84
CA ALA D 95 28.97 19.28 17.81
C ALA D 95 29.66 18.33 18.79
N VAL D 96 29.09 18.15 19.99
CA VAL D 96 29.61 17.24 20.99
C VAL D 96 29.64 15.83 20.41
N LEU D 97 28.53 15.39 19.82
CA LEU D 97 28.44 14.03 19.30
C LEU D 97 29.41 13.84 18.12
N ALA D 98 29.53 14.83 17.25
CA ALA D 98 30.45 14.76 16.13
C ALA D 98 31.89 14.70 16.62
N THR D 99 32.19 15.47 17.68
CA THR D 99 33.52 15.46 18.27
C THR D 99 33.83 14.05 18.78
N MET D 100 32.85 13.44 19.43
CA MET D 100 33.02 12.12 20.02
CA MET D 100 33.02 12.12 20.01
C MET D 100 33.24 11.08 18.91
N GLU D 101 32.49 11.19 17.81
CA GLU D 101 32.64 10.28 16.67
C GLU D 101 34.03 10.45 16.04
N SER D 102 34.53 11.69 16.01
CA SER D 102 35.84 11.99 15.47
C SER D 102 36.94 11.42 16.37
N LEU D 103 36.86 11.72 17.67
CA LEU D 103 37.85 11.31 18.65
C LEU D 103 37.97 9.79 18.70
N ASN D 104 36.81 9.12 18.81
CA ASN D 104 36.72 7.70 19.06
C ASN D 104 36.82 6.90 17.75
N GLY D 105 36.18 7.41 16.69
CA GLY D 105 36.01 6.64 15.46
C GLY D 105 37.04 6.97 14.38
N GLY D 106 37.80 8.06 14.56
CA GLY D 106 38.79 8.50 13.58
C GLY D 106 38.19 9.30 12.42
N LYS D 107 36.89 9.61 12.49
CA LYS D 107 36.23 10.30 11.40
C LYS D 107 36.62 11.77 11.40
N PRO D 108 37.00 12.36 10.25
CA PRO D 108 37.21 13.81 10.17
C PRO D 108 35.98 14.53 10.73
N PHE D 109 36.22 15.48 11.64
CA PHE D 109 35.16 16.10 12.41
C PHE D 109 34.08 16.68 11.50
N LEU D 110 34.48 17.44 10.47
CA LEU D 110 33.50 18.11 9.64
C LEU D 110 32.62 17.09 8.90
N GLN D 111 33.19 15.93 8.54
CA GLN D 111 32.44 14.90 7.85
C GLN D 111 31.49 14.20 8.83
N ALA D 112 31.95 13.96 10.06
CA ALA D 112 31.06 13.42 11.09
C ALA D 112 29.90 14.38 11.34
N PHE D 113 30.18 15.68 11.30
CA PHE D 113 29.17 16.69 11.60
C PHE D 113 28.14 16.76 10.47
N TYR D 114 28.61 16.80 9.22
CA TYR D 114 27.75 17.07 8.09
C TYR D 114 27.20 15.80 7.43
N VAL D 115 27.82 14.64 7.67
CA VAL D 115 27.31 13.39 7.12
C VAL D 115 26.65 12.58 8.24
N ASP D 116 27.46 11.98 9.12
CA ASP D 116 26.92 11.07 10.12
C ASP D 116 25.80 11.71 10.94
N LEU D 117 26.06 12.89 11.51
CA LEU D 117 25.10 13.49 12.42
C LEU D 117 23.84 13.93 11.67
N GLN D 118 24.00 14.40 10.42
CA GLN D 118 22.86 14.71 9.59
C GLN D 118 22.00 13.45 9.39
N GLY D 119 22.65 12.32 9.11
CA GLY D 119 21.96 11.06 8.94
C GLY D 119 21.22 10.62 10.20
N VAL D 120 21.83 10.83 11.36
CA VAL D 120 21.20 10.46 12.62
C VAL D 120 19.92 11.25 12.80
N ILE D 121 20.02 12.57 12.61
CA ILE D 121 18.88 13.46 12.82
C ILE D 121 17.78 13.12 11.82
N LYS D 122 18.14 12.97 10.54
CA LYS D 122 17.15 12.67 9.51
C LYS D 122 16.49 11.31 9.75
N THR D 123 17.24 10.33 10.25
CA THR D 123 16.69 9.01 10.52
C THR D 123 15.61 9.10 11.60
N PHE D 124 15.92 9.79 12.70
CA PHE D 124 14.95 9.93 13.78
C PHE D 124 13.72 10.70 13.31
N ARG D 125 13.92 11.77 12.54
CA ARG D 125 12.79 12.56 12.09
C ARG D 125 11.91 11.78 11.11
N TYR D 126 12.54 10.96 10.27
CA TYR D 126 11.81 10.16 9.29
C TYR D 126 10.91 9.16 10.01
N TYR D 127 11.49 8.37 10.92
CA TYR D 127 10.71 7.35 11.60
C TYR D 127 9.73 7.95 12.62
N ALA D 128 10.01 9.15 13.14
CA ALA D 128 9.02 9.83 13.97
C ALA D 128 7.68 9.87 13.23
N GLY D 129 7.73 10.10 11.91
CA GLY D 129 6.54 10.23 11.11
C GLY D 129 5.83 8.92 10.81
N TRP D 130 6.52 7.77 10.90
CA TRP D 130 5.92 6.49 10.53
C TRP D 130 5.06 5.91 11.65
N ALA D 131 5.28 6.30 12.90
CA ALA D 131 4.80 5.52 14.04
C ALA D 131 3.29 5.31 13.96
N ASP D 132 2.54 6.35 13.60
CA ASP D 132 1.09 6.27 13.58
C ASP D 132 0.56 6.08 12.17
N LYS D 133 1.42 5.59 11.26
CA LYS D 133 1.03 5.32 9.88
C LYS D 133 1.39 3.88 9.48
N ILE D 134 1.66 3.03 10.48
CA ILE D 134 1.83 1.60 10.26
C ILE D 134 0.45 0.97 10.23
N HIS D 135 0.01 0.53 9.05
CA HIS D 135 -1.35 0.06 8.85
C HIS D 135 -1.37 -1.45 8.60
N GLY D 136 -2.38 -2.12 9.17
CA GLY D 136 -2.74 -3.45 8.72
C GLY D 136 -3.80 -3.33 7.63
N MET D 137 -4.44 -4.46 7.30
CA MET D 137 -5.43 -4.48 6.23
C MET D 137 -6.72 -5.12 6.70
N THR D 138 -7.80 -4.79 6.00
CA THR D 138 -9.03 -5.56 6.02
C THR D 138 -9.15 -6.26 4.67
N ILE D 139 -9.64 -7.51 4.70
CA ILE D 139 -9.45 -8.43 3.60
C ILE D 139 -10.78 -9.05 3.20
N PRO D 140 -11.17 -9.00 1.91
CA PRO D 140 -12.44 -9.57 1.45
C PRO D 140 -12.37 -11.08 1.23
N VAL D 141 -12.21 -11.82 2.33
CA VAL D 141 -12.02 -13.26 2.31
C VAL D 141 -13.28 -13.96 1.83
N ASP D 142 -13.12 -15.20 1.37
CA ASP D 142 -14.26 -16.06 1.07
C ASP D 142 -14.99 -16.38 2.37
N GLY D 143 -16.32 -16.58 2.26
CA GLY D 143 -17.13 -17.02 3.37
C GLY D 143 -17.64 -15.87 4.24
N ASP D 144 -18.44 -16.23 5.25
CA ASP D 144 -19.11 -15.25 6.10
C ASP D 144 -18.17 -14.90 7.25
N TYR D 145 -17.13 -14.13 6.91
CA TYR D 145 -16.12 -13.69 7.87
C TYR D 145 -15.78 -12.23 7.65
N PHE D 146 -15.38 -11.58 8.76
CA PHE D 146 -14.67 -10.31 8.74
C PHE D 146 -13.22 -10.62 9.13
N THR D 147 -12.28 -10.35 8.21
CA THR D 147 -10.87 -10.62 8.46
C THR D 147 -10.07 -9.32 8.37
N PHE D 148 -9.23 -9.08 9.37
CA PHE D 148 -8.32 -7.96 9.37
C PHE D 148 -6.96 -8.41 9.91
N THR D 149 -5.94 -7.60 9.66
CA THR D 149 -4.63 -7.83 10.26
C THR D 149 -4.31 -6.74 11.28
N ARG D 150 -3.56 -7.17 12.29
CA ARG D 150 -3.09 -6.34 13.37
C ARG D 150 -1.55 -6.43 13.34
N HIS D 151 -0.89 -5.30 13.11
CA HIS D 151 0.57 -5.28 13.08
C HIS D 151 1.02 -4.85 14.47
N GLU D 152 1.73 -5.75 15.13
CA GLU D 152 2.14 -5.54 16.50
C GLU D 152 3.66 -5.46 16.57
N PRO D 153 4.24 -4.78 17.57
CA PRO D 153 5.66 -4.92 17.83
C PRO D 153 5.96 -6.39 18.13
N ILE D 154 7.17 -6.84 17.75
CA ILE D 154 7.56 -8.21 17.98
C ILE D 154 7.82 -8.42 19.48
N GLY D 155 8.55 -7.49 20.09
CA GLY D 155 8.88 -7.61 21.50
C GLY D 155 10.27 -7.04 21.79
N VAL D 156 11.10 -7.86 22.46
CA VAL D 156 12.44 -7.47 22.81
C VAL D 156 13.36 -7.73 21.62
N CYS D 157 13.98 -6.65 21.13
CA CYS D 157 14.87 -6.70 19.98
C CYS D 157 16.32 -6.48 20.43
N GLY D 158 17.17 -7.47 20.14
CA GLY D 158 18.59 -7.36 20.37
C GLY D 158 19.27 -6.79 19.12
N GLN D 159 20.17 -5.84 19.31
CA GLN D 159 20.77 -5.14 18.18
C GLN D 159 22.27 -5.04 18.43
N ILE D 160 23.04 -5.36 17.40
CA ILE D 160 24.49 -5.36 17.47
C ILE D 160 25.00 -4.53 16.30
N ILE D 161 25.84 -3.54 16.60
CA ILE D 161 26.24 -2.58 15.59
C ILE D 161 27.76 -2.45 15.56
N PRO D 162 28.30 -2.03 14.40
CA PRO D 162 29.74 -1.97 14.20
C PRO D 162 30.39 -0.63 14.52
N TRP D 163 31.71 -0.58 14.30
CA TRP D 163 32.55 0.53 14.71
C TRP D 163 32.75 1.55 13.59
N ASN D 164 32.28 1.27 12.37
CA ASN D 164 32.60 2.11 11.23
C ASN D 164 31.65 3.32 11.12
N PHE D 165 30.43 3.19 11.66
CA PHE D 165 29.47 4.28 11.75
C PHE D 165 28.77 4.17 13.09
N PRO D 166 29.46 4.40 14.22
CA PRO D 166 28.90 4.04 15.53
C PRO D 166 27.54 4.68 15.81
N LEU D 167 27.47 6.02 15.71
CA LEU D 167 26.24 6.70 16.08
C LEU D 167 25.19 6.54 15.00
N LEU D 168 25.60 6.62 13.73
CA LEU D 168 24.64 6.50 12.63
C LEU D 168 23.97 5.13 12.66
N MET D 169 24.73 4.06 12.92
CA MET D 169 24.18 2.71 12.93
CA MET D 169 24.14 2.73 12.91
C MET D 169 23.28 2.53 14.16
N PHE D 170 23.63 3.19 15.27
CA PHE D 170 22.77 3.21 16.44
C PHE D 170 21.38 3.73 16.04
N ALA D 171 21.35 4.85 15.31
CA ALA D 171 20.10 5.45 14.87
C ALA D 171 19.36 4.52 13.90
N TRP D 172 20.08 3.96 12.91
CA TRP D 172 19.52 3.05 11.93
CA TRP D 172 19.47 3.07 11.94
C TRP D 172 18.75 1.92 12.64
N LYS D 173 19.29 1.46 13.78
CA LYS D 173 18.72 0.33 14.50
C LYS D 173 17.55 0.75 15.37
N ILE D 174 17.76 1.72 16.26
CA ILE D 174 16.73 1.94 17.29
C ILE D 174 15.52 2.64 16.68
N ALA D 175 15.71 3.46 15.64
CA ALA D 175 14.61 4.27 15.13
C ALA D 175 13.46 3.41 14.63
N PRO D 176 13.65 2.45 13.69
CA PRO D 176 12.53 1.61 13.26
C PRO D 176 11.99 0.72 14.38
N ALA D 177 12.87 0.19 15.23
CA ALA D 177 12.44 -0.68 16.31
C ALA D 177 11.45 0.06 17.21
N LEU D 178 11.80 1.28 17.61
CA LEU D 178 10.96 2.06 18.52
C LEU D 178 9.72 2.57 17.80
N CYS D 179 9.89 2.96 16.54
CA CYS D 179 8.78 3.37 15.70
C CYS D 179 7.64 2.35 15.78
N CYS D 180 8.00 1.07 15.74
CA CYS D 180 7.05 -0.04 15.71
C CYS D 180 6.61 -0.45 17.12
N GLY D 181 7.22 0.09 18.18
CA GLY D 181 6.76 -0.15 19.54
C GLY D 181 7.49 -1.27 20.26
N ASN D 182 8.65 -1.69 19.76
CA ASN D 182 9.49 -2.69 20.40
C ASN D 182 10.28 -2.08 21.55
N THR D 183 10.90 -2.95 22.34
CA THR D 183 11.94 -2.55 23.28
C THR D 183 13.27 -3.12 22.79
N VAL D 184 14.37 -2.54 23.28
CA VAL D 184 15.68 -2.70 22.65
C VAL D 184 16.75 -2.99 23.70
N VAL D 185 17.59 -3.97 23.36
CA VAL D 185 18.87 -4.19 24.00
C VAL D 185 19.93 -4.06 22.90
N ILE D 186 20.72 -2.99 22.95
CA ILE D 186 21.65 -2.69 21.87
C ILE D 186 23.08 -2.69 22.39
N LYS D 187 23.97 -3.31 21.61
CA LYS D 187 25.37 -3.47 21.96
C LYS D 187 26.22 -2.76 20.92
N PRO D 188 26.82 -1.60 21.26
CA PRO D 188 27.76 -0.94 20.36
C PRO D 188 29.05 -1.75 20.25
N ALA D 189 29.85 -1.46 19.23
CA ALA D 189 31.13 -2.12 19.05
C ALA D 189 32.05 -1.76 20.22
N GLU D 190 32.89 -2.72 20.62
CA GLU D 190 33.81 -2.46 21.71
C GLU D 190 34.76 -1.31 21.39
N GLN D 191 35.10 -1.11 20.11
CA GLN D 191 36.00 -0.03 19.75
C GLN D 191 35.36 1.34 19.98
N THR D 192 34.03 1.44 19.84
CA THR D 192 33.36 2.72 19.68
C THR D 192 32.07 2.78 20.48
N PRO D 193 32.10 2.64 21.82
CA PRO D 193 30.88 2.71 22.63
C PRO D 193 30.38 4.10 23.01
N LEU D 194 31.18 5.14 22.81
CA LEU D 194 30.98 6.38 23.55
C LEU D 194 29.72 7.14 23.10
N SER D 195 29.55 7.31 21.79
CA SER D 195 28.40 8.07 21.31
C SER D 195 27.09 7.36 21.64
N ALA D 196 27.08 6.02 21.65
CA ALA D 196 25.90 5.27 22.05
C ALA D 196 25.54 5.54 23.51
N LEU D 197 26.55 5.61 24.39
CA LEU D 197 26.27 5.86 25.79
C LEU D 197 25.74 7.28 25.98
N TYR D 198 26.28 8.25 25.23
CA TYR D 198 25.77 9.61 25.29
C TYR D 198 24.28 9.60 24.91
N MET D 199 23.93 8.78 23.92
CA MET D 199 22.55 8.68 23.48
C MET D 199 21.67 8.17 24.62
N GLY D 200 22.21 7.34 25.52
CA GLY D 200 21.46 6.94 26.70
C GLY D 200 20.99 8.15 27.51
N ALA D 201 21.91 9.10 27.71
CA ALA D 201 21.57 10.32 28.43
C ALA D 201 20.45 11.08 27.72
N LEU D 202 20.52 11.15 26.38
CA LEU D 202 19.51 11.88 25.63
C LEU D 202 18.18 11.13 25.63
N ILE D 203 18.23 9.79 25.61
CA ILE D 203 17.03 8.97 25.68
C ILE D 203 16.28 9.24 26.99
N LYS D 204 17.03 9.28 28.10
CA LYS D 204 16.43 9.57 29.39
C LYS D 204 15.86 10.99 29.39
N GLU D 205 16.63 11.96 28.86
CA GLU D 205 16.22 13.35 28.83
C GLU D 205 14.95 13.52 27.99
N ALA D 206 14.86 12.78 26.88
CA ALA D 206 13.72 12.85 25.97
C ALA D 206 12.45 12.33 26.65
N GLY D 207 12.60 11.42 27.61
CA GLY D 207 11.47 10.93 28.38
C GLY D 207 10.96 9.57 27.90
N PHE D 208 11.81 8.76 27.26
CA PHE D 208 11.44 7.39 26.97
C PHE D 208 11.20 6.64 28.27
N PRO D 209 10.17 5.78 28.37
CA PRO D 209 9.95 4.98 29.58
C PRO D 209 11.16 4.11 29.89
N PRO D 210 11.44 3.85 31.19
CA PRO D 210 12.58 2.99 31.56
C PRO D 210 12.47 1.60 30.95
N GLY D 211 13.60 1.12 30.42
CA GLY D 211 13.70 -0.24 29.92
C GLY D 211 13.39 -0.34 28.42
N VAL D 212 12.94 0.76 27.80
CA VAL D 212 12.58 0.73 26.40
C VAL D 212 13.85 0.67 25.54
N ILE D 213 14.90 1.41 25.93
CA ILE D 213 16.21 1.25 25.30
C ILE D 213 17.26 0.97 26.39
N ASN D 214 18.01 -0.12 26.21
CA ASN D 214 19.08 -0.49 27.12
C ASN D 214 20.35 -0.64 26.29
N ILE D 215 21.44 -0.03 26.76
CA ILE D 215 22.66 0.09 25.98
C ILE D 215 23.79 -0.60 26.75
N LEU D 216 24.38 -1.61 26.11
CA LEU D 216 25.24 -2.60 26.75
C LEU D 216 26.60 -2.60 26.06
N PRO D 217 27.57 -1.74 26.44
CA PRO D 217 28.90 -1.74 25.85
C PRO D 217 29.68 -2.98 26.27
N GLY D 218 30.45 -3.57 25.35
CA GLY D 218 31.19 -4.77 25.65
C GLY D 218 31.65 -5.48 24.38
N TYR D 219 32.14 -6.71 24.54
CA TYR D 219 32.83 -7.42 23.48
C TYR D 219 31.88 -8.41 22.80
N GLY D 220 32.36 -9.04 21.72
CA GLY D 220 31.54 -9.87 20.86
C GLY D 220 31.19 -11.21 21.51
N PRO D 221 32.17 -12.04 21.91
CA PRO D 221 31.89 -13.37 22.46
C PRO D 221 31.18 -13.37 23.81
N THR D 222 31.17 -12.21 24.47
CA THR D 222 30.56 -12.06 25.78
C THR D 222 29.17 -11.45 25.61
N ALA D 223 29.12 -10.13 25.46
CA ALA D 223 27.86 -9.40 25.35
C ALA D 223 27.13 -9.76 24.05
N GLY D 224 27.84 -9.76 22.92
CA GLY D 224 27.20 -10.05 21.63
C GLY D 224 26.61 -11.45 21.56
N ALA D 225 27.41 -12.45 21.94
CA ALA D 225 26.97 -13.83 21.88
C ALA D 225 25.80 -14.07 22.84
N ALA D 226 25.81 -13.38 23.98
CA ALA D 226 24.73 -13.52 24.95
C ALA D 226 23.42 -13.00 24.36
N ILE D 227 23.49 -11.92 23.57
CA ILE D 227 22.30 -11.41 22.89
C ILE D 227 21.82 -12.42 21.85
N ALA D 228 22.75 -12.95 21.05
CA ALA D 228 22.40 -13.80 19.92
C ALA D 228 21.72 -15.09 20.37
N SER D 229 22.11 -15.61 21.54
CA SER D 229 21.65 -16.91 22.01
CA SER D 229 21.63 -16.91 21.99
C SER D 229 20.56 -16.77 23.06
N HIS D 230 20.16 -15.54 23.37
CA HIS D 230 19.23 -15.32 24.47
C HIS D 230 17.83 -15.84 24.13
N ILE D 231 17.22 -16.61 25.04
CA ILE D 231 15.94 -17.22 24.74
C ILE D 231 14.79 -16.26 25.03
N GLY D 232 15.07 -15.09 25.61
CA GLY D 232 14.06 -14.09 25.92
C GLY D 232 14.09 -12.88 24.98
N ILE D 233 14.89 -12.97 23.91
CA ILE D 233 14.96 -11.96 22.86
C ILE D 233 14.22 -12.49 21.63
N ASP D 234 13.28 -11.69 21.12
CA ASP D 234 12.39 -12.12 20.05
C ASP D 234 13.00 -11.93 18.67
N LYS D 235 13.90 -10.96 18.54
CA LYS D 235 14.38 -10.54 17.23
C LYS D 235 15.78 -10.00 17.39
N ILE D 236 16.66 -10.31 16.42
CA ILE D 236 18.01 -9.76 16.43
C ILE D 236 18.28 -9.07 15.10
N ALA D 237 18.93 -7.91 15.18
CA ALA D 237 19.44 -7.20 14.01
C ALA D 237 20.94 -7.02 14.18
N PHE D 238 21.70 -7.41 13.16
CA PHE D 238 23.15 -7.37 13.22
C PHE D 238 23.69 -6.68 11.96
N THR D 239 24.63 -5.75 12.18
CA THR D 239 25.41 -5.19 11.11
C THR D 239 26.88 -5.45 11.41
N GLY D 240 27.59 -5.95 10.40
CA GLY D 240 28.98 -6.34 10.57
C GLY D 240 29.44 -7.25 9.45
N SER D 241 30.44 -8.09 9.75
CA SER D 241 31.04 -8.93 8.73
C SER D 241 30.10 -10.08 8.37
N THR D 242 30.24 -10.56 7.13
CA THR D 242 29.48 -11.70 6.65
C THR D 242 29.78 -12.91 7.54
N GLU D 243 31.03 -13.08 7.98
CA GLU D 243 31.39 -14.26 8.75
C GLU D 243 30.67 -14.28 10.10
N VAL D 244 30.51 -13.11 10.74
CA VAL D 244 29.85 -13.05 12.03
C VAL D 244 28.33 -13.18 11.83
N GLY D 245 27.83 -12.60 10.74
CA GLY D 245 26.44 -12.78 10.34
C GLY D 245 26.02 -14.25 10.30
N LYS D 246 26.90 -15.12 9.76
CA LYS D 246 26.62 -16.55 9.70
C LYS D 246 26.44 -17.12 11.11
N LEU D 247 27.27 -16.66 12.06
CA LEU D 247 27.17 -17.11 13.44
C LEU D 247 25.87 -16.63 14.09
N ILE D 248 25.43 -15.42 13.74
CA ILE D 248 24.19 -14.85 14.28
C ILE D 248 23.01 -15.72 13.86
N GLN D 249 22.94 -16.06 12.57
CA GLN D 249 21.83 -16.84 12.03
CA GLN D 249 21.82 -16.82 12.05
C GLN D 249 21.82 -18.22 12.66
N GLU D 250 23.01 -18.84 12.77
CA GLU D 250 23.15 -20.15 13.40
CA GLU D 250 23.09 -20.16 13.37
C GLU D 250 22.61 -20.11 14.83
N ALA D 251 23.02 -19.08 15.58
CA ALA D 251 22.67 -18.95 16.99
C ALA D 251 21.17 -18.76 17.18
N ALA D 252 20.56 -18.00 16.26
CA ALA D 252 19.12 -17.79 16.28
C ALA D 252 18.39 -19.13 16.12
N GLY D 253 18.85 -19.94 15.15
CA GLY D 253 18.28 -21.26 14.93
C GLY D 253 18.42 -22.17 16.14
N ARG D 254 19.60 -22.15 16.78
CA ARG D 254 19.93 -23.08 17.86
CA ARG D 254 19.88 -23.12 17.83
C ARG D 254 19.19 -22.70 19.14
N SER D 255 18.92 -21.40 19.31
CA SER D 255 18.34 -20.92 20.56
C SER D 255 16.82 -20.96 20.50
N ASN D 256 16.18 -19.87 20.04
CA ASN D 256 14.73 -19.75 20.17
C ASN D 256 14.06 -19.32 18.85
N LEU D 257 14.74 -19.48 17.71
CA LEU D 257 14.20 -19.11 16.42
C LEU D 257 13.82 -17.63 16.38
N LYS D 258 14.60 -16.80 17.08
CA LYS D 258 14.39 -15.36 17.01
C LYS D 258 14.52 -14.93 15.55
N ARG D 259 13.75 -13.89 15.18
CA ARG D 259 13.77 -13.34 13.84
CA ARG D 259 13.78 -13.37 13.83
C ARG D 259 15.11 -12.63 13.61
N VAL D 260 15.64 -12.70 12.39
CA VAL D 260 16.98 -12.23 12.10
C VAL D 260 16.99 -11.28 10.90
N THR D 261 17.64 -10.12 11.07
CA THR D 261 18.06 -9.35 9.91
CA THR D 261 18.03 -9.21 10.00
C THR D 261 19.56 -9.07 10.02
N LEU D 262 20.18 -9.05 8.84
CA LEU D 262 21.63 -8.95 8.73
C LEU D 262 21.96 -7.92 7.65
N GLU D 263 22.85 -6.99 7.98
CA GLU D 263 23.43 -6.06 7.04
C GLU D 263 24.94 -6.32 7.04
N LEU D 264 25.47 -6.88 5.96
CA LEU D 264 26.81 -7.47 6.01
C LEU D 264 27.71 -6.79 4.98
N GLY D 265 28.80 -7.48 4.61
CA GLY D 265 29.85 -6.88 3.82
C GLY D 265 29.49 -6.79 2.34
N GLY D 266 30.44 -6.27 1.56
CA GLY D 266 30.29 -6.17 0.12
C GLY D 266 31.63 -6.14 -0.60
N LYS D 267 31.55 -6.30 -1.92
CA LYS D 267 32.66 -6.05 -2.82
C LYS D 267 32.05 -5.42 -4.07
N SER D 268 31.54 -4.20 -3.89
CA SER D 268 30.53 -3.68 -4.80
C SER D 268 31.16 -3.12 -6.07
N PRO D 269 30.51 -3.37 -7.23
CA PRO D 269 30.99 -2.87 -8.52
C PRO D 269 30.47 -1.47 -8.85
N ASN D 270 31.35 -0.71 -9.49
CA ASN D 270 31.06 0.63 -9.97
C ASN D 270 31.49 0.70 -11.43
N ILE D 271 30.51 0.77 -12.34
CA ILE D 271 30.73 0.56 -13.76
C ILE D 271 30.70 1.91 -14.48
N ILE D 272 31.82 2.23 -15.14
CA ILE D 272 31.98 3.51 -15.81
C ILE D 272 32.04 3.29 -17.32
N PHE D 273 31.00 3.73 -18.04
CA PHE D 273 30.99 3.70 -19.48
C PHE D 273 31.67 4.94 -20.06
N ALA D 274 32.12 4.82 -21.31
CA ALA D 274 32.88 5.86 -21.97
C ALA D 274 32.03 7.11 -22.21
N ASP D 275 30.70 6.99 -22.19
CA ASP D 275 29.80 8.11 -22.43
C ASP D 275 29.36 8.75 -21.11
N ALA D 276 30.03 8.40 -20.01
CA ALA D 276 29.81 9.07 -18.73
C ALA D 276 30.49 10.44 -18.73
N ASP D 277 30.06 11.29 -17.79
CA ASP D 277 30.77 12.52 -17.46
C ASP D 277 32.02 12.12 -16.68
N LEU D 278 33.19 12.27 -17.32
CA LEU D 278 34.39 11.56 -16.87
C LEU D 278 34.91 12.13 -15.55
N ASP D 279 35.08 13.46 -15.45
CA ASP D 279 35.63 14.07 -14.26
C ASP D 279 34.70 13.82 -13.08
N TYR D 280 33.39 13.93 -13.32
CA TYR D 280 32.39 13.62 -12.31
C TYR D 280 32.52 12.17 -11.85
N ALA D 281 32.66 11.24 -12.81
CA ALA D 281 32.76 9.83 -12.51
C ALA D 281 34.02 9.54 -11.68
N VAL D 282 35.14 10.19 -12.03
CA VAL D 282 36.38 10.01 -11.29
C VAL D 282 36.18 10.44 -9.84
N GLU D 283 35.57 11.61 -9.61
CA GLU D 283 35.41 12.11 -8.26
C GLU D 283 34.45 11.20 -7.48
N GLN D 284 33.34 10.80 -8.11
CA GLN D 284 32.35 9.96 -7.44
C GLN D 284 32.96 8.60 -7.09
N ALA D 285 33.74 8.03 -8.02
CA ALA D 285 34.37 6.73 -7.80
C ALA D 285 35.44 6.83 -6.71
N HIS D 286 36.13 7.96 -6.65
CA HIS D 286 37.13 8.21 -5.62
C HIS D 286 36.44 8.21 -4.26
N GLN D 287 35.42 9.06 -4.11
CA GLN D 287 34.67 9.12 -2.87
C GLN D 287 34.07 7.75 -2.57
N GLY D 288 33.60 7.07 -3.62
CA GLY D 288 32.95 5.78 -3.48
C GLY D 288 33.83 4.73 -2.81
N VAL D 289 35.17 4.85 -2.93
CA VAL D 289 36.07 3.91 -2.30
C VAL D 289 36.65 4.50 -1.01
N PHE D 290 36.99 5.80 -1.02
CA PHE D 290 37.80 6.38 0.06
C PHE D 290 36.96 6.96 1.20
N PHE D 291 35.67 7.20 0.99
CA PHE D 291 34.87 7.80 2.05
C PHE D 291 35.00 6.99 3.35
N ASN D 292 35.10 7.72 4.47
CA ASN D 292 35.12 7.11 5.79
C ASN D 292 36.27 6.11 5.91
N GLN D 293 37.46 6.51 5.41
CA GLN D 293 38.69 5.76 5.59
C GLN D 293 38.58 4.41 4.87
N GLY D 294 37.66 4.33 3.90
CA GLY D 294 37.43 3.10 3.16
C GLY D 294 36.64 2.07 3.96
N GLN D 295 36.17 2.47 5.15
CA GLN D 295 35.53 1.57 6.09
C GLN D 295 34.02 1.63 5.91
N CYS D 296 33.56 1.28 4.70
CA CYS D 296 32.15 1.31 4.33
C CYS D 296 31.79 0.01 3.63
N CYS D 297 30.68 -0.59 4.07
CA CYS D 297 30.10 -1.76 3.43
CA CYS D 297 30.19 -1.79 3.41
C CYS D 297 29.78 -1.44 1.98
N THR D 298 29.49 -0.16 1.71
CA THR D 298 29.07 0.32 0.40
C THR D 298 30.25 0.60 -0.54
N ALA D 299 31.51 0.41 -0.10
CA ALA D 299 32.65 0.84 -0.89
C ALA D 299 32.58 0.26 -2.31
N GLY D 300 32.78 1.15 -3.30
CA GLY D 300 32.88 0.77 -4.70
C GLY D 300 34.27 0.23 -5.02
N SER D 301 34.53 -1.00 -4.55
CA SER D 301 35.87 -1.56 -4.49
C SER D 301 36.22 -2.36 -5.75
N ARG D 302 35.28 -2.46 -6.70
CA ARG D 302 35.60 -2.93 -8.04
C ARG D 302 35.10 -1.90 -9.04
N ILE D 303 36.00 -1.04 -9.52
CA ILE D 303 35.63 -0.03 -10.50
C ILE D 303 35.98 -0.61 -11.87
N PHE D 304 34.94 -0.86 -12.67
CA PHE D 304 35.08 -1.34 -14.03
C PHE D 304 34.97 -0.15 -14.98
N VAL D 305 36.03 0.10 -15.76
CA VAL D 305 36.06 1.25 -16.66
C VAL D 305 36.19 0.75 -18.09
N GLU D 306 35.36 1.30 -18.98
CA GLU D 306 35.38 0.93 -20.38
C GLU D 306 36.75 1.26 -20.96
N GLU D 307 37.28 0.37 -21.80
CA GLU D 307 38.68 0.41 -22.17
C GLU D 307 39.09 1.76 -22.79
N SER D 308 38.20 2.38 -23.58
CA SER D 308 38.56 3.59 -24.30
C SER D 308 38.85 4.77 -23.37
N ILE D 309 38.35 4.73 -22.12
CA ILE D 309 38.59 5.81 -21.18
C ILE D 309 39.44 5.34 -19.99
N TYR D 310 39.91 4.09 -20.03
CA TYR D 310 40.57 3.47 -18.88
C TYR D 310 41.83 4.24 -18.49
N GLU D 311 42.71 4.51 -19.44
CA GLU D 311 43.99 5.10 -19.12
C GLU D 311 43.80 6.48 -18.50
N GLU D 312 42.90 7.27 -19.08
CA GLU D 312 42.62 8.61 -18.58
C GLU D 312 41.97 8.53 -17.20
N PHE D 313 41.04 7.59 -17.03
CA PHE D 313 40.37 7.41 -15.75
C PHE D 313 41.40 7.11 -14.67
N VAL D 314 42.33 6.20 -14.97
CA VAL D 314 43.38 5.84 -14.02
C VAL D 314 44.23 7.07 -13.71
N ARG D 315 44.69 7.78 -14.75
CA ARG D 315 45.56 8.93 -14.55
C ARG D 315 44.90 9.94 -13.61
N ARG D 316 43.63 10.26 -13.86
CA ARG D 316 42.90 11.24 -13.07
C ARG D 316 42.67 10.74 -11.65
N SER D 317 42.41 9.44 -11.50
CA SER D 317 42.18 8.85 -10.19
C SER D 317 43.45 8.92 -9.35
N VAL D 318 44.61 8.67 -9.98
CA VAL D 318 45.87 8.69 -9.27
C VAL D 318 46.21 10.11 -8.82
N GLU D 319 45.97 11.09 -9.70
CA GLU D 319 46.17 12.48 -9.33
C GLU D 319 45.37 12.80 -8.07
N ARG D 320 44.10 12.39 -8.06
CA ARG D 320 43.18 12.71 -6.97
C ARG D 320 43.63 12.06 -5.66
N ALA D 321 44.09 10.80 -5.73
CA ALA D 321 44.52 10.07 -4.55
C ALA D 321 45.80 10.68 -3.97
N LYS D 322 46.70 11.15 -4.85
CA LYS D 322 47.98 11.68 -4.40
C LYS D 322 47.81 13.01 -3.67
N ARG D 323 46.74 13.75 -3.96
CA ARG D 323 46.53 15.04 -3.31
C ARG D 323 45.57 14.92 -2.12
N ARG D 324 45.01 13.72 -1.89
CA ARG D 324 44.08 13.50 -0.80
C ARG D 324 44.79 13.73 0.53
N VAL D 325 44.23 14.61 1.38
CA VAL D 325 44.88 15.05 2.60
C VAL D 325 44.52 14.09 3.73
N VAL D 326 45.55 13.42 4.26
CA VAL D 326 45.43 12.52 5.39
C VAL D 326 46.00 13.22 6.61
N GLY D 327 45.26 13.23 7.73
CA GLY D 327 45.77 13.87 8.92
C GLY D 327 44.81 13.84 10.09
N SER D 328 45.06 14.72 11.06
CA SER D 328 44.30 14.76 12.28
C SER D 328 42.82 14.95 11.95
N PRO D 329 41.93 14.06 12.46
CA PRO D 329 40.49 14.24 12.25
C PRO D 329 39.92 15.61 12.66
N PHE D 330 40.55 16.27 13.64
CA PHE D 330 40.07 17.55 14.13
C PHE D 330 40.45 18.71 13.20
N ASP D 331 41.43 18.50 12.32
CA ASP D 331 41.91 19.55 11.43
CA ASP D 331 41.90 19.56 11.44
C ASP D 331 40.93 19.70 10.26
N PRO D 332 40.42 20.93 9.99
CA PRO D 332 39.43 21.12 8.92
C PRO D 332 39.91 20.77 7.51
N THR D 333 41.23 20.74 7.30
CA THR D 333 41.79 20.40 6.01
C THR D 333 41.81 18.89 5.77
N THR D 334 41.58 18.09 6.83
CA THR D 334 41.73 16.65 6.74
C THR D 334 40.57 16.04 5.94
N GLU D 335 40.92 15.25 4.92
CA GLU D 335 39.94 14.49 4.16
C GLU D 335 39.82 13.07 4.71
N GLN D 336 40.93 12.52 5.19
CA GLN D 336 41.02 11.12 5.59
C GLN D 336 41.67 11.03 6.97
N GLY D 337 40.98 10.35 7.88
CA GLY D 337 41.51 10.03 9.19
C GLY D 337 42.19 8.66 9.20
N PRO D 338 42.44 8.11 10.40
CA PRO D 338 43.09 6.80 10.53
C PRO D 338 42.08 5.66 10.41
N GLN D 339 42.61 4.45 10.19
CA GLN D 339 41.83 3.23 10.32
C GLN D 339 41.53 3.02 11.81
N ILE D 340 40.60 2.11 12.12
CA ILE D 340 40.01 2.06 13.45
C ILE D 340 41.00 1.51 14.48
N ASP D 341 41.82 0.52 14.10
CA ASP D 341 42.69 -0.13 15.07
C ASP D 341 43.80 -0.89 14.34
N LYS D 342 44.70 -1.47 15.14
CA LYS D 342 45.88 -2.15 14.64
CA LYS D 342 45.88 -2.10 14.59
C LYS D 342 45.49 -3.37 13.82
N LYS D 343 44.48 -4.10 14.30
CA LYS D 343 44.05 -5.32 13.62
C LYS D 343 43.62 -4.99 12.18
N GLN D 344 42.83 -3.93 12.02
CA GLN D 344 42.34 -3.53 10.71
C GLN D 344 43.49 -3.00 9.86
N TYR D 345 44.35 -2.17 10.47
CA TYR D 345 45.53 -1.65 9.81
C TYR D 345 46.36 -2.78 9.19
N ASN D 346 46.62 -3.84 9.96
CA ASN D 346 47.48 -4.91 9.49
C ASN D 346 46.81 -5.70 8.37
N LYS D 347 45.49 -5.91 8.50
CA LYS D 347 44.75 -6.64 7.47
C LYS D 347 44.83 -5.90 6.14
N ILE D 348 44.73 -4.56 6.18
CA ILE D 348 44.79 -3.76 4.97
C ILE D 348 46.17 -3.88 4.33
N LEU D 349 47.23 -3.74 5.13
CA LEU D 349 48.58 -3.80 4.57
C LEU D 349 48.83 -5.17 3.93
N GLU D 350 48.34 -6.25 4.55
CA GLU D 350 48.52 -7.59 4.00
C GLU D 350 47.84 -7.69 2.63
N LEU D 351 46.62 -7.14 2.50
CA LEU D 351 45.92 -7.22 1.23
C LEU D 351 46.59 -6.36 0.18
N ILE D 352 47.16 -5.21 0.58
CA ILE D 352 47.93 -4.38 -0.35
C ILE D 352 49.10 -5.20 -0.89
N GLN D 353 49.81 -5.91 0.00
CA GLN D 353 50.96 -6.70 -0.44
C GLN D 353 50.49 -7.79 -1.40
N SER D 354 49.31 -8.39 -1.15
CA SER D 354 48.80 -9.42 -2.04
C SER D 354 48.56 -8.85 -3.45
N GLY D 355 48.08 -7.61 -3.54
CA GLY D 355 47.89 -6.95 -4.82
C GLY D 355 49.19 -6.80 -5.60
N VAL D 356 50.23 -6.32 -4.90
CA VAL D 356 51.55 -6.20 -5.48
C VAL D 356 52.03 -7.59 -5.95
N ALA D 357 51.86 -8.60 -5.08
CA ALA D 357 52.38 -9.94 -5.36
C ALA D 357 51.69 -10.58 -6.56
N GLU D 358 50.39 -10.30 -6.73
CA GLU D 358 49.59 -10.94 -7.77
C GLU D 358 49.63 -10.12 -9.07
N GLY D 359 50.39 -9.02 -9.10
CA GLY D 359 50.73 -8.35 -10.34
C GLY D 359 49.82 -7.17 -10.69
N ALA D 360 49.03 -6.67 -9.73
CA ALA D 360 48.32 -5.43 -9.94
C ALA D 360 49.33 -4.27 -9.90
N LYS D 361 49.06 -3.22 -10.67
CA LYS D 361 49.98 -2.10 -10.76
C LYS D 361 49.68 -1.13 -9.62
N LEU D 362 50.64 -0.99 -8.68
CA LEU D 362 50.54 -0.03 -7.60
C LEU D 362 50.86 1.36 -8.15
N GLU D 363 49.82 2.17 -8.35
CA GLU D 363 49.95 3.48 -8.98
C GLU D 363 50.45 4.51 -7.96
N CYS D 364 49.97 4.40 -6.71
CA CYS D 364 50.38 5.32 -5.66
C CYS D 364 49.99 4.74 -4.30
N GLY D 365 50.58 5.30 -3.25
CA GLY D 365 50.31 4.84 -1.89
C GLY D 365 50.92 3.47 -1.62
N GLY D 366 50.21 2.66 -0.82
CA GLY D 366 50.61 1.29 -0.54
C GLY D 366 51.31 1.13 0.80
N LYS D 367 51.44 2.22 1.56
CA LYS D 367 52.23 2.23 2.80
C LYS D 367 51.44 2.88 3.93
N GLY D 368 51.79 2.53 5.17
CA GLY D 368 51.35 3.29 6.33
C GLY D 368 51.92 4.70 6.32
N LEU D 369 51.26 5.61 7.04
CA LEU D 369 51.68 6.99 7.18
CA LEU D 369 51.68 6.99 7.19
C LEU D 369 51.92 7.28 8.66
N GLY D 370 53.12 7.77 9.00
CA GLY D 370 53.43 8.19 10.36
C GLY D 370 53.79 7.00 11.25
N ARG D 371 54.01 7.31 12.53
CA ARG D 371 54.46 6.33 13.51
C ARG D 371 53.40 6.07 14.58
N LYS D 372 52.39 6.95 14.66
CA LYS D 372 51.38 6.88 15.70
C LYS D 372 50.00 6.83 15.04
N GLY D 373 49.07 6.11 15.68
CA GLY D 373 47.77 5.90 15.08
C GLY D 373 47.86 4.93 13.90
N PHE D 374 46.79 4.90 13.08
CA PHE D 374 46.62 3.82 12.12
C PHE D 374 46.30 4.40 10.74
N PHE D 375 47.10 5.37 10.30
CA PHE D 375 46.91 6.03 9.02
C PHE D 375 47.57 5.24 7.90
N ILE D 376 46.88 5.17 6.75
CA ILE D 376 47.41 4.49 5.57
C ILE D 376 47.29 5.43 4.36
N GLU D 377 48.32 5.44 3.51
CA GLU D 377 48.31 6.26 2.31
C GLU D 377 47.15 5.85 1.43
N PRO D 378 46.44 6.83 0.81
CA PRO D 378 45.48 6.52 -0.25
C PRO D 378 46.19 5.73 -1.34
N THR D 379 45.67 4.53 -1.63
CA THR D 379 46.33 3.54 -2.47
C THR D 379 45.46 3.26 -3.69
N VAL D 380 46.09 3.24 -4.87
CA VAL D 380 45.39 2.95 -6.11
C VAL D 380 46.11 1.80 -6.82
N PHE D 381 45.34 0.77 -7.16
CA PHE D 381 45.78 -0.30 -8.04
C PHE D 381 45.05 -0.22 -9.37
N SER D 382 45.81 -0.28 -10.46
CA SER D 382 45.26 -0.48 -11.79
C SER D 382 45.65 -1.87 -12.28
N ASN D 383 45.12 -2.25 -13.46
CA ASN D 383 45.40 -3.54 -14.08
C ASN D 383 44.92 -4.66 -13.16
N VAL D 384 43.84 -4.41 -12.42
CA VAL D 384 43.29 -5.41 -11.51
C VAL D 384 42.45 -6.40 -12.33
N THR D 385 42.53 -7.69 -11.98
CA THR D 385 41.75 -8.73 -12.63
C THR D 385 40.95 -9.50 -11.59
N ASP D 386 39.92 -10.22 -12.06
CA ASP D 386 38.85 -10.72 -11.20
C ASP D 386 39.31 -11.81 -10.24
N ASP D 387 40.44 -12.48 -10.57
CA ASP D 387 40.92 -13.62 -9.80
C ASP D 387 41.84 -13.17 -8.66
N MET D 388 42.19 -11.89 -8.62
CA MET D 388 43.08 -11.36 -7.60
C MET D 388 42.35 -11.31 -6.25
N ARG D 389 43.09 -11.58 -5.17
CA ARG D 389 42.54 -11.47 -3.83
C ARG D 389 41.92 -10.10 -3.60
N ILE D 390 42.60 -9.04 -4.06
CA ILE D 390 42.11 -7.68 -3.85
C ILE D 390 40.82 -7.45 -4.64
N ALA D 391 40.52 -8.29 -5.64
CA ALA D 391 39.28 -8.16 -6.39
C ALA D 391 38.15 -8.95 -5.76
N LYS D 392 38.45 -9.78 -4.75
CA LYS D 392 37.47 -10.70 -4.19
C LYS D 392 37.20 -10.42 -2.71
N GLU D 393 38.23 -10.01 -1.97
CA GLU D 393 38.14 -9.87 -0.52
C GLU D 393 37.88 -8.41 -0.18
N GLU D 394 36.98 -8.18 0.78
CA GLU D 394 36.67 -6.85 1.29
C GLU D 394 37.90 -6.33 2.04
N ILE D 395 38.44 -5.19 1.59
CA ILE D 395 39.64 -4.63 2.19
C ILE D 395 39.26 -3.73 3.37
N PHE D 396 38.22 -2.91 3.21
CA PHE D 396 37.75 -2.03 4.27
C PHE D 396 38.83 -1.02 4.65
N GLY D 397 39.55 -0.54 3.63
CA GLY D 397 40.61 0.43 3.80
C GLY D 397 40.73 1.31 2.55
N PRO D 398 41.66 2.29 2.56
CA PRO D 398 41.77 3.26 1.48
C PRO D 398 42.55 2.70 0.28
N VAL D 399 41.92 1.74 -0.40
CA VAL D 399 42.54 1.03 -1.49
C VAL D 399 41.55 0.97 -2.64
N GLN D 400 41.89 1.66 -3.74
CA GLN D 400 41.06 1.71 -4.94
C GLN D 400 41.57 0.68 -5.95
N GLU D 401 40.62 -0.05 -6.55
CA GLU D 401 40.87 -1.07 -7.56
CA GLU D 401 40.92 -1.03 -7.57
C GLU D 401 40.20 -0.65 -8.86
N ILE D 402 40.98 -0.58 -9.94
CA ILE D 402 40.45 -0.18 -11.24
C ILE D 402 40.70 -1.30 -12.25
N LEU D 403 39.61 -1.79 -12.83
CA LEU D 403 39.58 -2.88 -13.79
C LEU D 403 39.09 -2.35 -15.14
N ARG D 404 39.44 -3.04 -16.22
CA ARG D 404 39.00 -2.66 -17.55
C ARG D 404 37.93 -3.65 -18.03
N PHE D 405 37.03 -3.16 -18.89
CA PHE D 405 36.06 -4.02 -19.56
C PHE D 405 35.82 -3.51 -20.98
N LYS D 406 35.26 -4.38 -21.82
CA LYS D 406 35.04 -4.09 -23.24
C LYS D 406 33.56 -3.94 -23.56
N THR D 407 32.71 -4.83 -23.04
CA THR D 407 31.30 -4.88 -23.46
C THR D 407 30.37 -4.88 -22.24
N MET D 408 29.11 -4.47 -22.47
CA MET D 408 28.12 -4.39 -21.41
C MET D 408 27.78 -5.80 -20.89
N ASP D 409 27.57 -6.75 -21.80
CA ASP D 409 27.30 -8.13 -21.41
C ASP D 409 28.39 -8.64 -20.47
N GLU D 410 29.65 -8.40 -20.85
CA GLU D 410 30.80 -8.84 -20.09
C GLU D 410 30.78 -8.25 -18.68
N VAL D 411 30.59 -6.93 -18.59
CA VAL D 411 30.76 -6.24 -17.31
C VAL D 411 29.61 -6.61 -16.37
N ILE D 412 28.42 -6.86 -16.91
CA ILE D 412 27.30 -7.30 -16.08
C ILE D 412 27.64 -8.65 -15.43
N GLU D 413 28.14 -9.59 -16.24
CA GLU D 413 28.48 -10.92 -15.74
CA GLU D 413 28.47 -10.91 -15.73
C GLU D 413 29.56 -10.80 -14.66
N ARG D 414 30.58 -9.98 -14.92
CA ARG D 414 31.70 -9.88 -14.00
C ARG D 414 31.28 -9.18 -12.71
N ALA D 415 30.46 -8.12 -12.83
CA ALA D 415 29.95 -7.41 -11.67
C ALA D 415 29.18 -8.34 -10.75
N ASN D 416 28.38 -9.23 -11.35
CA ASN D 416 27.48 -10.11 -10.61
C ASN D 416 28.17 -11.38 -10.10
N ASN D 417 29.38 -11.66 -10.59
CA ASN D 417 30.07 -12.89 -10.23
C ASN D 417 30.73 -12.68 -8.86
N SER D 418 29.90 -12.75 -7.81
CA SER D 418 30.30 -12.43 -6.46
C SER D 418 29.31 -13.07 -5.49
N ASP D 419 29.81 -13.49 -4.32
CA ASP D 419 28.94 -13.93 -3.23
C ASP D 419 28.26 -12.75 -2.56
N PHE D 420 28.81 -11.54 -2.78
CA PHE D 420 28.25 -10.32 -2.22
C PHE D 420 27.29 -9.67 -3.22
N GLY D 421 26.49 -8.74 -2.71
CA GLY D 421 25.55 -7.99 -3.55
C GLY D 421 24.91 -6.84 -2.78
N LEU D 422 25.72 -5.99 -2.14
CA LEU D 422 25.16 -4.95 -1.29
C LEU D 422 24.73 -3.76 -2.15
N VAL D 423 25.66 -3.17 -2.92
CA VAL D 423 25.33 -2.04 -3.78
C VAL D 423 26.03 -2.23 -5.12
N ALA D 424 25.69 -1.34 -6.06
CA ALA D 424 26.35 -1.27 -7.36
C ALA D 424 26.06 0.11 -7.94
N ALA D 425 26.81 0.48 -8.98
CA ALA D 425 26.58 1.75 -9.63
C ALA D 425 26.94 1.65 -11.10
N VAL D 426 26.27 2.50 -11.90
CA VAL D 426 26.61 2.63 -13.31
C VAL D 426 26.60 4.10 -13.68
N PHE D 427 27.65 4.50 -14.41
CA PHE D 427 27.81 5.86 -14.93
C PHE D 427 27.72 5.81 -16.46
N THR D 428 26.69 6.48 -16.99
CA THR D 428 26.43 6.54 -18.43
C THR D 428 25.35 7.58 -18.65
N ASN D 429 25.40 8.27 -19.79
CA ASN D 429 24.37 9.21 -20.15
C ASN D 429 23.32 8.56 -21.04
N ASP D 430 23.47 7.25 -21.34
CA ASP D 430 22.54 6.53 -22.18
C ASP D 430 21.48 5.86 -21.31
N ILE D 431 20.20 6.20 -21.53
CA ILE D 431 19.13 5.70 -20.68
C ILE D 431 19.02 4.18 -20.79
N ASN D 432 19.20 3.63 -22.00
CA ASN D 432 19.01 2.19 -22.20
C ASN D 432 20.08 1.42 -21.43
N LYS D 433 21.34 1.87 -21.53
CA LYS D 433 22.42 1.22 -20.81
C LYS D 433 22.18 1.31 -19.29
N ALA D 434 21.78 2.49 -18.83
CA ALA D 434 21.56 2.71 -17.40
C ALA D 434 20.52 1.73 -16.87
N LEU D 435 19.39 1.60 -17.56
CA LEU D 435 18.30 0.77 -17.09
C LEU D 435 18.65 -0.71 -17.25
N THR D 436 19.32 -1.08 -18.35
CA THR D 436 19.67 -2.47 -18.58
C THR D 436 20.63 -2.93 -17.47
N VAL D 437 21.67 -2.14 -17.21
CA VAL D 437 22.66 -2.52 -16.21
C VAL D 437 22.03 -2.54 -14.82
N SER D 438 21.28 -1.48 -14.45
CA SER D 438 20.72 -1.42 -13.12
C SER D 438 19.73 -2.57 -12.87
N SER D 439 18.96 -2.95 -13.89
CA SER D 439 18.01 -4.03 -13.73
C SER D 439 18.73 -5.37 -13.57
N ALA D 440 19.91 -5.52 -14.21
CA ALA D 440 20.63 -6.78 -14.21
C ALA D 440 21.49 -6.96 -12.95
N MET D 441 21.78 -5.89 -12.21
CA MET D 441 22.67 -6.01 -11.07
C MET D 441 22.01 -6.86 -9.99
N GLN D 442 22.79 -7.76 -9.40
CA GLN D 442 22.35 -8.50 -8.23
C GLN D 442 22.82 -7.75 -6.98
N ALA D 443 22.14 -6.64 -6.70
CA ALA D 443 22.52 -5.73 -5.64
C ALA D 443 21.28 -5.05 -5.05
N GLY D 444 21.30 -4.78 -3.75
CA GLY D 444 20.17 -4.20 -3.05
C GLY D 444 19.96 -2.72 -3.35
N THR D 445 21.04 -1.99 -3.65
CA THR D 445 20.94 -0.61 -4.11
C THR D 445 21.80 -0.45 -5.36
N VAL D 446 21.23 0.14 -6.39
CA VAL D 446 21.98 0.49 -7.59
C VAL D 446 21.86 1.99 -7.81
N TRP D 447 23.01 2.66 -7.90
CA TRP D 447 23.06 4.06 -8.25
C TRP D 447 23.29 4.24 -9.74
N ILE D 448 22.61 5.24 -10.31
CA ILE D 448 22.86 5.65 -11.68
C ILE D 448 23.40 7.08 -11.65
N ASN D 449 24.63 7.25 -12.13
CA ASN D 449 25.31 8.53 -12.23
C ASN D 449 25.47 9.19 -10.85
N CYS D 450 25.66 8.35 -9.83
CA CYS D 450 26.05 8.82 -8.51
C CYS D 450 26.60 7.62 -7.74
N TYR D 451 27.09 7.88 -6.53
CA TYR D 451 27.58 6.82 -5.65
C TYR D 451 27.35 7.26 -4.21
N ASN D 452 27.02 6.30 -3.32
CA ASN D 452 26.86 6.54 -1.90
C ASN D 452 25.77 7.58 -1.65
N ALA D 453 24.71 7.56 -2.47
CA ALA D 453 23.54 8.37 -2.23
C ALA D 453 22.55 7.57 -1.38
N LEU D 454 22.61 7.80 -0.06
CA LEU D 454 21.67 7.15 0.84
CA LEU D 454 21.73 7.16 0.92
C LEU D 454 20.73 8.19 1.41
N ASN D 455 19.50 7.76 1.64
CA ASN D 455 18.43 8.62 2.12
CA ASN D 455 18.46 8.64 2.16
C ASN D 455 17.57 7.85 3.12
N ALA D 456 16.96 8.56 4.07
CA ALA D 456 16.16 7.90 5.09
C ALA D 456 14.91 7.27 4.48
N GLN D 457 14.49 7.77 3.31
CA GLN D 457 13.25 7.34 2.69
C GLN D 457 13.40 6.05 1.89
N SER D 458 14.65 5.63 1.59
CA SER D 458 14.84 4.54 0.64
CA SER D 458 14.88 4.55 0.63
C SER D 458 15.41 3.31 1.35
N PRO D 459 14.85 2.11 1.10
CA PRO D 459 15.34 0.90 1.76
C PRO D 459 16.74 0.49 1.27
N PHE D 460 17.46 -0.21 2.14
CA PHE D 460 18.86 -0.52 1.93
C PHE D 460 19.15 -1.90 2.53
N GLY D 461 19.85 -2.75 1.77
CA GLY D 461 20.23 -4.06 2.26
C GLY D 461 20.84 -4.90 1.15
N GLY D 462 21.23 -6.12 1.49
CA GLY D 462 22.01 -6.95 0.59
C GLY D 462 21.17 -7.98 -0.15
N PHE D 463 21.62 -8.27 -1.37
CA PHE D 463 21.38 -9.54 -2.04
C PHE D 463 22.43 -10.54 -1.57
N LYS D 464 22.14 -11.83 -1.77
CA LYS D 464 23.08 -12.91 -1.53
C LYS D 464 23.65 -12.77 -0.11
N MET D 465 24.98 -12.86 0.04
CA MET D 465 25.58 -12.98 1.36
C MET D 465 25.92 -11.60 1.93
N SER D 466 25.40 -10.54 1.31
CA SER D 466 25.51 -9.19 1.87
C SER D 466 24.41 -8.89 2.88
N GLY D 467 23.43 -9.78 3.05
CA GLY D 467 22.48 -9.60 4.12
C GLY D 467 21.15 -10.27 3.87
N ASN D 468 20.26 -10.08 4.84
CA ASN D 468 18.87 -10.54 4.81
CA ASN D 468 18.86 -10.47 4.68
C ASN D 468 18.01 -9.38 5.32
N GLY D 469 16.93 -9.04 4.62
CA GLY D 469 16.05 -7.97 5.05
C GLY D 469 16.55 -6.60 4.61
N ARG D 470 15.76 -5.56 4.93
CA ARG D 470 16.07 -4.20 4.54
C ARG D 470 15.94 -3.28 5.76
N GLU D 471 16.74 -2.21 5.75
CA GLU D 471 16.63 -1.11 6.70
C GLU D 471 16.34 0.17 5.93
N MET D 472 15.86 1.19 6.66
CA MET D 472 15.47 2.50 6.17
CA MET D 472 15.51 2.48 6.11
C MET D 472 14.23 2.37 5.29
N GLY D 473 13.61 3.52 4.97
CA GLY D 473 12.36 3.55 4.23
C GLY D 473 11.21 2.91 4.99
N GLU D 474 10.07 2.77 4.29
CA GLU D 474 8.95 2.03 4.83
C GLU D 474 9.34 0.59 5.13
N PHE D 475 10.13 -0.02 4.23
CA PHE D 475 10.37 -1.46 4.32
C PHE D 475 11.21 -1.82 5.54
N GLY D 476 12.00 -0.86 6.05
CA GLY D 476 12.73 -1.08 7.30
C GLY D 476 11.82 -1.52 8.44
N LEU D 477 10.57 -1.03 8.43
CA LEU D 477 9.61 -1.33 9.47
C LEU D 477 9.13 -2.78 9.42
N ARG D 478 9.20 -3.41 8.26
CA ARG D 478 8.64 -4.75 8.10
C ARG D 478 9.40 -5.77 8.94
N GLU D 479 10.64 -5.45 9.32
CA GLU D 479 11.45 -6.35 10.12
C GLU D 479 11.11 -6.22 11.61
N TYR D 480 10.28 -5.24 11.99
CA TYR D 480 10.09 -4.91 13.40
C TYR D 480 8.63 -5.04 13.83
N SER D 481 7.78 -5.63 12.99
CA SER D 481 6.40 -5.93 13.38
C SER D 481 6.11 -7.41 13.14
N GLU D 482 5.18 -7.92 13.95
CA GLU D 482 4.62 -9.25 13.80
C GLU D 482 3.19 -9.08 13.29
N VAL D 483 2.81 -9.85 12.26
CA VAL D 483 1.49 -9.78 11.69
C VAL D 483 0.56 -10.79 12.35
N LYS D 484 -0.61 -10.31 12.78
CA LYS D 484 -1.65 -11.17 13.31
C LYS D 484 -2.89 -11.01 12.43
N THR D 485 -3.43 -12.16 11.96
CA THR D 485 -4.68 -12.17 11.25
C THR D 485 -5.79 -12.47 12.25
N VAL D 486 -6.84 -11.63 12.26
CA VAL D 486 -8.00 -11.89 13.10
C VAL D 486 -9.19 -12.14 12.17
N THR D 487 -9.83 -13.29 12.33
CA THR D 487 -10.92 -13.71 11.46
C THR D 487 -12.16 -13.95 12.33
N VAL D 488 -13.19 -13.15 12.07
CA VAL D 488 -14.39 -13.08 12.89
C VAL D 488 -15.54 -13.68 12.10
N LYS D 489 -16.20 -14.69 12.66
CA LYS D 489 -17.39 -15.22 12.03
C LYS D 489 -18.50 -14.16 12.10
N ILE D 490 -19.17 -13.92 10.97
CA ILE D 490 -20.28 -12.99 10.95
C ILE D 490 -21.51 -13.70 10.39
N PRO D 491 -22.74 -13.27 10.75
CA PRO D 491 -23.94 -13.99 10.30
C PRO D 491 -24.24 -13.88 8.82
N GLN D 492 -23.88 -12.76 8.20
CA GLN D 492 -24.04 -12.60 6.76
C GLN D 492 -23.07 -11.53 6.27
N LYS D 493 -22.48 -11.80 5.10
CA LYS D 493 -21.53 -10.89 4.49
C LYS D 493 -22.20 -10.17 3.32
N ASN D 494 -21.90 -8.88 3.20
CA ASN D 494 -22.16 -8.13 1.98
C ASN D 494 -20.87 -7.42 1.59
N SER D 495 -20.69 -7.18 0.28
CA SER D 495 -19.57 -6.43 -0.22
C SER D 495 -19.62 -4.99 0.33
C1 EDO E . 12.30 -3.95 -16.36
O1 EDO E . 12.03 -5.30 -16.05
C2 EDO E . 11.09 -3.07 -16.41
O2 EDO E . 9.87 -3.77 -16.38
C1 EDO F . -17.93 42.85 23.11
O1 EDO F . -18.91 42.00 23.66
C2 EDO F . -17.19 42.24 21.97
O2 EDO F . -16.45 41.10 22.35
C1 EDO G . -26.85 32.59 28.28
O1 EDO G . -26.63 32.31 29.65
C2 EDO G . -27.99 33.51 28.06
O2 EDO G . -27.74 34.81 28.55
C1 EDO H . -18.08 39.35 -7.43
O1 EDO H . -17.20 40.46 -7.40
C2 EDO H . -17.39 38.07 -7.70
O2 EDO H . -18.27 36.98 -7.72
C1 EDO I . -15.34 16.21 21.46
O1 EDO I . -14.61 15.41 22.38
C2 EDO I . -16.02 15.40 20.42
O2 EDO I . -15.14 14.98 19.39
C1 EDO J . -19.03 30.00 -1.88
O1 EDO J . -20.06 30.67 -1.19
C2 EDO J . -19.13 30.16 -3.35
O2 EDO J . -20.24 29.50 -3.90
C1 EDO K . -21.41 23.37 7.80
O1 EDO K . -21.75 24.74 7.70
C2 EDO K . -20.11 23.14 8.48
O2 EDO K . -19.37 22.07 7.93
C1 EDO L . -15.66 23.42 21.02
O1 EDO L . -15.51 23.32 19.62
C2 EDO L . -17.09 23.46 21.42
O2 EDO L . -17.77 24.59 20.92
C1 EDO M . -17.66 36.02 24.81
O1 EDO M . -18.01 37.28 25.36
C2 EDO M . -16.71 35.27 25.66
O2 EDO M . -17.27 34.85 26.89
C1 EDO N . 7.44 9.73 -5.36
O1 EDO N . 7.99 11.01 -5.12
C2 EDO N . 6.18 9.77 -6.13
O2 EDO N . 6.29 10.60 -7.27
N1 A1IDQ O . -12.25 16.69 16.09
C4 A1IDQ O . -8.98 16.71 18.76
C5 A1IDQ O . -9.95 17.06 17.81
C6 A1IDQ O . -9.89 16.45 16.53
C7 A1IDQ O . -10.98 16.77 15.53
C8 A1IDQ O . -13.53 16.93 15.52
C10 A1IDQ O . -15.91 16.85 15.80
C13 A1IDQ O . -14.98 17.41 13.63
C15 A1IDQ O . -15.19 17.74 12.18
C17 A1IDQ O . -17.63 17.96 12.76
O1 A1IDQ O . -18.79 18.09 12.41
N2 A1IDQ O . -17.38 17.32 13.93
C12 A1IDQ O . -16.09 17.19 14.46
C11 A1IDQ O . -17.08 16.62 16.69
C9 A1IDQ O . -14.65 16.73 16.32
C16 A1IDQ O . -16.46 18.52 11.98
C14 A1IDQ O . -13.70 17.29 14.14
O A1IDQ O . -10.77 17.03 14.37
C2 A1IDQ O . -8.86 15.55 16.23
C1 A1IDQ O . -8.66 14.93 14.90
C A1IDQ O . -7.75 15.82 14.07
N A1IDQ O . -7.98 15.81 18.49
C3 A1IDQ O . -7.94 15.26 17.27
C1 EDO P . 12.50 12.81 -8.98
O1 EDO P . 12.46 12.78 -7.56
C2 EDO P . 12.14 14.13 -9.56
O2 EDO P . 11.13 14.84 -8.84
C1 EDO Q . 17.17 -31.92 7.29
O1 EDO Q . 18.00 -31.25 8.21
C2 EDO Q . 16.08 -31.04 6.75
O2 EDO Q . 14.93 -31.77 6.38
C1 EDO R . -14.29 -34.00 10.09
O1 EDO R . -13.34 -33.93 11.15
C2 EDO R . -15.29 -35.08 10.26
O2 EDO R . -16.09 -34.96 11.43
C1 EDO S . -10.94 -27.20 8.12
O1 EDO S . -10.63 -25.82 7.95
C2 EDO S . -12.39 -27.49 8.01
O2 EDO S . -13.10 -27.11 9.18
C1 EDO T . -8.55 -46.03 1.67
O1 EDO T . -9.75 -46.62 2.13
C2 EDO T . -7.41 -46.97 1.58
O2 EDO T . -7.38 -47.70 0.37
C1 EDO U . -9.03 -34.71 6.37
O1 EDO U . -8.02 -35.64 6.64
C2 EDO U . -8.80 -33.92 5.13
O2 EDO U . -7.54 -33.28 5.12
C1 EDO V . 8.41 -3.91 -9.38
O1 EDO V . 9.71 -4.22 -9.79
C2 EDO V . 7.48 -3.76 -10.53
O2 EDO V . 7.59 -4.81 -11.46
N1 A1IDQ W . -7.22 -25.00 4.61
C4 A1IDQ W . -10.10 -24.83 1.57
C5 A1IDQ W . -8.96 -25.12 2.33
C6 A1IDQ W . -8.01 -24.10 2.53
C7 A1IDQ W . -6.82 -24.40 3.42
C8 A1IDQ W . -6.47 -25.44 5.73
C10 A1IDQ W . -6.48 -26.35 7.98
C13 A1IDQ W . -4.37 -25.69 6.94
C15 A1IDQ W . -2.88 -25.46 7.07
C17 A1IDQ W . -3.02 -26.75 9.22
O1 A1IDQ W . -2.50 -27.11 10.26
N2 A1IDQ W . -4.38 -26.58 9.19
C12 A1IDQ W . -5.09 -26.21 8.04
C11 A1IDQ W . -7.23 -26.88 9.14
C9 A1IDQ W . -7.16 -25.98 6.83
C16 A1IDQ W . -2.23 -26.51 7.95
C14 A1IDQ W . -5.05 -25.32 5.77
O A1IDQ W . -5.66 -24.10 3.16
C2 A1IDQ W . -8.21 -22.85 1.94
C1 A1IDQ W . -7.25 -21.73 2.04
C A1IDQ W . -6.21 -21.82 0.93
N A1IDQ W . -10.33 -23.62 1.00
C3 A1IDQ W . -9.39 -22.66 1.19
C1 EDO X . -6.09 -2.03 19.82
O1 EDO X . -4.68 -1.83 19.89
C2 EDO X . -6.74 -1.28 18.72
O2 EDO X . -6.03 -0.12 18.32
C1 EDO Y . -13.72 11.26 -27.63
O1 EDO Y . -13.81 9.87 -27.40
C2 EDO Y . -14.78 11.78 -28.54
O2 EDO Y . -16.04 11.17 -28.35
C1 EDO Z . -29.62 10.96 -3.15
O1 EDO Z . -30.59 10.79 -4.17
C2 EDO Z . -28.55 9.93 -3.17
O2 EDO Z . -27.84 9.87 -4.39
C1 EDO AA . -23.97 -2.50 -44.38
O1 EDO AA . -22.93 -3.24 -43.77
C2 EDO AA . -23.90 -2.55 -45.87
O2 EDO AA . -22.82 -1.78 -46.39
C1 EDO BA . -1.65 1.34 -30.28
O1 EDO BA . -1.67 1.23 -28.87
C2 EDO BA . -0.77 0.34 -30.94
O2 EDO BA . -1.32 -0.20 -32.12
C1 EDO CA . -7.94 0.60 -35.51
O1 EDO CA . -9.08 1.30 -35.97
C2 EDO CA . -8.27 -0.40 -34.48
O2 EDO CA . -8.85 0.21 -33.34
N1 A1IDQ DA . -5.14 0.02 -25.95
C4 A1IDQ DA . -4.26 -4.06 -26.25
C5 A1IDQ DA . -4.92 -2.82 -26.22
C6 A1IDQ DA . -5.01 -2.16 -24.98
C7 A1IDQ DA . -5.64 -0.80 -24.97
C8 A1IDQ DA . -5.46 1.36 -26.29
C10 A1IDQ DA . -4.96 3.29 -27.66
C13 A1IDQ DA . -6.62 3.46 -25.89
C15 A1IDQ DA . -7.57 4.31 -25.10
C17 A1IDQ DA . -7.21 6.08 -26.82
O1 A1IDQ DA . -7.33 7.25 -27.16
N2 A1IDQ DA . -6.11 5.38 -27.25
C12 A1IDQ DA . -5.89 4.04 -26.94
C11 A1IDQ DA . -4.19 3.88 -28.80
C9 A1IDQ DA . -4.75 1.95 -27.32
C16 A1IDQ DA . -8.21 5.37 -25.96
C14 A1IDQ DA . -6.43 2.11 -25.57
O A1IDQ DA . -6.46 -0.46 -24.16
C2 A1IDQ DA . -4.50 -2.76 -23.82
C1 A1IDQ DA . -4.64 -2.20 -22.45
C A1IDQ DA . -5.94 -2.72 -21.83
N A1IDQ DA . -3.73 -4.65 -25.14
C3 A1IDQ DA . -3.85 -4.00 -23.97
C1 EDO EA . -3.02 -0.88 13.18
O1 EDO EA . -2.52 -0.43 14.43
C2 EDO EA . -2.34 -2.12 12.71
O2 EDO EA . -2.40 -3.16 13.66
C1 EDO FA . -12.42 -4.02 2.61
O1 EDO FA . -13.68 -3.84 3.21
C2 EDO FA . -11.99 -5.43 2.62
O2 EDO FA . -13.06 -6.32 2.40
C1 EDO GA . -16.85 -8.71 6.47
O1 EDO GA . -16.23 -9.26 5.32
C2 EDO GA . -18.15 -8.05 6.23
O2 EDO GA . -18.52 -7.95 4.87
C1 EDO HA . 30.12 -15.31 27.96
O1 EDO HA . 29.99 -14.83 29.28
C2 EDO HA . 28.86 -15.19 27.20
O2 EDO HA . 28.98 -15.62 25.86
C1 EDO IA . 49.05 11.46 9.44
O1 EDO IA . 48.94 12.62 10.27
C2 EDO IA . 50.00 10.45 9.97
O2 EDO IA . 51.20 11.02 10.48
C1 EDO JA . 28.38 -11.40 18.49
O1 EDO JA . 29.03 -10.27 17.93
C2 EDO JA . 28.69 -12.67 17.80
O2 EDO JA . 28.65 -13.80 18.67
C1 EDO KA . 28.81 11.04 1.93
O1 EDO KA . 27.83 12.03 1.69
C2 EDO KA . 28.53 9.79 1.20
O2 EDO KA . 27.24 9.27 1.44
C1 EDO LA . 36.90 13.84 1.49
O1 EDO LA . 37.48 13.95 0.19
C2 EDO LA . 35.68 12.99 1.54
O2 EDO LA . 35.93 11.61 1.31
C1 EDO MA . 31.65 17.92 -11.45
O1 EDO MA . 30.87 17.51 -12.55
C2 EDO MA . 32.63 16.89 -11.01
O2 EDO MA . 33.70 17.42 -10.26
C1 EDO NA . 32.64 10.48 8.13
O1 EDO NA . 31.95 9.32 8.52
C2 EDO NA . 33.92 10.17 7.45
O2 EDO NA . 34.81 9.40 8.23
N1 A1IDQ OA . 24.57 7.93 5.06
C4 A1IDQ OA . 23.28 11.84 5.78
C5 A1IDQ OA . 23.76 10.55 5.92
C6 A1IDQ OA . 22.87 9.47 5.76
C7 A1IDQ OA . 23.41 8.06 5.81
C8 A1IDQ OA . 25.41 6.79 4.84
C10 A1IDQ OA . 27.30 5.84 3.67
C13 A1IDQ OA . 25.92 4.42 5.09
C15 A1IDQ OA . 25.60 3.04 5.59
C17 A1IDQ OA . 27.83 2.36 4.69
O1 A1IDQ OA . 28.59 1.45 4.39
N2 A1IDQ OA . 27.83 3.49 3.92
C12 A1IDQ OA . 27.02 4.60 4.22
C11 A1IDQ OA . 28.44 6.02 2.72
C9 A1IDQ OA . 26.51 6.94 3.99
C16 A1IDQ OA . 26.90 2.30 5.87
C14 A1IDQ OA . 25.13 5.51 5.42
O A1IDQ OA . 22.85 7.15 6.39
C2 A1IDQ OA . 21.52 9.73 5.48
C1 A1IDQ OA . 20.48 8.67 5.37
C A1IDQ OA . 19.91 8.40 6.76
N A1IDQ OA . 21.99 12.12 5.50
C3 A1IDQ OA . 21.14 11.08 5.36
#